data_5NB9
#
_entry.id   5NB9
#
_entity_poly.entity_id   1
_entity_poly.type   'polypeptide(L)'
_entity_poly.pdbx_seq_one_letter_code
;MGSSHHHHHHSQDPMENQPKLNSSKEVIAFLAERFPHCFSAEGEARPLKIGIFQDLVDRVAGEMNLSKTQLRSALRLYTS
SWRYLYGVKPGATRVDLDGNPCGELDEQHVEHARKQLEEAKARVQAQRAEQQA
;
_entity_poly.pdbx_strand_id   A
#
# COMPACT_ATOMS: atom_id res chain seq x y z
N MET A 1 -14.55 8.16 -23.76
CA MET A 1 -13.21 7.58 -23.70
C MET A 1 -13.15 6.66 -22.53
N GLY A 2 -12.04 5.95 -22.35
CA GLY A 2 -11.91 5.05 -21.23
C GLY A 2 -12.39 3.66 -21.55
N SER A 3 -11.61 2.67 -21.16
CA SER A 3 -11.95 1.29 -21.43
C SER A 3 -13.03 0.83 -20.44
N SER A 4 -12.68 0.72 -19.17
CA SER A 4 -13.61 0.32 -18.17
C SER A 4 -14.61 1.45 -17.89
N HIS A 5 -15.88 1.13 -17.98
CA HIS A 5 -16.93 2.10 -17.78
C HIS A 5 -17.58 1.81 -16.45
N HIS A 6 -17.85 2.87 -15.65
CA HIS A 6 -18.29 2.70 -14.24
C HIS A 6 -17.15 1.96 -13.52
N HIS A 7 -15.96 2.39 -13.85
CA HIS A 7 -14.75 1.72 -13.45
C HIS A 7 -14.43 1.69 -11.97
N HIS A 8 -14.73 0.55 -11.40
CA HIS A 8 -14.36 0.14 -10.06
C HIS A 8 -14.74 1.11 -8.92
N HIS A 9 -13.83 2.02 -8.51
CA HIS A 9 -14.10 2.87 -7.33
C HIS A 9 -13.01 3.93 -7.08
N HIS A 10 -13.41 5.19 -7.03
CA HIS A 10 -12.55 6.30 -6.56
C HIS A 10 -13.20 6.78 -5.26
N SER A 11 -12.44 7.27 -4.34
CA SER A 11 -12.97 7.77 -3.09
C SER A 11 -13.04 9.28 -3.11
N GLN A 12 -12.63 9.85 -2.06
CA GLN A 12 -12.73 11.23 -1.79
C GLN A 12 -11.44 11.65 -1.18
N ASP A 13 -10.45 11.10 -1.77
CA ASP A 13 -9.09 11.23 -1.50
C ASP A 13 -8.61 12.65 -1.75
N PRO A 14 -7.65 13.12 -0.96
CA PRO A 14 -7.10 14.47 -1.09
C PRO A 14 -6.02 14.54 -2.18
N MET A 15 -5.29 13.44 -2.34
CA MET A 15 -4.28 13.30 -3.34
C MET A 15 -4.84 13.40 -4.74
N GLU A 16 -5.95 12.66 -4.98
CA GLU A 16 -6.68 12.64 -6.26
C GLU A 16 -5.80 11.99 -7.38
N ASN A 17 -6.40 11.64 -8.49
CA ASN A 17 -5.71 10.98 -9.61
C ASN A 17 -5.26 12.02 -10.60
N GLN A 18 -4.58 12.93 -10.08
CA GLN A 18 -4.06 14.01 -10.77
C GLN A 18 -2.91 13.64 -11.76
N PRO A 19 -1.65 13.34 -11.32
CA PRO A 19 -0.64 12.81 -12.23
C PRO A 19 -0.97 11.37 -12.71
N LYS A 20 -0.79 11.12 -14.00
CA LYS A 20 -0.97 9.88 -14.57
C LYS A 20 0.07 8.87 -14.15
N LEU A 21 -0.28 8.14 -13.12
CA LEU A 21 0.46 7.18 -12.33
C LEU A 21 1.97 7.12 -12.26
N ASN A 22 2.58 7.25 -13.37
CA ASN A 22 3.99 7.41 -13.55
C ASN A 22 4.73 6.13 -13.27
N SER A 23 3.96 5.08 -13.27
CA SER A 23 4.41 3.68 -13.31
C SER A 23 4.98 3.11 -11.99
N SER A 24 4.87 3.86 -10.90
CA SER A 24 5.23 3.33 -9.58
C SER A 24 4.57 4.13 -8.44
N LYS A 25 5.22 5.19 -8.05
CA LYS A 25 4.88 5.98 -6.93
C LYS A 25 3.47 6.47 -6.93
N GLU A 26 3.17 7.30 -7.85
CA GLU A 26 1.88 7.90 -7.89
C GLU A 26 0.75 6.94 -8.28
N VAL A 27 1.08 5.68 -8.51
CA VAL A 27 0.08 4.69 -8.69
C VAL A 27 -0.27 4.10 -7.40
N ILE A 28 0.61 4.23 -6.36
CA ILE A 28 0.22 3.88 -5.04
C ILE A 28 -0.85 4.78 -4.69
N ALA A 29 -0.65 5.95 -5.11
CA ALA A 29 -1.55 6.97 -4.95
C ALA A 29 -2.87 6.70 -5.63
N PHE A 30 -2.84 6.13 -6.81
CA PHE A 30 -4.03 5.69 -7.42
C PHE A 30 -4.57 4.56 -6.63
N LEU A 31 -3.72 3.66 -6.30
CA LEU A 31 -4.07 2.53 -5.52
C LEU A 31 -4.76 2.93 -4.29
N ALA A 32 -4.36 3.98 -3.79
CA ALA A 32 -4.87 4.51 -2.59
C ALA A 32 -6.17 5.29 -2.73
N GLU A 33 -6.37 5.87 -3.89
CA GLU A 33 -7.58 6.68 -4.14
C GLU A 33 -8.73 5.73 -4.41
N ARG A 34 -8.30 4.63 -4.80
CA ARG A 34 -9.02 3.56 -5.22
C ARG A 34 -9.29 2.63 -4.05
N PHE A 35 -8.26 2.35 -3.29
CA PHE A 35 -8.32 1.50 -2.16
C PHE A 35 -7.96 2.19 -0.83
N PRO A 36 -8.80 3.15 -0.32
CA PRO A 36 -8.66 3.77 1.02
C PRO A 36 -8.32 2.80 2.21
N HIS A 37 -8.45 1.50 2.02
CA HIS A 37 -8.10 0.56 3.07
C HIS A 37 -6.74 -0.06 2.82
N CYS A 38 -6.52 -0.54 1.63
CA CYS A 38 -5.28 -1.09 1.24
C CYS A 38 -4.16 -0.07 1.26
N PHE A 39 -4.38 1.00 0.59
CA PHE A 39 -3.40 1.93 0.33
C PHE A 39 -3.67 3.28 1.01
N SER A 40 -2.65 4.10 1.03
CA SER A 40 -2.69 5.42 1.64
C SER A 40 -2.67 6.52 0.63
N ALA A 41 -1.43 6.94 0.29
CA ALA A 41 -1.02 7.91 -0.75
C ALA A 41 -0.78 9.14 -0.01
N GLU A 42 -1.53 9.16 1.02
CA GLU A 42 -1.50 10.02 2.09
C GLU A 42 -0.30 9.79 2.87
N GLY A 43 -0.11 8.56 3.04
CA GLY A 43 0.84 8.07 3.87
C GLY A 43 1.91 7.37 3.10
N GLU A 44 3.07 7.26 3.72
CA GLU A 44 4.22 6.56 3.21
C GLU A 44 3.81 5.20 2.67
N ALA A 45 3.13 4.46 3.52
CA ALA A 45 2.66 3.15 3.23
C ALA A 45 1.84 2.69 4.41
N ARG A 46 1.56 1.43 4.43
CA ARG A 46 0.81 0.77 5.46
C ARG A 46 1.09 -0.71 5.16
N PRO A 47 1.05 -1.65 6.15
CA PRO A 47 1.26 -3.05 5.83
C PRO A 47 0.28 -3.56 4.78
N LEU A 48 0.82 -3.87 3.62
CA LEU A 48 0.12 -4.37 2.46
C LEU A 48 0.62 -5.82 2.22
N LYS A 49 0.18 -6.53 1.18
CA LYS A 49 0.84 -7.74 0.80
C LYS A 49 1.58 -7.39 -0.48
N ILE A 50 1.94 -8.32 -1.24
CA ILE A 50 2.39 -8.05 -2.58
C ILE A 50 1.60 -8.76 -3.63
N GLY A 51 1.16 -9.92 -3.28
CA GLY A 51 0.34 -10.69 -4.18
C GLY A 51 -1.01 -10.05 -4.36
N ILE A 52 -1.32 -9.06 -3.51
CA ILE A 52 -2.39 -8.16 -3.71
C ILE A 52 -2.39 -7.63 -5.10
N PHE A 53 -1.24 -7.29 -5.61
CA PHE A 53 -1.09 -6.65 -6.86
C PHE A 53 -2.03 -7.21 -7.90
N GLN A 54 -2.07 -8.42 -7.95
CA GLN A 54 -2.93 -9.23 -8.79
C GLN A 54 -4.45 -8.89 -8.64
N ASP A 55 -4.70 -8.29 -7.63
CA ASP A 55 -6.06 -8.08 -7.14
C ASP A 55 -6.42 -6.78 -7.44
N LEU A 56 -5.43 -6.02 -7.31
CA LEU A 56 -5.40 -4.75 -7.72
C LEU A 56 -5.72 -4.81 -9.04
N VAL A 57 -4.94 -5.49 -9.73
CA VAL A 57 -4.98 -5.52 -11.17
C VAL A 57 -6.29 -5.89 -11.74
N ASP A 58 -7.08 -6.62 -10.96
CA ASP A 58 -8.51 -6.77 -11.32
C ASP A 58 -9.11 -5.40 -11.62
N ARG A 59 -8.87 -4.59 -10.65
CA ARG A 59 -9.44 -3.40 -10.36
C ARG A 59 -8.70 -2.25 -10.86
N VAL A 60 -7.46 -2.22 -10.51
CA VAL A 60 -6.68 -1.10 -10.68
C VAL A 60 -6.33 -0.65 -12.06
N ALA A 61 -5.88 -1.58 -12.77
CA ALA A 61 -4.99 -1.38 -13.79
C ALA A 61 -5.18 -0.31 -14.80
N GLY A 62 -5.62 -0.69 -15.82
CA GLY A 62 -5.61 0.18 -16.97
C GLY A 62 -6.83 0.97 -17.15
N GLU A 63 -7.32 1.26 -16.03
CA GLU A 63 -8.36 2.14 -15.76
C GLU A 63 -7.94 3.54 -16.14
N MET A 64 -6.74 3.89 -15.72
CA MET A 64 -6.19 5.13 -16.04
C MET A 64 -4.91 4.96 -16.70
N ASN A 65 -4.00 4.55 -15.92
CA ASN A 65 -2.69 4.56 -16.26
C ASN A 65 -1.88 3.33 -15.85
N LEU A 66 -2.34 2.14 -16.03
CA LEU A 66 -1.58 0.97 -15.61
C LEU A 66 -1.64 -0.19 -16.58
N SER A 67 -0.52 -0.72 -16.78
CA SER A 67 -0.27 -1.88 -17.57
C SER A 67 0.18 -3.04 -16.62
N LYS A 68 -0.44 -3.09 -15.42
CA LYS A 68 -0.13 -4.02 -14.28
C LYS A 68 1.29 -3.90 -13.78
N THR A 69 2.26 -4.05 -14.59
CA THR A 69 3.58 -4.16 -14.12
C THR A 69 4.11 -2.85 -13.65
N GLN A 70 3.53 -1.83 -14.15
CA GLN A 70 3.83 -0.49 -13.74
C GLN A 70 3.00 -0.12 -12.49
N LEU A 71 2.34 -1.10 -11.99
CA LEU A 71 1.65 -1.08 -10.76
C LEU A 71 2.36 -2.04 -9.81
N ARG A 72 2.86 -3.15 -10.32
CA ARG A 72 3.49 -4.13 -9.44
C ARG A 72 4.80 -3.57 -8.90
N SER A 73 5.21 -2.52 -9.51
CA SER A 73 6.36 -1.80 -9.24
C SER A 73 6.09 -0.76 -8.20
N ALA A 74 4.90 -0.43 -8.13
CA ALA A 74 4.39 0.47 -7.13
C ALA A 74 4.33 -0.27 -5.87
N LEU A 75 4.22 -1.50 -6.10
CA LEU A 75 4.01 -2.50 -5.22
C LEU A 75 5.36 -3.24 -5.04
N ARG A 76 6.36 -2.37 -5.09
CA ARG A 76 7.80 -2.55 -4.92
C ARG A 76 8.28 -1.34 -4.22
N LEU A 77 7.83 -0.24 -4.74
CA LEU A 77 8.21 1.07 -4.32
C LEU A 77 7.85 1.30 -2.93
N TYR A 78 6.57 1.35 -2.71
CA TYR A 78 6.11 1.71 -1.44
C TYR A 78 6.17 0.49 -0.54
N THR A 79 6.38 -0.64 -1.18
CA THR A 79 6.50 -1.89 -0.41
C THR A 79 7.91 -2.10 0.10
N SER A 80 8.82 -1.28 -0.37
CA SER A 80 10.16 -1.25 0.16
C SER A 80 10.20 -0.16 1.22
N SER A 81 9.03 0.41 1.49
CA SER A 81 8.90 1.32 2.55
C SER A 81 8.85 0.55 3.80
N TRP A 82 9.19 1.17 4.84
CA TRP A 82 9.24 0.53 6.12
C TRP A 82 7.90 0.45 6.61
N ARG A 83 7.21 1.51 6.42
CA ARG A 83 5.83 1.71 6.87
C ARG A 83 4.93 0.67 6.33
N TYR A 84 5.39 0.10 5.27
CA TYR A 84 4.81 -1.02 4.71
C TYR A 84 4.97 -2.17 5.72
N LEU A 85 6.18 -2.55 5.96
CA LEU A 85 6.47 -3.62 6.88
C LEU A 85 6.44 -3.34 8.35
N TYR A 86 5.60 -2.51 8.73
CA TYR A 86 5.32 -2.27 10.08
C TYR A 86 4.43 -3.45 10.56
N GLY A 87 4.14 -4.31 9.60
CA GLY A 87 3.44 -5.49 9.78
C GLY A 87 3.85 -6.52 8.77
N VAL A 88 3.80 -6.16 7.50
CA VAL A 88 3.87 -7.09 6.41
C VAL A 88 4.95 -8.17 6.48
N LYS A 89 4.51 -9.32 6.70
CA LYS A 89 5.23 -10.50 6.46
C LYS A 89 4.17 -11.56 6.21
N PRO A 90 3.19 -11.72 7.16
CA PRO A 90 2.00 -12.49 6.92
C PRO A 90 0.87 -11.56 6.49
N GLY A 91 -0.38 -11.86 6.95
CA GLY A 91 -1.61 -11.16 6.62
C GLY A 91 -1.74 -9.82 7.25
N ALA A 92 -0.67 -9.41 7.55
CA ALA A 92 -0.30 -8.13 8.11
C ALA A 92 -0.73 -7.03 7.23
N THR A 93 -0.79 -7.37 6.01
CA THR A 93 -1.36 -6.61 4.97
C THR A 93 -2.72 -6.08 5.37
N ARG A 94 -3.48 -6.95 5.96
CA ARG A 94 -4.83 -6.77 6.23
C ARG A 94 -5.66 -6.65 4.98
N VAL A 95 -5.03 -6.67 3.77
CA VAL A 95 -5.74 -6.50 2.55
C VAL A 95 -5.22 -7.24 1.25
N ASP A 96 -6.15 -7.82 0.75
CA ASP A 96 -6.36 -8.07 -0.61
C ASP A 96 -7.50 -7.14 -0.69
N LEU A 97 -7.31 -6.15 -1.52
CA LEU A 97 -7.95 -4.86 -1.61
C LEU A 97 -9.44 -4.63 -1.32
N ASP A 98 -10.01 -5.53 -0.67
CA ASP A 98 -11.28 -5.44 -0.10
C ASP A 98 -11.04 -5.13 1.35
N GLY A 99 -10.04 -5.80 1.87
CA GLY A 99 -9.62 -5.60 3.22
C GLY A 99 -9.59 -6.90 4.07
N ASN A 100 -9.11 -7.96 3.44
CA ASN A 100 -8.84 -9.27 3.98
C ASN A 100 -7.36 -9.34 4.00
N PRO A 101 -6.70 -9.98 4.94
CA PRO A 101 -5.22 -9.89 5.19
C PRO A 101 -4.46 -10.66 4.20
N CYS A 102 -4.66 -10.27 2.96
CA CYS A 102 -4.38 -11.07 1.78
C CYS A 102 -5.08 -12.47 1.93
N GLY A 103 -5.95 -12.49 2.98
CA GLY A 103 -6.80 -13.57 3.44
C GLY A 103 -6.00 -14.67 4.00
N GLU A 104 -4.84 -14.31 4.22
CA GLU A 104 -3.77 -15.09 4.67
C GLU A 104 -3.77 -15.18 6.19
N LEU A 105 -4.11 -14.08 6.88
CA LEU A 105 -4.11 -14.15 8.27
C LEU A 105 -5.36 -13.49 8.89
N ASP A 106 -5.46 -13.65 10.17
CA ASP A 106 -6.30 -12.99 11.15
C ASP A 106 -5.59 -11.62 11.36
N GLU A 107 -5.58 -11.12 12.52
CA GLU A 107 -4.77 -9.99 12.83
C GLU A 107 -3.95 -10.19 14.06
N GLN A 108 -4.26 -11.21 14.78
CA GLN A 108 -3.63 -11.52 16.00
C GLN A 108 -2.53 -12.41 15.68
N HIS A 109 -2.29 -12.53 14.41
CA HIS A 109 -1.17 -13.22 14.05
C HIS A 109 -0.32 -12.35 13.23
N VAL A 110 -0.92 -11.38 12.69
CA VAL A 110 -0.20 -10.37 12.03
C VAL A 110 0.03 -9.27 12.97
N GLU A 111 -0.28 -9.65 14.11
CA GLU A 111 -0.01 -9.05 15.32
C GLU A 111 1.45 -9.14 15.58
N HIS A 112 1.98 -10.25 15.21
CA HIS A 112 3.38 -10.50 15.36
C HIS A 112 4.11 -9.95 14.21
N ALA A 113 3.38 -9.60 13.27
CA ALA A 113 3.84 -8.93 12.19
C ALA A 113 3.87 -7.50 12.53
N ARG A 114 2.92 -7.15 13.31
CA ARG A 114 2.78 -5.87 13.81
C ARG A 114 3.92 -5.60 14.82
N LYS A 115 4.71 -6.65 15.13
CA LYS A 115 5.74 -6.57 16.03
C LYS A 115 7.00 -6.94 15.28
N GLN A 116 6.87 -7.48 14.05
CA GLN A 116 8.05 -7.73 13.27
C GLN A 116 8.79 -6.44 12.83
N LEU A 117 8.13 -5.33 12.93
CA LEU A 117 8.72 -4.09 12.78
C LEU A 117 9.41 -3.71 14.06
N GLU A 118 9.04 -4.32 15.18
CA GLU A 118 9.70 -4.09 16.43
C GLU A 118 10.92 -4.97 16.48
N GLU A 119 11.08 -5.70 15.43
CA GLU A 119 12.21 -6.52 15.22
C GLU A 119 13.16 -5.69 14.44
N ALA A 120 12.57 -5.04 13.47
CA ALA A 120 13.20 -4.17 12.59
C ALA A 120 13.74 -2.99 13.28
N LYS A 121 12.92 -2.35 13.95
CA LYS A 121 13.15 -1.22 14.75
C LYS A 121 14.21 -1.44 15.68
N ALA A 122 14.01 -2.39 16.44
CA ALA A 122 14.95 -2.87 17.37
C ALA A 122 16.31 -3.26 16.76
N ARG A 123 16.37 -3.35 15.43
CA ARG A 123 17.55 -3.70 14.77
C ARG A 123 18.21 -2.48 14.28
N VAL A 124 17.39 -1.54 14.09
CA VAL A 124 17.75 -0.32 13.45
C VAL A 124 18.28 0.56 14.45
N GLN A 125 17.40 0.69 15.35
CA GLN A 125 17.44 1.29 16.57
C GLN A 125 18.54 2.34 16.77
N ALA A 126 19.23 2.24 17.92
CA ALA A 126 20.35 3.05 18.26
C ALA A 126 20.02 4.53 18.47
N GLN A 127 19.70 5.21 17.40
CA GLN A 127 19.31 6.49 17.37
C GLN A 127 17.92 6.64 17.91
N ARG A 128 17.68 7.77 18.51
CA ARG A 128 16.41 8.18 18.95
C ARG A 128 15.38 8.12 17.84
N ALA A 129 15.81 8.43 16.67
CA ALA A 129 15.07 8.41 15.51
C ALA A 129 14.95 7.04 14.92
N GLU A 130 13.73 6.61 14.75
CA GLU A 130 13.38 5.35 14.17
C GLU A 130 11.90 5.37 13.85
N GLN A 131 11.05 5.02 14.77
CA GLN A 131 9.67 5.29 14.55
C GLN A 131 9.35 6.52 15.37
N GLN A 132 9.63 7.64 14.77
CA GLN A 132 9.46 8.91 15.41
C GLN A 132 8.47 9.79 14.68
N ALA A 133 7.95 9.26 13.59
CA ALA A 133 6.98 9.92 12.74
C ALA A 133 6.54 8.92 11.68
N MET A 1 -32.72 12.34 -6.41
CA MET A 1 -32.58 13.04 -7.70
C MET A 1 -31.29 12.61 -8.33
N GLY A 2 -31.10 12.92 -9.61
CA GLY A 2 -29.90 12.49 -10.31
C GLY A 2 -28.71 13.39 -10.07
N SER A 3 -28.18 13.35 -8.87
CA SER A 3 -27.03 14.16 -8.52
C SER A 3 -25.74 13.44 -8.93
N SER A 4 -25.91 12.24 -9.48
CA SER A 4 -24.83 11.42 -9.99
C SER A 4 -24.27 12.03 -11.30
N HIS A 5 -23.68 13.18 -11.15
CA HIS A 5 -23.08 13.96 -12.21
C HIS A 5 -21.95 14.76 -11.61
N HIS A 6 -21.26 14.14 -10.67
CA HIS A 6 -20.15 14.77 -10.00
C HIS A 6 -18.97 13.84 -10.08
N HIS A 7 -17.84 14.36 -10.50
CA HIS A 7 -16.63 13.53 -10.65
C HIS A 7 -15.88 13.40 -9.31
N HIS A 8 -16.44 14.01 -8.27
CA HIS A 8 -15.85 14.07 -6.90
C HIS A 8 -14.60 14.92 -6.91
N HIS A 9 -13.57 14.46 -7.57
CA HIS A 9 -12.32 15.17 -7.65
C HIS A 9 -11.44 14.51 -8.72
N HIS A 10 -10.79 13.42 -8.35
CA HIS A 10 -9.97 12.65 -9.26
C HIS A 10 -10.70 11.32 -9.50
N SER A 11 -11.12 10.76 -8.40
CA SER A 11 -11.94 9.58 -8.33
C SER A 11 -12.78 9.69 -7.13
N GLN A 12 -12.33 9.13 -6.13
CA GLN A 12 -13.01 9.01 -4.90
C GLN A 12 -11.97 9.18 -3.82
N ASP A 13 -10.98 9.90 -4.25
CA ASP A 13 -9.79 10.22 -3.62
C ASP A 13 -9.96 11.22 -2.48
N PRO A 14 -8.94 11.33 -1.60
CA PRO A 14 -8.93 12.26 -0.50
C PRO A 14 -8.20 13.61 -0.82
N MET A 15 -6.85 13.60 -0.97
CA MET A 15 -6.11 14.81 -1.25
C MET A 15 -6.29 15.26 -2.67
N GLU A 16 -5.63 14.54 -3.58
CA GLU A 16 -5.69 14.90 -4.99
C GLU A 16 -5.22 13.80 -5.96
N ASN A 17 -3.90 13.52 -5.98
CA ASN A 17 -3.22 12.62 -6.91
C ASN A 17 -3.63 12.99 -8.34
N GLN A 18 -3.69 14.28 -8.57
CA GLN A 18 -4.13 14.85 -9.78
C GLN A 18 -3.37 14.33 -11.03
N PRO A 19 -2.00 14.47 -11.09
CA PRO A 19 -1.16 13.83 -12.11
C PRO A 19 -1.47 12.33 -12.31
N LYS A 20 -1.18 11.87 -13.50
CA LYS A 20 -1.21 10.52 -13.87
C LYS A 20 -0.22 9.73 -13.01
N LEU A 21 -0.47 8.44 -12.87
CA LEU A 21 0.32 7.53 -12.08
C LEU A 21 1.80 7.48 -12.41
N ASN A 22 2.08 7.42 -13.69
CA ASN A 22 3.42 7.53 -14.28
C ASN A 22 4.30 6.36 -13.93
N SER A 23 3.65 5.36 -13.36
CA SER A 23 4.22 4.08 -12.96
C SER A 23 4.84 4.15 -11.56
N SER A 24 4.58 3.12 -10.81
CA SER A 24 5.02 2.90 -9.46
C SER A 24 4.45 3.86 -8.40
N LYS A 25 5.18 4.89 -8.07
CA LYS A 25 4.94 5.76 -7.02
C LYS A 25 3.57 6.33 -6.96
N GLU A 26 3.26 7.13 -7.91
CA GLU A 26 2.03 7.83 -7.85
C GLU A 26 0.83 6.93 -8.20
N VAL A 27 1.08 5.66 -8.44
CA VAL A 27 0.03 4.72 -8.64
C VAL A 27 -0.31 4.08 -7.35
N ILE A 28 0.62 4.12 -6.33
CA ILE A 28 0.25 3.73 -5.01
C ILE A 28 -0.80 4.64 -4.61
N ALA A 29 -0.56 5.82 -4.96
CA ALA A 29 -1.45 6.84 -4.80
C ALA A 29 -2.79 6.62 -5.44
N PHE A 30 -2.82 6.09 -6.66
CA PHE A 30 -4.07 5.73 -7.24
C PHE A 30 -4.63 4.61 -6.47
N LEU A 31 -3.78 3.65 -6.21
CA LEU A 31 -4.14 2.49 -5.50
C LEU A 31 -4.76 2.83 -4.22
N ALA A 32 -4.33 3.87 -3.69
CA ALA A 32 -4.79 4.34 -2.43
C ALA A 32 -6.03 5.17 -2.50
N GLU A 33 -6.23 5.85 -3.59
CA GLU A 33 -7.36 6.70 -3.73
C GLU A 33 -8.54 5.84 -4.06
N ARG A 34 -8.18 4.73 -4.57
CA ARG A 34 -8.99 3.73 -5.04
C ARG A 34 -9.23 2.69 -3.94
N PHE A 35 -8.17 2.30 -3.24
CA PHE A 35 -8.27 1.37 -2.17
C PHE A 35 -7.88 1.95 -0.80
N PRO A 36 -8.76 2.78 -0.20
CA PRO A 36 -8.63 3.28 1.18
C PRO A 36 -8.17 2.22 2.26
N HIS A 37 -8.23 0.91 1.96
CA HIS A 37 -7.85 -0.08 2.96
C HIS A 37 -6.42 -0.44 2.73
N CYS A 38 -6.22 -0.97 1.58
CA CYS A 38 -5.02 -1.44 1.07
C CYS A 38 -3.94 -0.43 1.04
N PHE A 39 -4.22 0.67 0.49
CA PHE A 39 -3.23 1.58 0.20
C PHE A 39 -3.42 2.91 0.87
N SER A 40 -2.35 3.67 0.91
CA SER A 40 -2.34 4.96 1.32
C SER A 40 -1.52 5.63 0.31
N ALA A 41 -1.40 6.80 0.48
CA ALA A 41 -0.85 7.74 -0.45
C ALA A 41 -0.78 8.98 0.33
N GLU A 42 -1.83 9.09 1.16
CA GLU A 42 -2.06 10.08 2.12
C GLU A 42 -1.13 9.91 3.20
N GLY A 43 -1.06 8.69 3.49
CA GLY A 43 -0.35 8.23 4.53
C GLY A 43 0.86 7.58 3.98
N GLU A 44 1.89 7.56 4.75
CA GLU A 44 3.19 7.06 4.42
C GLU A 44 3.18 5.78 3.56
N ALA A 45 2.79 4.67 4.14
CA ALA A 45 2.62 3.46 3.38
C ALA A 45 1.58 2.60 4.09
N ARG A 46 1.52 1.33 3.78
CA ARG A 46 0.53 0.45 4.37
C ARG A 46 1.03 -0.97 4.17
N PRO A 47 0.90 -1.88 5.15
CA PRO A 47 1.30 -3.30 5.00
C PRO A 47 0.45 -4.01 3.92
N LEU A 48 1.10 -4.66 2.94
CA LEU A 48 0.38 -5.39 1.85
C LEU A 48 0.81 -6.79 1.79
N LYS A 49 0.27 -7.52 0.88
CA LYS A 49 0.75 -8.86 0.65
C LYS A 49 1.54 -8.97 -0.63
N ILE A 50 1.57 -7.91 -1.38
CA ILE A 50 2.16 -7.85 -2.67
C ILE A 50 1.46 -8.64 -3.76
N GLY A 51 1.12 -9.82 -3.46
CA GLY A 51 0.35 -10.64 -4.36
C GLY A 51 -1.02 -10.07 -4.58
N ILE A 52 -1.43 -9.13 -3.70
CA ILE A 52 -2.52 -8.27 -3.91
C ILE A 52 -2.47 -7.69 -5.31
N PHE A 53 -1.31 -7.33 -5.79
CA PHE A 53 -1.14 -6.67 -7.02
C PHE A 53 -2.03 -7.23 -8.09
N GLN A 54 -2.05 -8.44 -8.16
CA GLN A 54 -2.88 -9.24 -9.04
C GLN A 54 -4.42 -8.92 -8.94
N ASP A 55 -4.72 -8.33 -7.92
CA ASP A 55 -6.09 -8.11 -7.45
C ASP A 55 -6.44 -6.82 -7.77
N LEU A 56 -5.46 -6.06 -7.60
CA LEU A 56 -5.43 -4.80 -8.01
C LEU A 56 -5.70 -4.87 -9.35
N VAL A 57 -4.88 -5.49 -10.02
CA VAL A 57 -4.89 -5.50 -11.44
C VAL A 57 -6.15 -5.97 -12.07
N ASP A 58 -6.90 -6.78 -11.32
CA ASP A 58 -8.25 -7.14 -11.72
C ASP A 58 -9.04 -5.86 -12.00
N ARG A 59 -8.82 -4.99 -11.05
CA ARG A 59 -9.47 -3.82 -10.77
C ARG A 59 -8.76 -2.58 -11.28
N VAL A 60 -7.57 -2.38 -10.77
CA VAL A 60 -6.86 -1.17 -10.87
C VAL A 60 -6.47 -0.69 -12.20
N ALA A 61 -5.93 -1.58 -12.91
CA ALA A 61 -5.00 -1.31 -13.87
C ALA A 61 -5.21 -0.18 -14.80
N GLY A 62 -5.72 -0.45 -15.80
CA GLY A 62 -5.74 0.51 -16.84
C GLY A 62 -6.94 1.32 -16.88
N GLU A 63 -7.33 1.64 -15.71
CA GLU A 63 -8.34 2.57 -15.42
C GLU A 63 -7.89 3.93 -15.89
N MET A 64 -6.75 4.33 -15.38
CA MET A 64 -6.20 5.56 -15.76
C MET A 64 -4.98 5.35 -16.50
N ASN A 65 -4.06 4.86 -15.79
CA ASN A 65 -2.73 4.81 -16.19
C ASN A 65 -1.95 3.60 -15.69
N LEU A 66 -2.38 2.40 -15.95
CA LEU A 66 -1.61 1.21 -15.56
C LEU A 66 -1.70 0.11 -16.59
N SER A 67 -0.60 -0.50 -16.73
CA SER A 67 -0.36 -1.61 -17.59
C SER A 67 0.12 -2.81 -16.68
N LYS A 68 -0.48 -2.89 -15.48
CA LYS A 68 -0.15 -3.85 -14.38
C LYS A 68 1.28 -3.76 -13.90
N THR A 69 2.23 -3.85 -14.74
CA THR A 69 3.55 -3.99 -14.31
C THR A 69 4.11 -2.70 -13.79
N GLN A 70 3.52 -1.65 -14.27
CA GLN A 70 3.85 -0.32 -13.82
C GLN A 70 3.12 -0.02 -12.51
N LEU A 71 2.37 -0.98 -12.09
CA LEU A 71 1.66 -1.01 -10.87
C LEU A 71 2.35 -2.01 -9.96
N ARG A 72 2.84 -3.10 -10.49
CA ARG A 72 3.47 -4.10 -9.62
C ARG A 72 4.74 -3.54 -9.03
N SER A 73 5.20 -2.50 -9.65
CA SER A 73 6.34 -1.83 -9.32
C SER A 73 6.07 -0.82 -8.27
N ALA A 74 4.85 -0.50 -8.21
CA ALA A 74 4.33 0.40 -7.20
C ALA A 74 4.30 -0.36 -5.93
N LEU A 75 4.16 -1.57 -6.16
CA LEU A 75 3.90 -2.58 -5.28
C LEU A 75 5.20 -3.37 -5.07
N ARG A 76 6.24 -2.56 -5.17
CA ARG A 76 7.67 -2.81 -5.01
C ARG A 76 8.23 -1.60 -4.35
N LEU A 77 7.79 -0.49 -4.86
CA LEU A 77 8.23 0.82 -4.47
C LEU A 77 7.96 1.06 -3.06
N TYR A 78 6.69 1.14 -2.77
CA TYR A 78 6.32 1.55 -1.48
C TYR A 78 6.41 0.38 -0.57
N THR A 79 6.50 -0.78 -1.20
CA THR A 79 6.59 -2.03 -0.44
C THR A 79 8.01 -2.33 -0.01
N SER A 80 8.95 -1.62 -0.59
CA SER A 80 10.31 -1.73 -0.16
C SER A 80 10.54 -0.72 0.91
N SER A 81 9.46 -0.01 1.28
CA SER A 81 9.56 0.82 2.36
C SER A 81 9.37 -0.03 3.55
N TRP A 82 9.88 0.42 4.57
CA TRP A 82 9.96 -0.32 5.80
C TRP A 82 8.72 -0.22 6.48
N ARG A 83 8.25 0.95 6.58
CA ARG A 83 6.99 1.28 7.21
C ARG A 83 5.82 0.60 6.56
N TYR A 84 6.11 0.04 5.45
CA TYR A 84 5.29 -0.88 4.84
C TYR A 84 5.24 -2.19 5.68
N LEU A 85 6.41 -2.84 5.81
CA LEU A 85 6.54 -4.15 6.48
C LEU A 85 6.51 -4.16 7.94
N TYR A 86 6.19 -3.08 8.48
CA TYR A 86 5.97 -2.88 9.86
C TYR A 86 4.90 -3.85 10.36
N GLY A 87 4.19 -4.40 9.43
CA GLY A 87 3.29 -5.45 9.63
C GLY A 87 2.97 -6.09 8.40
N VAL A 88 3.93 -6.76 7.80
CA VAL A 88 3.76 -7.50 6.57
C VAL A 88 4.64 -8.73 6.61
N LYS A 89 4.04 -9.87 6.46
CA LYS A 89 4.70 -11.15 6.22
C LYS A 89 3.63 -12.22 6.13
N PRO A 90 2.78 -12.40 7.18
CA PRO A 90 1.52 -13.13 7.03
C PRO A 90 0.46 -12.14 6.57
N GLY A 91 -0.78 -12.27 7.13
CA GLY A 91 -1.93 -11.46 6.83
C GLY A 91 -1.86 -10.07 7.40
N ALA A 92 -0.73 -9.78 7.59
CA ALA A 92 -0.18 -8.56 8.07
C ALA A 92 -0.51 -7.48 7.17
N THR A 93 -0.57 -7.83 5.97
CA THR A 93 -1.08 -7.06 4.93
C THR A 93 -2.40 -6.39 5.35
N ARG A 94 -3.23 -7.17 5.96
CA ARG A 94 -4.56 -6.80 6.27
C ARG A 94 -5.39 -6.53 5.04
N VAL A 95 -4.84 -6.74 3.83
CA VAL A 95 -5.53 -6.42 2.65
C VAL A 95 -5.25 -7.32 1.39
N ASP A 96 -6.24 -7.30 0.71
CA ASP A 96 -6.50 -7.58 -0.62
C ASP A 96 -7.28 -6.31 -0.84
N LEU A 97 -7.65 -5.99 -1.95
CA LEU A 97 -8.26 -4.79 -2.14
C LEU A 97 -9.71 -4.58 -1.67
N ASP A 98 -10.15 -5.49 -0.83
CA ASP A 98 -11.34 -5.38 -0.07
C ASP A 98 -10.89 -5.03 1.35
N GLY A 99 -9.71 -5.51 1.68
CA GLY A 99 -9.08 -5.26 2.93
C GLY A 99 -9.14 -6.45 3.89
N ASN A 100 -8.91 -7.61 3.36
CA ASN A 100 -8.78 -8.88 4.04
C ASN A 100 -7.34 -9.10 4.10
N PRO A 101 -6.76 -9.73 5.10
CA PRO A 101 -5.30 -9.81 5.33
C PRO A 101 -4.68 -10.76 4.40
N CYS A 102 -4.81 -10.41 3.14
CA CYS A 102 -4.71 -11.33 2.02
C CYS A 102 -5.69 -12.54 2.24
N GLY A 103 -6.52 -12.32 3.31
CA GLY A 103 -7.54 -13.23 3.83
C GLY A 103 -6.92 -14.40 4.49
N GLU A 104 -5.72 -14.20 4.71
CA GLU A 104 -4.80 -15.12 5.23
C GLU A 104 -4.75 -15.11 6.75
N LEU A 105 -4.79 -13.95 7.36
CA LEU A 105 -4.70 -13.92 8.74
C LEU A 105 -5.80 -13.05 9.36
N ASP A 106 -5.88 -13.13 10.63
CA ASP A 106 -6.57 -12.28 11.58
C ASP A 106 -5.68 -11.00 11.65
N GLU A 107 -5.55 -10.42 12.75
CA GLU A 107 -4.58 -9.39 12.92
C GLU A 107 -3.84 -9.48 14.23
N GLN A 108 -4.19 -10.44 15.01
CA GLN A 108 -3.57 -10.72 16.23
C GLN A 108 -2.60 -11.77 15.96
N HIS A 109 -2.45 -12.05 14.70
CA HIS A 109 -1.42 -12.91 14.35
C HIS A 109 -0.48 -12.24 13.46
N VAL A 110 -0.97 -11.25 12.84
CA VAL A 110 -0.12 -10.42 12.10
C VAL A 110 0.26 -9.27 12.94
N GLU A 111 -0.08 -9.49 14.09
CA GLU A 111 0.25 -8.79 15.22
C GLU A 111 1.69 -9.02 15.49
N HIS A 112 2.10 -10.19 15.15
CA HIS A 112 3.47 -10.54 15.32
C HIS A 112 4.25 -10.10 14.14
N ALA A 113 3.56 -9.71 13.18
CA ALA A 113 4.09 -9.16 12.06
C ALA A 113 4.25 -7.72 12.25
N ARG A 114 3.37 -7.23 13.04
CA ARG A 114 3.38 -5.90 13.45
C ARG A 114 4.62 -5.70 14.31
N LYS A 115 5.09 -6.80 14.90
CA LYS A 115 6.04 -6.73 15.86
C LYS A 115 7.31 -7.19 15.22
N GLN A 116 7.21 -7.89 14.05
CA GLN A 116 8.42 -8.27 13.37
C GLN A 116 9.25 -7.08 12.85
N LEU A 117 8.64 -5.96 12.78
CA LEU A 117 9.21 -4.79 12.51
C LEU A 117 9.50 -3.99 13.68
N GLU A 118 9.03 -4.43 14.81
CA GLU A 118 9.40 -3.87 16.04
C GLU A 118 10.65 -4.59 16.49
N GLU A 119 11.05 -5.48 15.63
CA GLU A 119 12.25 -6.21 15.73
C GLU A 119 13.24 -5.37 15.06
N ALA A 120 12.81 -4.87 13.89
CA ALA A 120 13.62 -4.15 13.11
C ALA A 120 13.82 -2.75 13.60
N LYS A 121 12.78 -2.11 13.86
CA LYS A 121 12.69 -0.75 14.34
C LYS A 121 13.48 -0.51 15.48
N ALA A 122 13.17 -1.18 16.45
CA ALA A 122 13.79 -1.17 17.68
C ALA A 122 15.26 -1.57 17.61
N ARG A 123 15.70 -2.06 16.46
CA ARG A 123 17.02 -2.41 16.30
C ARG A 123 17.74 -1.26 15.70
N VAL A 124 16.97 -0.52 15.02
CA VAL A 124 17.47 0.51 14.21
C VAL A 124 17.56 1.71 15.01
N GLN A 125 16.41 2.00 15.42
CA GLN A 125 15.97 2.94 16.31
C GLN A 125 16.85 4.19 16.42
N ALA A 126 16.96 4.71 17.65
CA ALA A 126 17.86 5.75 18.01
C ALA A 126 17.54 7.13 17.44
N GLN A 127 17.75 7.30 16.16
CA GLN A 127 17.50 8.44 15.47
C GLN A 127 16.01 8.69 15.39
N ARG A 128 15.67 9.96 15.31
CA ARG A 128 14.33 10.36 15.12
C ARG A 128 13.73 9.72 13.89
N ALA A 129 14.52 9.69 12.86
CA ALA A 129 14.28 8.96 11.72
C ALA A 129 14.49 7.50 12.01
N GLU A 130 13.45 6.77 11.94
CA GLU A 130 13.49 5.37 12.22
C GLU A 130 12.37 4.73 11.47
N GLN A 131 11.21 5.36 11.51
CA GLN A 131 10.15 4.96 10.63
C GLN A 131 10.34 5.59 9.26
N GLN A 132 11.44 6.30 9.13
CA GLN A 132 11.80 6.97 7.94
C GLN A 132 12.57 6.09 6.98
N ALA A 133 11.86 5.17 6.39
CA ALA A 133 12.37 4.24 5.43
C ALA A 133 11.21 3.66 4.68
N MET A 1 -1.57 13.26 3.76
CA MET A 1 -1.92 14.30 4.71
C MET A 1 -3.03 15.19 4.15
N GLY A 2 -3.84 14.62 3.23
CA GLY A 2 -4.88 15.35 2.51
C GLY A 2 -5.81 16.14 3.41
N SER A 3 -5.52 17.42 3.53
CA SER A 3 -6.29 18.32 4.35
C SER A 3 -7.51 18.85 3.59
N SER A 4 -7.72 18.30 2.41
CA SER A 4 -8.81 18.61 1.57
C SER A 4 -10.11 18.10 2.19
N HIS A 5 -10.94 19.01 2.65
CA HIS A 5 -12.17 18.66 3.37
C HIS A 5 -13.33 18.30 2.45
N HIS A 6 -13.01 17.81 1.28
CA HIS A 6 -13.97 17.30 0.30
C HIS A 6 -13.29 16.21 -0.50
N HIS A 7 -13.34 14.99 0.00
CA HIS A 7 -12.66 13.87 -0.65
C HIS A 7 -13.59 13.11 -1.56
N HIS A 8 -13.35 13.26 -2.86
CA HIS A 8 -13.99 12.52 -3.98
C HIS A 8 -13.88 13.30 -5.27
N HIS A 9 -12.78 13.17 -5.95
CA HIS A 9 -12.68 13.80 -7.24
C HIS A 9 -12.54 12.72 -8.32
N HIS A 10 -12.22 11.52 -7.90
CA HIS A 10 -12.15 10.37 -8.78
C HIS A 10 -12.70 9.13 -8.06
N SER A 11 -12.58 9.14 -6.75
CA SER A 11 -13.08 8.12 -5.86
C SER A 11 -13.13 8.59 -4.50
N GLN A 12 -12.18 8.24 -3.80
CA GLN A 12 -12.14 8.48 -2.39
C GLN A 12 -10.74 8.88 -2.06
N ASP A 13 -10.21 9.61 -3.01
CA ASP A 13 -8.94 10.11 -3.08
C ASP A 13 -8.53 10.97 -1.86
N PRO A 14 -7.26 10.80 -1.37
CA PRO A 14 -6.81 11.36 -0.10
C PRO A 14 -6.18 12.78 -0.17
N MET A 15 -4.95 12.89 -0.66
CA MET A 15 -4.26 14.16 -0.78
C MET A 15 -5.07 15.10 -1.65
N GLU A 16 -5.16 14.67 -2.86
CA GLU A 16 -5.88 15.24 -3.96
C GLU A 16 -5.74 14.24 -5.07
N ASN A 17 -4.52 13.70 -5.12
CA ASN A 17 -4.07 12.59 -5.89
C ASN A 17 -4.46 12.78 -7.34
N GLN A 18 -4.30 13.99 -7.76
CA GLN A 18 -4.67 14.44 -9.02
C GLN A 18 -3.69 14.05 -10.15
N PRO A 19 -2.39 14.41 -10.06
CA PRO A 19 -1.36 13.85 -10.94
C PRO A 19 -1.31 12.30 -10.93
N LYS A 20 -1.42 11.74 -12.12
CA LYS A 20 -1.38 10.40 -12.39
C LYS A 20 -0.10 9.64 -12.20
N LEU A 21 -0.23 8.36 -12.50
CA LEU A 21 0.61 7.30 -12.07
C LEU A 21 1.96 7.29 -12.68
N ASN A 22 1.99 7.04 -13.99
CA ASN A 22 3.16 7.17 -14.81
C ASN A 22 4.24 6.15 -14.39
N SER A 23 3.75 5.13 -13.70
CA SER A 23 4.50 3.98 -13.23
C SER A 23 5.02 4.08 -11.79
N SER A 24 4.68 3.04 -11.06
CA SER A 24 5.12 2.76 -9.73
C SER A 24 4.61 3.70 -8.61
N LYS A 25 5.32 4.77 -8.33
CA LYS A 25 5.09 5.57 -7.21
C LYS A 25 3.75 6.17 -7.17
N GLU A 26 3.49 7.01 -8.09
CA GLU A 26 2.26 7.70 -8.09
C GLU A 26 1.04 6.81 -8.46
N VAL A 27 1.27 5.51 -8.64
CA VAL A 27 0.19 4.58 -8.80
C VAL A 27 -0.17 4.00 -7.49
N ILE A 28 0.76 4.05 -6.50
CA ILE A 28 0.38 3.72 -5.17
C ILE A 28 -0.64 4.66 -4.80
N ALA A 29 -0.40 5.82 -5.20
CA ALA A 29 -1.25 6.87 -5.08
C ALA A 29 -2.59 6.60 -5.71
N PHE A 30 -2.62 6.05 -6.92
CA PHE A 30 -3.87 5.69 -7.48
C PHE A 30 -4.46 4.62 -6.67
N LEU A 31 -3.65 3.65 -6.36
CA LEU A 31 -4.03 2.53 -5.62
C LEU A 31 -4.65 2.95 -4.35
N ALA A 32 -4.16 3.99 -3.85
CA ALA A 32 -4.61 4.54 -2.63
C ALA A 32 -5.82 5.43 -2.75
N GLU A 33 -6.02 6.01 -3.91
CA GLU A 33 -7.13 6.89 -4.10
C GLU A 33 -8.34 6.07 -4.38
N ARG A 34 -8.02 4.94 -4.81
CA ARG A 34 -8.85 3.93 -5.21
C ARG A 34 -9.13 2.96 -4.05
N PHE A 35 -8.10 2.58 -3.34
CA PHE A 35 -8.19 1.69 -2.23
C PHE A 35 -7.76 2.33 -0.89
N PRO A 36 -8.49 3.34 -0.35
CA PRO A 36 -8.25 3.92 1.00
C PRO A 36 -8.04 2.88 2.17
N HIS A 37 -8.27 1.60 1.94
CA HIS A 37 -8.06 0.61 2.99
C HIS A 37 -6.79 -0.16 2.79
N CYS A 38 -6.48 -0.47 1.58
CA CYS A 38 -5.26 -1.06 1.19
C CYS A 38 -4.11 -0.10 1.27
N PHE A 39 -4.25 0.95 0.55
CA PHE A 39 -3.22 1.83 0.27
C PHE A 39 -3.38 3.18 1.00
N SER A 40 -2.35 4.01 0.89
CA SER A 40 -2.30 5.29 1.56
C SER A 40 -2.30 6.45 0.61
N ALA A 41 -1.05 6.88 0.21
CA ALA A 41 -0.72 7.93 -0.78
C ALA A 41 -0.54 9.16 0.02
N GLU A 42 -1.24 9.07 1.09
CA GLU A 42 -1.17 9.86 2.22
C GLU A 42 0.07 9.63 2.90
N GLY A 43 0.30 8.41 2.94
CA GLY A 43 1.33 7.89 3.63
C GLY A 43 2.29 7.20 2.73
N GLU A 44 3.52 7.13 3.20
CA GLU A 44 4.64 6.43 2.60
C GLU A 44 4.16 5.07 2.15
N ALA A 45 3.79 4.28 3.13
CA ALA A 45 3.24 3.02 2.90
C ALA A 45 2.57 2.62 4.18
N ARG A 46 2.13 1.42 4.24
CA ARG A 46 1.47 0.87 5.36
C ARG A 46 1.46 -0.61 5.04
N PRO A 47 1.17 -1.54 5.98
CA PRO A 47 1.14 -2.96 5.65
C PRO A 47 0.13 -3.29 4.53
N LEU A 48 0.62 -4.03 3.56
CA LEU A 48 -0.06 -4.46 2.38
C LEU A 48 0.51 -5.86 2.06
N LYS A 49 -0.02 -6.59 1.10
CA LYS A 49 0.59 -7.82 0.70
C LYS A 49 1.31 -7.50 -0.59
N ILE A 50 1.65 -8.44 -1.32
CA ILE A 50 2.10 -8.22 -2.66
C ILE A 50 1.28 -8.93 -3.69
N GLY A 51 0.77 -10.03 -3.31
CA GLY A 51 -0.08 -10.79 -4.19
C GLY A 51 -1.37 -10.07 -4.46
N ILE A 52 -1.73 -9.10 -3.60
CA ILE A 52 -2.73 -8.15 -3.83
C ILE A 52 -2.66 -7.60 -5.23
N PHE A 53 -1.47 -7.36 -5.73
CA PHE A 53 -1.28 -6.72 -6.95
C PHE A 53 -2.22 -7.27 -8.01
N GLN A 54 -2.29 -8.47 -8.04
CA GLN A 54 -3.15 -9.27 -8.87
C GLN A 54 -4.67 -8.91 -8.74
N ASP A 55 -4.92 -8.29 -7.73
CA ASP A 55 -6.28 -8.04 -7.24
C ASP A 55 -6.61 -6.74 -7.55
N LEU A 56 -5.61 -5.98 -7.45
CA LEU A 56 -5.59 -4.72 -7.90
C LEU A 56 -5.92 -4.82 -9.22
N VAL A 57 -5.12 -5.51 -9.90
CA VAL A 57 -5.14 -5.58 -11.34
C VAL A 57 -6.44 -6.04 -11.90
N ASP A 58 -7.18 -6.77 -11.08
CA ASP A 58 -8.56 -7.12 -11.38
C ASP A 58 -9.32 -5.84 -11.77
N ARG A 59 -9.04 -4.88 -10.93
CA ARG A 59 -9.59 -3.61 -10.84
C ARG A 59 -8.75 -2.55 -11.51
N VAL A 60 -7.58 -2.31 -10.92
CA VAL A 60 -6.78 -1.15 -11.16
C VAL A 60 -6.20 -0.91 -12.57
N ALA A 61 -5.83 -1.98 -13.09
CA ALA A 61 -4.82 -2.17 -14.03
C ALA A 61 -4.78 -1.50 -15.31
N GLY A 62 -5.70 -0.84 -15.63
CA GLY A 62 -5.56 0.06 -16.66
C GLY A 62 -6.58 1.12 -16.67
N GLU A 63 -7.04 1.40 -15.51
CA GLU A 63 -8.06 2.45 -15.28
C GLU A 63 -7.66 3.78 -15.88
N MET A 64 -6.69 4.43 -15.27
CA MET A 64 -6.19 5.64 -15.83
C MET A 64 -5.12 5.32 -16.70
N ASN A 65 -4.22 4.67 -16.09
CA ASN A 65 -3.00 4.44 -16.60
C ASN A 65 -2.24 3.40 -15.81
N LEU A 66 -2.52 2.20 -16.10
CA LEU A 66 -1.80 1.10 -15.63
C LEU A 66 -1.69 0.10 -16.73
N SER A 67 -0.68 -0.66 -16.63
CA SER A 67 -0.38 -1.69 -17.53
C SER A 67 0.04 -2.92 -16.69
N LYS A 68 -0.56 -3.01 -15.49
CA LYS A 68 -0.26 -3.99 -14.39
C LYS A 68 1.17 -3.90 -13.93
N THR A 69 2.10 -3.84 -14.80
CA THR A 69 3.42 -3.96 -14.42
C THR A 69 3.95 -2.68 -13.86
N GLN A 70 3.42 -1.62 -14.38
CA GLN A 70 3.74 -0.29 -13.86
C GLN A 70 3.05 -0.11 -12.49
N LEU A 71 2.26 -1.09 -12.14
CA LEU A 71 1.54 -1.19 -10.90
C LEU A 71 2.24 -2.19 -10.00
N ARG A 72 2.70 -3.28 -10.55
CA ARG A 72 3.31 -4.32 -9.72
C ARG A 72 4.58 -3.81 -9.13
N SER A 73 5.07 -2.83 -9.77
CA SER A 73 6.26 -2.20 -9.47
C SER A 73 6.04 -1.10 -8.49
N ALA A 74 4.80 -0.80 -8.37
CA ALA A 74 4.35 0.14 -7.36
C ALA A 74 4.32 -0.60 -6.07
N LEU A 75 4.13 -1.81 -6.29
CA LEU A 75 3.88 -2.79 -5.39
C LEU A 75 5.19 -3.62 -5.22
N ARG A 76 6.24 -2.86 -5.36
CA ARG A 76 7.68 -3.12 -5.15
C ARG A 76 8.20 -1.92 -4.44
N LEU A 77 7.83 -0.79 -5.01
CA LEU A 77 8.31 0.51 -4.64
C LEU A 77 7.98 0.83 -3.24
N TYR A 78 6.71 0.95 -3.03
CA TYR A 78 6.25 1.40 -1.79
C TYR A 78 6.25 0.24 -0.83
N THR A 79 6.37 -0.95 -1.39
CA THR A 79 6.44 -2.17 -0.58
C THR A 79 7.86 -2.41 -0.09
N SER A 80 8.79 -1.66 -0.63
CA SER A 80 10.15 -1.66 -0.15
C SER A 80 10.26 -0.60 0.92
N SER A 81 9.13 0.04 1.22
CA SER A 81 9.10 0.90 2.31
C SER A 81 9.05 0.09 3.52
N TRP A 82 9.55 0.62 4.52
CA TRP A 82 9.63 -0.04 5.79
C TRP A 82 8.33 0.00 6.40
N ARG A 83 7.77 1.11 6.26
CA ARG A 83 6.50 1.47 6.79
C ARG A 83 5.40 0.62 6.25
N TYR A 84 5.71 0.04 5.17
CA TYR A 84 4.98 -1.02 4.62
C TYR A 84 5.04 -2.19 5.62
N LEU A 85 6.22 -2.73 5.82
CA LEU A 85 6.41 -3.93 6.61
C LEU A 85 6.38 -3.83 8.08
N TYR A 86 5.94 -2.76 8.58
CA TYR A 86 5.72 -2.55 9.98
C TYR A 86 4.77 -3.61 10.53
N GLY A 87 4.11 -4.24 9.60
CA GLY A 87 3.29 -5.35 9.82
C GLY A 87 2.95 -5.96 8.56
N VAL A 88 3.92 -6.53 7.87
CA VAL A 88 3.72 -7.25 6.65
C VAL A 88 4.69 -8.42 6.60
N LYS A 89 4.15 -9.56 6.42
CA LYS A 89 4.85 -10.77 6.06
C LYS A 89 3.81 -11.84 5.85
N PRO A 90 3.01 -12.18 6.90
CA PRO A 90 1.78 -12.91 6.69
C PRO A 90 0.68 -11.90 6.34
N GLY A 91 -0.55 -12.15 6.87
CA GLY A 91 -1.74 -11.36 6.62
C GLY A 91 -1.75 -10.03 7.28
N ALA A 92 -0.64 -9.71 7.52
CA ALA A 92 -0.15 -8.50 8.08
C ALA A 92 -0.54 -7.33 7.26
N THR A 93 -0.63 -7.61 6.03
CA THR A 93 -1.17 -6.78 5.02
C THR A 93 -2.46 -6.11 5.46
N ARG A 94 -3.32 -6.94 6.01
CA ARG A 94 -4.64 -6.64 6.32
C ARG A 94 -5.53 -6.48 5.10
N VAL A 95 -4.96 -6.52 3.87
CA VAL A 95 -5.74 -6.34 2.66
C VAL A 95 -5.21 -7.07 1.37
N ASP A 96 -6.14 -7.61 0.75
CA ASP A 96 -6.16 -7.93 -0.68
C ASP A 96 -7.36 -7.23 -1.19
N LEU A 97 -7.12 -5.92 -1.22
CA LEU A 97 -7.94 -4.79 -1.59
C LEU A 97 -9.39 -4.71 -1.16
N ASP A 98 -9.80 -5.65 -0.40
CA ASP A 98 -11.08 -5.68 0.23
C ASP A 98 -10.81 -5.11 1.59
N GLY A 99 -9.82 -5.73 2.17
CA GLY A 99 -9.39 -5.44 3.48
C GLY A 99 -9.37 -6.71 4.33
N ASN A 100 -9.08 -7.80 3.63
CA ASN A 100 -8.82 -9.11 4.11
C ASN A 100 -7.36 -9.18 4.13
N PRO A 101 -6.71 -9.83 5.09
CA PRO A 101 -5.23 -9.80 5.31
C PRO A 101 -4.55 -10.63 4.31
N CYS A 102 -4.76 -10.22 3.08
CA CYS A 102 -4.61 -11.03 1.90
C CYS A 102 -5.47 -12.34 2.03
N GLY A 103 -6.24 -12.32 3.14
CA GLY A 103 -7.17 -13.35 3.59
C GLY A 103 -6.43 -14.51 4.15
N GLU A 104 -5.21 -14.24 4.29
CA GLU A 104 -4.19 -15.09 4.70
C GLU A 104 -4.12 -15.20 6.23
N LEU A 105 -4.36 -14.10 6.93
CA LEU A 105 -4.30 -14.17 8.32
C LEU A 105 -5.47 -13.41 8.98
N ASP A 106 -5.54 -13.56 10.26
CA ASP A 106 -6.28 -12.82 11.27
C ASP A 106 -5.45 -11.52 11.47
N GLU A 107 -5.37 -11.02 12.62
CA GLU A 107 -4.44 -9.97 12.89
C GLU A 107 -3.66 -10.20 14.16
N GLN A 108 -3.99 -11.22 14.87
CA GLN A 108 -3.35 -11.58 16.06
C GLN A 108 -2.33 -12.54 15.69
N HIS A 109 -2.14 -12.68 14.41
CA HIS A 109 -1.07 -13.44 14.01
C HIS A 109 -0.19 -12.63 13.16
N VAL A 110 -0.75 -11.63 12.64
CA VAL A 110 0.02 -10.68 11.97
C VAL A 110 0.34 -9.59 12.90
N GLU A 111 0.05 -9.96 14.04
CA GLU A 111 0.36 -9.35 15.25
C GLU A 111 1.81 -9.44 15.45
N HIS A 112 2.34 -10.54 15.06
CA HIS A 112 3.73 -10.78 15.16
C HIS A 112 4.44 -10.17 14.01
N ALA A 113 3.70 -9.81 13.08
CA ALA A 113 4.15 -9.14 11.99
C ALA A 113 4.15 -7.70 12.28
N ARG A 114 3.23 -7.36 13.09
CA ARG A 114 3.01 -6.05 13.55
C ARG A 114 4.15 -5.73 14.53
N LYS A 115 4.90 -6.78 14.92
CA LYS A 115 5.87 -6.67 15.87
C LYS A 115 7.17 -7.03 15.20
N GLN A 116 7.12 -7.66 14.00
CA GLN A 116 8.35 -7.92 13.30
C GLN A 116 9.10 -6.66 12.85
N LEU A 117 8.42 -5.58 12.85
CA LEU A 117 8.93 -4.36 12.66
C LEU A 117 9.29 -3.66 13.89
N GLU A 118 8.96 -4.26 15.02
CA GLU A 118 9.50 -3.86 16.27
C GLU A 118 10.71 -4.71 16.54
N GLU A 119 11.07 -5.45 15.52
CA GLU A 119 12.26 -6.18 15.52
C GLU A 119 13.23 -5.30 14.87
N ALA A 120 12.72 -4.62 13.84
CA ALA A 120 13.50 -3.76 13.14
C ALA A 120 13.65 -2.42 13.81
N LYS A 121 12.60 -1.82 14.07
CA LYS A 121 12.47 -0.52 14.70
C LYS A 121 13.21 -0.38 15.92
N ALA A 122 12.87 -1.16 16.77
CA ALA A 122 13.47 -1.31 18.01
C ALA A 122 14.94 -1.69 17.93
N ARG A 123 15.42 -2.09 16.75
CA ARG A 123 16.78 -2.42 16.58
C ARG A 123 17.50 -1.20 16.14
N VAL A 124 16.74 -0.42 15.46
CA VAL A 124 17.25 0.68 14.72
C VAL A 124 17.45 1.78 15.64
N GLN A 125 16.36 1.97 16.23
CA GLN A 125 15.98 2.75 17.32
C GLN A 125 16.80 4.01 17.71
N ALA A 126 18.08 3.88 17.71
CA ALA A 126 18.98 4.81 18.07
C ALA A 126 19.22 5.84 16.97
N GLN A 127 19.93 5.43 15.94
CA GLN A 127 20.18 6.15 14.86
C GLN A 127 19.32 5.69 13.74
N ARG A 128 18.89 6.64 12.96
CA ARG A 128 18.26 6.38 11.75
C ARG A 128 19.17 5.60 10.83
N ALA A 129 20.42 5.98 10.88
CA ALA A 129 21.45 5.42 10.14
C ALA A 129 21.84 4.05 10.62
N GLU A 130 21.63 3.09 9.77
CA GLU A 130 22.03 1.70 9.94
C GLU A 130 21.63 0.94 8.68
N GLN A 131 20.47 1.29 8.15
CA GLN A 131 20.04 0.75 6.86
C GLN A 131 20.10 1.89 5.84
N GLN A 132 20.88 2.89 6.19
CA GLN A 132 21.02 4.08 5.40
C GLN A 132 22.25 4.01 4.53
N ALA A 133 22.10 4.40 3.31
CA ALA A 133 23.13 4.45 2.34
C ALA A 133 22.70 5.52 1.39
N MET A 1 -6.53 13.42 2.25
CA MET A 1 -7.19 14.10 3.35
C MET A 1 -8.43 13.35 3.73
N GLY A 2 -9.13 13.80 4.75
CA GLY A 2 -10.36 13.14 5.14
C GLY A 2 -11.51 13.65 4.32
N SER A 3 -12.08 12.79 3.50
CA SER A 3 -13.21 13.11 2.63
C SER A 3 -14.55 13.09 3.44
N SER A 4 -14.46 13.46 4.70
CA SER A 4 -15.54 13.49 5.61
C SER A 4 -16.63 14.48 5.16
N HIS A 5 -17.86 13.98 5.01
CA HIS A 5 -19.04 14.80 4.64
C HIS A 5 -18.99 15.25 3.16
N HIS A 6 -18.03 14.71 2.39
CA HIS A 6 -17.88 15.09 0.97
C HIS A 6 -19.06 14.58 0.12
N HIS A 7 -19.79 13.59 0.64
CA HIS A 7 -20.97 13.00 -0.03
C HIS A 7 -20.54 12.09 -1.20
N HIS A 8 -21.07 10.88 -1.21
CA HIS A 8 -20.73 9.92 -2.25
C HIS A 8 -21.20 10.41 -3.63
N HIS A 9 -20.27 10.43 -4.54
CA HIS A 9 -20.47 10.79 -5.94
C HIS A 9 -19.25 10.30 -6.68
N HIS A 10 -18.14 10.34 -6.00
CA HIS A 10 -16.88 9.80 -6.45
C HIS A 10 -16.77 8.43 -5.74
N SER A 11 -15.61 7.90 -5.65
CA SER A 11 -15.33 6.74 -4.89
C SER A 11 -15.06 7.15 -3.46
N GLN A 12 -14.06 6.65 -2.87
CA GLN A 12 -13.85 6.85 -1.46
C GLN A 12 -12.45 7.29 -1.23
N ASP A 13 -11.97 7.97 -2.20
CA ASP A 13 -10.69 8.43 -2.29
C ASP A 13 -10.41 9.61 -1.38
N PRO A 14 -9.29 9.55 -0.62
CA PRO A 14 -8.93 10.60 0.35
C PRO A 14 -8.30 11.82 -0.34
N MET A 15 -7.70 11.56 -1.46
CA MET A 15 -7.12 12.50 -2.29
C MET A 15 -7.63 12.21 -3.64
N GLU A 16 -8.90 12.46 -3.77
CA GLU A 16 -9.71 12.29 -4.98
C GLU A 16 -8.96 12.48 -6.30
N ASN A 17 -8.45 11.36 -6.82
CA ASN A 17 -7.83 11.19 -8.14
C ASN A 17 -7.08 12.34 -8.63
N GLN A 18 -5.92 12.27 -8.24
CA GLN A 18 -4.90 13.19 -8.47
C GLN A 18 -4.25 12.95 -9.86
N PRO A 19 -3.35 13.89 -10.31
CA PRO A 19 -2.57 13.74 -11.55
C PRO A 19 -2.00 12.33 -11.71
N LYS A 20 -2.06 11.87 -12.95
CA LYS A 20 -1.63 10.62 -13.42
C LYS A 20 -0.32 10.23 -12.84
N LEU A 21 -0.33 9.01 -12.52
CA LEU A 21 0.64 8.17 -11.98
C LEU A 21 1.95 8.27 -12.69
N ASN A 22 1.87 7.88 -13.92
CA ASN A 22 2.95 7.85 -14.88
C ASN A 22 3.93 6.75 -14.50
N SER A 23 3.43 5.84 -13.61
CA SER A 23 4.10 4.59 -13.15
C SER A 23 4.70 4.67 -11.73
N SER A 24 4.66 3.53 -11.08
CA SER A 24 5.19 3.25 -9.77
C SER A 24 4.59 4.07 -8.58
N LYS A 25 5.28 5.10 -8.11
CA LYS A 25 4.96 5.77 -6.93
C LYS A 25 3.60 6.33 -6.91
N GLU A 26 3.38 7.20 -7.81
CA GLU A 26 2.15 7.90 -7.89
C GLU A 26 0.96 6.96 -8.25
N VAL A 27 1.24 5.68 -8.50
CA VAL A 27 0.19 4.74 -8.70
C VAL A 27 -0.22 4.15 -7.42
N ILE A 28 0.64 4.23 -6.37
CA ILE A 28 0.23 3.85 -5.07
C ILE A 28 -0.86 4.73 -4.72
N ALA A 29 -0.65 5.92 -5.06
CA ALA A 29 -1.58 6.93 -4.91
C ALA A 29 -2.91 6.65 -5.59
N PHE A 30 -2.87 6.10 -6.78
CA PHE A 30 -4.06 5.69 -7.44
C PHE A 30 -4.61 4.53 -6.69
N LEU A 31 -3.75 3.62 -6.35
CA LEU A 31 -4.10 2.47 -5.64
C LEU A 31 -4.78 2.84 -4.39
N ALA A 32 -4.38 3.88 -3.86
CA ALA A 32 -4.91 4.38 -2.64
C ALA A 32 -6.18 5.17 -2.78
N GLU A 33 -6.43 5.69 -3.94
CA GLU A 33 -7.63 6.45 -4.14
C GLU A 33 -8.77 5.49 -4.39
N ARG A 34 -8.34 4.48 -4.98
CA ARG A 34 -9.06 3.40 -5.43
C ARG A 34 -9.29 2.41 -4.30
N PHE A 35 -8.25 2.17 -3.54
CA PHE A 35 -8.31 1.31 -2.42
C PHE A 35 -7.95 2.01 -1.10
N PRO A 36 -8.78 2.96 -0.61
CA PRO A 36 -8.64 3.63 0.71
C PRO A 36 -8.34 2.68 1.91
N HIS A 37 -8.52 1.38 1.72
CA HIS A 37 -8.27 0.42 2.78
C HIS A 37 -6.89 -0.18 2.66
N CYS A 38 -6.59 -0.71 1.49
CA CYS A 38 -5.33 -1.21 1.18
C CYS A 38 -4.25 -0.18 1.23
N PHE A 39 -4.44 0.85 0.48
CA PHE A 39 -3.46 1.77 0.22
C PHE A 39 -3.75 3.12 0.91
N SER A 40 -2.73 3.95 1.01
CA SER A 40 -2.82 5.27 1.64
C SER A 40 -2.89 6.40 0.66
N ALA A 41 -1.67 6.93 0.34
CA ALA A 41 -1.36 7.98 -0.66
C ALA A 41 -1.32 9.23 0.13
N GLU A 42 -2.06 9.10 1.18
CA GLU A 42 -2.10 9.92 2.30
C GLU A 42 -0.87 9.79 3.05
N GLY A 43 -0.56 8.58 3.17
CA GLY A 43 0.44 8.16 3.98
C GLY A 43 1.53 7.49 3.24
N GLU A 44 2.67 7.41 3.89
CA GLU A 44 3.88 6.79 3.42
C GLU A 44 3.58 5.43 2.80
N ALA A 45 2.90 4.58 3.56
CA ALA A 45 2.57 3.26 3.12
C ALA A 45 1.60 2.60 4.06
N ARG A 46 1.28 1.38 3.74
CA ARG A 46 0.36 0.55 4.47
C ARG A 46 0.77 -0.88 4.24
N PRO A 47 0.88 -1.70 5.29
CA PRO A 47 1.20 -3.13 5.18
C PRO A 47 0.33 -3.86 4.12
N LEU A 48 0.94 -4.53 3.12
CA LEU A 48 0.19 -5.29 2.09
C LEU A 48 0.60 -6.71 2.07
N LYS A 49 0.16 -7.43 1.07
CA LYS A 49 0.64 -8.79 0.90
C LYS A 49 1.47 -8.98 -0.32
N ILE A 50 1.66 -7.92 -1.08
CA ILE A 50 2.36 -7.94 -2.31
C ILE A 50 1.70 -8.69 -3.46
N GLY A 51 1.25 -9.84 -3.19
CA GLY A 51 0.52 -10.63 -4.16
C GLY A 51 -0.78 -9.99 -4.50
N ILE A 52 -1.26 -9.09 -3.62
CA ILE A 52 -2.33 -8.20 -3.88
C ILE A 52 -2.27 -7.64 -5.28
N PHE A 53 -1.08 -7.28 -5.72
CA PHE A 53 -0.88 -6.62 -6.94
C PHE A 53 -1.74 -7.21 -8.04
N GLN A 54 -1.74 -8.41 -8.08
CA GLN A 54 -2.51 -9.26 -8.98
C GLN A 54 -4.06 -8.97 -8.92
N ASP A 55 -4.39 -8.39 -7.91
CA ASP A 55 -5.78 -8.22 -7.50
C ASP A 55 -6.15 -6.93 -7.81
N LEU A 56 -5.21 -6.12 -7.63
CA LEU A 56 -5.22 -4.85 -8.06
C LEU A 56 -5.48 -4.93 -9.40
N VAL A 57 -4.61 -5.56 -10.06
CA VAL A 57 -4.56 -5.59 -11.48
C VAL A 57 -5.76 -6.14 -12.15
N ASP A 58 -6.54 -6.88 -11.38
CA ASP A 58 -7.88 -7.28 -11.79
C ASP A 58 -8.65 -6.01 -12.19
N ARG A 59 -8.47 -5.07 -11.30
CA ARG A 59 -9.11 -3.86 -11.16
C ARG A 59 -8.33 -2.72 -11.71
N VAL A 60 -7.23 -2.44 -11.03
CA VAL A 60 -6.53 -1.23 -11.09
C VAL A 60 -6.08 -0.73 -12.40
N ALA A 61 -5.51 -1.64 -13.06
CA ALA A 61 -4.55 -1.37 -13.98
C ALA A 61 -4.79 -0.32 -14.99
N GLY A 62 -5.27 -0.71 -15.97
CA GLY A 62 -5.36 0.14 -17.06
C GLY A 62 -6.64 0.80 -17.18
N GLU A 63 -7.09 1.15 -16.04
CA GLU A 63 -8.19 2.00 -15.83
C GLU A 63 -7.80 3.36 -16.33
N MET A 64 -6.56 3.67 -16.02
CA MET A 64 -6.03 4.91 -16.34
C MET A 64 -4.66 4.78 -16.85
N ASN A 65 -3.85 4.41 -15.96
CA ASN A 65 -2.45 4.55 -16.12
C ASN A 65 -1.61 3.33 -15.84
N LEU A 66 -2.03 2.16 -16.08
CA LEU A 66 -1.23 1.00 -15.68
C LEU A 66 -1.27 -0.15 -16.66
N SER A 67 -0.11 -0.67 -16.83
CA SER A 67 0.19 -1.83 -17.63
C SER A 67 0.59 -3.02 -16.66
N LYS A 68 0.00 -3.00 -15.46
CA LYS A 68 0.29 -3.92 -14.29
C LYS A 68 1.70 -3.76 -13.78
N THR A 69 2.67 -3.82 -14.61
CA THR A 69 3.98 -3.92 -14.14
C THR A 69 4.51 -2.63 -13.59
N GLN A 70 3.96 -1.60 -14.08
CA GLN A 70 4.27 -0.29 -13.61
C GLN A 70 3.55 -0.04 -12.28
N LEU A 71 2.66 -0.95 -11.96
CA LEU A 71 1.90 -0.97 -10.75
C LEU A 71 2.57 -1.94 -9.81
N ARG A 72 3.10 -3.03 -10.31
CA ARG A 72 3.72 -4.02 -9.42
C ARG A 72 4.92 -3.39 -8.81
N SER A 73 5.41 -2.46 -9.51
CA SER A 73 6.56 -1.74 -9.22
C SER A 73 6.27 -0.71 -8.21
N ALA A 74 5.05 -0.42 -8.11
CA ALA A 74 4.53 0.51 -7.12
C ALA A 74 4.42 -0.23 -5.84
N LEU A 75 4.30 -1.44 -6.04
CA LEU A 75 3.94 -2.36 -5.10
C LEU A 75 5.13 -3.18 -4.63
N ARG A 76 6.30 -2.75 -5.08
CA ARG A 76 7.58 -3.09 -4.49
C ARG A 76 8.16 -1.79 -3.97
N LEU A 77 7.66 -0.69 -4.53
CA LEU A 77 8.14 0.65 -4.26
C LEU A 77 7.81 1.06 -2.89
N TYR A 78 6.53 1.22 -2.66
CA TYR A 78 6.13 1.76 -1.40
C TYR A 78 6.19 0.66 -0.38
N THR A 79 6.35 -0.55 -0.90
CA THR A 79 6.45 -1.70 -0.04
C THR A 79 7.87 -1.87 0.47
N SER A 80 8.78 -1.10 -0.11
CA SER A 80 10.13 -1.01 0.39
C SER A 80 10.16 0.09 1.42
N SER A 81 8.99 0.70 1.68
CA SER A 81 8.90 1.61 2.75
C SER A 81 8.78 0.83 3.98
N TRP A 82 9.14 1.42 5.03
CA TRP A 82 9.13 0.74 6.29
C TRP A 82 7.79 0.66 6.74
N ARG A 83 7.10 1.76 6.64
CA ARG A 83 5.69 1.94 7.08
C ARG A 83 4.82 0.89 6.51
N TYR A 84 5.29 0.36 5.47
CA TYR A 84 4.73 -0.74 4.89
C TYR A 84 4.87 -1.94 5.85
N LEU A 85 6.08 -2.42 6.02
CA LEU A 85 6.39 -3.57 6.86
C LEU A 85 6.39 -3.39 8.34
N TYR A 86 5.63 -2.53 8.76
CA TYR A 86 5.38 -2.31 10.13
C TYR A 86 4.46 -3.46 10.60
N GLY A 87 4.01 -4.21 9.60
CA GLY A 87 3.20 -5.36 9.75
C GLY A 87 2.88 -5.97 8.48
N VAL A 88 3.84 -6.69 7.88
CA VAL A 88 3.64 -7.36 6.60
C VAL A 88 4.48 -8.65 6.48
N LYS A 89 3.79 -9.72 6.32
CA LYS A 89 4.28 -11.05 5.85
C LYS A 89 3.18 -12.06 5.88
N PRO A 90 2.45 -12.16 7.00
CA PRO A 90 1.21 -12.85 7.02
C PRO A 90 0.12 -11.85 6.70
N GLY A 91 -1.06 -12.02 7.33
CA GLY A 91 -2.22 -11.22 7.12
C GLY A 91 -2.16 -9.82 7.68
N ALA A 92 -1.01 -9.52 7.84
CA ALA A 92 -0.45 -8.28 8.30
C ALA A 92 -0.79 -7.20 7.37
N THR A 93 -0.84 -7.60 6.18
CA THR A 93 -1.34 -6.87 5.08
C THR A 93 -2.65 -6.17 5.42
N ARG A 94 -3.53 -6.94 5.99
CA ARG A 94 -4.87 -6.59 6.17
C ARG A 94 -5.61 -6.36 4.86
N VAL A 95 -5.00 -6.66 3.70
CA VAL A 95 -5.63 -6.47 2.44
C VAL A 95 -5.22 -7.52 1.36
N ASP A 96 -6.15 -7.64 0.53
CA ASP A 96 -6.14 -8.17 -0.84
C ASP A 96 -7.33 -7.55 -1.46
N LEU A 97 -7.13 -6.24 -1.53
CA LEU A 97 -7.96 -5.13 -1.97
C LEU A 97 -9.40 -5.02 -1.59
N ASP A 98 -9.86 -5.99 -0.90
CA ASP A 98 -11.11 -5.96 -0.24
C ASP A 98 -10.79 -5.29 1.06
N GLY A 99 -9.65 -5.74 1.54
CA GLY A 99 -9.14 -5.34 2.78
C GLY A 99 -9.32 -6.42 3.84
N ASN A 100 -9.02 -7.61 3.38
CA ASN A 100 -8.94 -8.86 4.09
C ASN A 100 -7.51 -9.04 4.20
N PRO A 101 -6.96 -9.63 5.26
CA PRO A 101 -5.49 -9.70 5.54
C PRO A 101 -4.87 -10.70 4.68
N CYS A 102 -4.98 -10.41 3.41
CA CYS A 102 -4.87 -11.35 2.33
C CYS A 102 -5.87 -12.55 2.58
N GLY A 103 -6.68 -12.32 3.64
CA GLY A 103 -7.71 -13.21 4.18
C GLY A 103 -7.07 -14.35 4.89
N GLU A 104 -5.86 -14.14 5.06
CA GLU A 104 -4.91 -15.00 5.58
C GLU A 104 -4.83 -14.93 7.09
N LEU A 105 -4.96 -13.73 7.67
CA LEU A 105 -4.85 -13.67 9.04
C LEU A 105 -5.91 -12.76 9.69
N ASP A 106 -5.96 -12.86 10.97
CA ASP A 106 -6.58 -12.01 11.96
C ASP A 106 -5.64 -10.78 12.08
N GLU A 107 -5.46 -10.25 13.21
CA GLU A 107 -4.44 -9.27 13.43
C GLU A 107 -3.65 -9.52 14.70
N GLN A 108 -4.03 -10.52 15.40
CA GLN A 108 -3.39 -10.91 16.58
C GLN A 108 -2.48 -11.98 16.20
N HIS A 109 -2.34 -12.15 14.92
CA HIS A 109 -1.34 -13.00 14.50
C HIS A 109 -0.44 -12.30 13.58
N VAL A 110 -0.95 -11.26 13.05
CA VAL A 110 -0.13 -10.38 12.33
C VAL A 110 0.32 -9.30 13.24
N GLU A 111 0.08 -9.67 14.40
CA GLU A 111 0.53 -9.13 15.58
C GLU A 111 2.00 -9.34 15.65
N HIS A 112 2.39 -10.48 15.17
CA HIS A 112 3.77 -10.83 15.12
C HIS A 112 4.42 -10.20 13.96
N ALA A 113 3.63 -9.74 13.12
CA ALA A 113 4.03 -9.06 12.03
C ALA A 113 4.15 -7.62 12.36
N ARG A 114 3.36 -7.26 13.30
CA ARG A 114 3.33 -5.96 13.80
C ARG A 114 4.61 -5.80 14.65
N LYS A 115 5.18 -6.95 15.03
CA LYS A 115 6.24 -7.00 15.88
C LYS A 115 7.45 -7.29 15.05
N GLN A 116 7.27 -7.81 13.83
CA GLN A 116 8.43 -7.98 12.99
C GLN A 116 9.12 -6.66 12.59
N LEU A 117 8.42 -5.57 12.76
CA LEU A 117 8.96 -4.30 12.63
C LEU A 117 9.66 -3.91 13.93
N GLU A 118 9.38 -4.61 15.02
CA GLU A 118 10.07 -4.43 16.25
C GLU A 118 11.23 -5.41 16.27
N GLU A 119 11.43 -5.98 15.12
CA GLU A 119 12.59 -6.76 14.82
C GLU A 119 13.47 -5.87 14.03
N ALA A 120 12.80 -5.16 13.16
CA ALA A 120 13.38 -4.22 12.32
C ALA A 120 13.93 -3.06 13.07
N LYS A 121 13.10 -2.47 13.79
CA LYS A 121 13.36 -1.39 14.68
C LYS A 121 14.44 -1.65 15.58
N ALA A 122 14.28 -2.67 16.22
CA ALA A 122 15.21 -3.24 17.08
C ALA A 122 16.54 -3.59 16.42
N ARG A 123 16.58 -3.59 15.08
CA ARG A 123 17.77 -3.90 14.38
C ARG A 123 18.43 -2.64 14.01
N VAL A 124 17.58 -1.69 13.89
CA VAL A 124 17.94 -0.42 13.38
C VAL A 124 18.53 0.34 14.45
N GLN A 125 17.69 0.36 15.40
CA GLN A 125 17.75 0.76 16.75
C GLN A 125 18.75 1.85 17.22
N ALA A 126 19.41 2.45 16.32
CA ALA A 126 20.40 3.33 16.57
C ALA A 126 20.53 4.32 15.43
N GLN A 127 21.22 3.92 14.39
CA GLN A 127 21.40 4.62 13.28
C GLN A 127 20.53 4.10 12.18
N ARG A 128 20.05 5.00 11.38
CA ARG A 128 19.39 4.67 10.20
C ARG A 128 20.32 4.03 9.19
N ALA A 129 21.55 4.43 9.23
CA ALA A 129 22.53 3.88 8.42
C ALA A 129 22.71 2.39 8.63
N GLU A 130 22.35 1.67 7.62
CA GLU A 130 22.39 0.27 7.56
C GLU A 130 22.68 -0.07 6.12
N GLN A 131 21.80 -0.78 5.46
CA GLN A 131 21.93 -0.93 4.04
C GLN A 131 21.29 0.30 3.40
N GLN A 132 22.00 1.38 3.53
CA GLN A 132 21.59 2.64 3.02
C GLN A 132 22.21 2.92 1.68
N ALA A 133 21.79 3.99 1.13
CA ALA A 133 22.20 4.53 -0.10
C ALA A 133 21.81 5.95 0.05
N MET A 1 -18.62 22.03 0.28
CA MET A 1 -17.62 22.28 -0.77
C MET A 1 -16.26 22.47 -0.11
N GLY A 2 -15.23 22.58 -0.91
CA GLY A 2 -13.90 22.76 -0.41
C GLY A 2 -13.01 23.20 -1.53
N SER A 3 -11.95 23.87 -1.19
CA SER A 3 -11.01 24.37 -2.18
C SER A 3 -9.60 24.33 -1.59
N SER A 4 -9.34 25.26 -0.70
CA SER A 4 -8.11 25.31 0.07
C SER A 4 -8.40 24.73 1.45
N HIS A 5 -9.63 24.90 1.89
CA HIS A 5 -10.07 24.38 3.15
C HIS A 5 -10.97 23.20 2.85
N HIS A 6 -10.88 22.15 3.67
CA HIS A 6 -11.55 20.83 3.44
C HIS A 6 -10.78 20.06 2.38
N HIS A 7 -10.65 20.64 1.21
CA HIS A 7 -9.84 20.09 0.14
C HIS A 7 -8.39 20.55 0.40
N HIS A 8 -7.85 20.14 1.52
CA HIS A 8 -6.53 20.55 1.93
C HIS A 8 -5.52 19.45 1.60
N HIS A 9 -5.97 18.50 0.84
CA HIS A 9 -5.14 17.42 0.41
C HIS A 9 -4.81 17.69 -1.04
N HIS A 10 -3.55 17.65 -1.38
CA HIS A 10 -3.14 17.95 -2.74
C HIS A 10 -2.19 16.88 -3.22
N SER A 11 -2.66 16.05 -4.11
CA SER A 11 -1.94 14.91 -4.61
C SER A 11 -2.69 14.23 -5.73
N GLN A 12 -2.69 12.94 -5.75
CA GLN A 12 -3.14 12.20 -6.88
C GLN A 12 -4.14 11.17 -6.46
N ASP A 13 -4.90 11.60 -5.54
CA ASP A 13 -5.97 10.94 -4.94
C ASP A 13 -7.28 11.50 -5.56
N PRO A 14 -8.53 11.13 -5.04
CA PRO A 14 -9.80 11.58 -5.68
C PRO A 14 -9.97 13.09 -5.61
N MET A 15 -9.22 13.69 -4.73
CA MET A 15 -9.19 15.10 -4.57
C MET A 15 -8.64 15.79 -5.82
N GLU A 16 -7.79 15.08 -6.58
CA GLU A 16 -7.22 15.60 -7.82
C GLU A 16 -6.94 14.52 -8.85
N ASN A 17 -5.82 13.76 -8.65
CA ASN A 17 -5.27 12.81 -9.64
C ASN A 17 -5.06 13.57 -10.94
N GLN A 18 -4.51 14.71 -10.75
CA GLN A 18 -4.14 15.56 -11.78
C GLN A 18 -2.98 14.97 -12.63
N PRO A 19 -1.71 14.86 -12.13
CA PRO A 19 -0.69 14.06 -12.83
C PRO A 19 -0.98 12.57 -12.64
N LYS A 20 -0.74 11.78 -13.68
CA LYS A 20 -0.95 10.42 -13.70
C LYS A 20 -0.04 9.60 -12.80
N LEU A 21 -0.23 8.31 -12.89
CA LEU A 21 0.48 7.30 -12.18
C LEU A 21 1.92 7.21 -12.52
N ASN A 22 2.19 7.33 -13.78
CA ASN A 22 3.53 7.50 -14.33
C ASN A 22 4.40 6.31 -14.07
N SER A 23 3.73 5.21 -13.81
CA SER A 23 4.27 3.85 -13.79
C SER A 23 4.83 3.34 -12.47
N SER A 24 4.69 4.09 -11.36
CA SER A 24 5.14 3.52 -10.08
C SER A 24 4.52 4.17 -8.83
N LYS A 25 5.17 5.18 -8.32
CA LYS A 25 4.85 5.81 -7.09
C LYS A 25 3.49 6.34 -7.10
N GLU A 26 3.27 7.11 -8.06
CA GLU A 26 2.06 7.83 -8.24
C GLU A 26 0.87 6.88 -8.51
N VAL A 27 1.15 5.60 -8.72
CA VAL A 27 0.08 4.64 -8.88
C VAL A 27 -0.29 4.08 -7.59
N ILE A 28 0.59 4.18 -6.56
CA ILE A 28 0.19 3.85 -5.26
C ILE A 28 -0.84 4.79 -4.92
N ALA A 29 -0.60 5.96 -5.32
CA ALA A 29 -1.49 7.00 -5.19
C ALA A 29 -2.83 6.74 -5.84
N PHE A 30 -2.82 6.15 -7.03
CA PHE A 30 -4.03 5.75 -7.64
C PHE A 30 -4.62 4.67 -6.83
N LEU A 31 -3.79 3.70 -6.51
CA LEU A 31 -4.17 2.58 -5.76
C LEU A 31 -4.82 3.00 -4.51
N ALA A 32 -4.35 4.03 -4.00
CA ALA A 32 -4.82 4.56 -2.79
C ALA A 32 -6.05 5.38 -2.91
N GLU A 33 -6.28 5.95 -4.06
CA GLU A 33 -7.43 6.77 -4.23
C GLU A 33 -8.62 5.89 -4.43
N ARG A 34 -8.27 4.82 -5.00
CA ARG A 34 -9.05 3.77 -5.43
C ARG A 34 -9.31 2.82 -4.27
N PHE A 35 -8.28 2.54 -3.51
CA PHE A 35 -8.35 1.69 -2.37
C PHE A 35 -7.98 2.39 -1.05
N PRO A 36 -8.79 3.37 -0.57
CA PRO A 36 -8.64 4.04 0.76
C PRO A 36 -8.46 3.09 2.02
N HIS A 37 -8.33 1.80 1.82
CA HIS A 37 -8.08 0.87 2.89
C HIS A 37 -6.74 0.22 2.74
N CYS A 38 -6.53 -0.40 1.60
CA CYS A 38 -5.28 -0.96 1.22
C CYS A 38 -4.17 0.05 1.22
N PHE A 39 -4.37 1.06 0.46
CA PHE A 39 -3.39 1.98 0.17
C PHE A 39 -3.64 3.32 0.87
N SER A 40 -2.65 4.17 0.79
CA SER A 40 -2.68 5.47 1.42
C SER A 40 -2.69 6.60 0.45
N ALA A 41 -1.45 7.05 0.07
CA ALA A 41 -1.13 8.10 -0.94
C ALA A 41 -1.02 9.35 -0.15
N GLU A 42 -1.77 9.25 0.91
CA GLU A 42 -1.73 10.05 2.04
C GLU A 42 -0.46 9.83 2.70
N GLY A 43 -0.18 8.61 2.70
CA GLY A 43 0.86 8.11 3.36
C GLY A 43 1.79 7.42 2.45
N GLU A 44 3.03 7.45 2.83
CA GLU A 44 4.14 6.77 2.24
C GLU A 44 3.75 5.35 1.93
N ALA A 45 3.30 4.67 2.98
CA ALA A 45 2.84 3.34 2.89
C ALA A 45 2.10 2.99 4.14
N ARG A 46 1.61 1.79 4.16
CA ARG A 46 0.75 1.25 5.16
C ARG A 46 0.87 -0.26 4.91
N PRO A 47 0.75 -1.15 5.95
CA PRO A 47 0.87 -2.60 5.72
C PRO A 47 -0.08 -3.07 4.63
N LEU A 48 0.46 -3.80 3.70
CA LEU A 48 -0.21 -4.25 2.51
C LEU A 48 0.38 -5.63 2.19
N LYS A 49 -0.16 -6.40 1.26
CA LYS A 49 0.48 -7.59 0.88
C LYS A 49 1.19 -7.29 -0.41
N ILE A 50 1.67 -8.21 -1.05
CA ILE A 50 2.14 -8.01 -2.38
C ILE A 50 1.36 -8.76 -3.40
N GLY A 51 0.89 -9.86 -2.99
CA GLY A 51 0.06 -10.66 -3.86
C GLY A 51 -1.28 -10.01 -4.11
N ILE A 52 -1.62 -8.95 -3.32
CA ILE A 52 -2.70 -8.09 -3.58
C ILE A 52 -2.61 -7.54 -4.96
N PHE A 53 -1.42 -7.32 -5.44
CA PHE A 53 -1.21 -6.69 -6.67
C PHE A 53 -2.10 -7.29 -7.73
N GLN A 54 -2.15 -8.49 -7.71
CA GLN A 54 -2.97 -9.33 -8.53
C GLN A 54 -4.52 -8.99 -8.47
N ASP A 55 -4.81 -8.31 -7.50
CA ASP A 55 -6.18 -8.04 -7.05
C ASP A 55 -6.50 -6.75 -7.41
N LEU A 56 -5.51 -5.98 -7.31
CA LEU A 56 -5.49 -4.74 -7.83
C LEU A 56 -5.77 -4.90 -9.16
N VAL A 57 -4.95 -5.61 -9.78
CA VAL A 57 -4.92 -5.73 -11.20
C VAL A 57 -6.20 -6.22 -11.80
N ASP A 58 -6.96 -6.93 -10.97
CA ASP A 58 -8.34 -7.30 -11.29
C ASP A 58 -9.09 -6.05 -11.76
N ARG A 59 -8.83 -5.04 -10.96
CA ARG A 59 -9.38 -3.78 -10.95
C ARG A 59 -8.50 -2.75 -11.65
N VAL A 60 -7.37 -2.47 -11.01
CA VAL A 60 -6.56 -1.31 -11.25
C VAL A 60 -5.91 -1.13 -12.66
N ALA A 61 -5.53 -2.21 -13.10
CA ALA A 61 -4.49 -2.44 -14.01
C ALA A 61 -4.40 -1.79 -15.30
N GLY A 62 -5.33 -1.18 -15.69
CA GLY A 62 -5.18 -0.28 -16.72
C GLY A 62 -6.29 0.67 -16.78
N GLU A 63 -6.77 0.96 -15.64
CA GLU A 63 -7.83 1.91 -15.41
C GLU A 63 -7.52 3.24 -16.04
N MET A 64 -6.41 3.78 -15.65
CA MET A 64 -5.98 4.98 -16.20
C MET A 64 -4.70 4.80 -16.86
N ASN A 65 -3.80 4.48 -16.05
CA ASN A 65 -2.49 4.45 -16.36
C ASN A 65 -1.73 3.25 -15.86
N LEU A 66 -2.22 2.08 -16.02
CA LEU A 66 -1.49 0.92 -15.59
C LEU A 66 -1.38 -0.10 -16.68
N SER A 67 -0.39 -0.88 -16.51
CA SER A 67 -0.05 -1.95 -17.36
C SER A 67 0.37 -3.14 -16.45
N LYS A 68 -0.29 -3.24 -15.28
CA LYS A 68 -0.02 -4.21 -14.15
C LYS A 68 1.40 -4.13 -13.64
N THR A 69 2.36 -4.21 -14.46
CA THR A 69 3.66 -4.40 -14.00
C THR A 69 4.27 -3.12 -13.52
N GLN A 70 3.73 -2.06 -13.98
CA GLN A 70 4.14 -0.78 -13.52
C GLN A 70 3.52 -0.57 -12.14
N LEU A 71 2.46 -1.28 -11.92
CA LEU A 71 1.70 -1.28 -10.72
C LEU A 71 2.36 -2.21 -9.73
N ARG A 72 2.86 -3.34 -10.19
CA ARG A 72 3.46 -4.31 -9.26
C ARG A 72 4.75 -3.74 -8.70
N SER A 73 5.18 -2.74 -9.38
CA SER A 73 6.35 -2.06 -9.15
C SER A 73 6.11 -0.91 -8.23
N ALA A 74 4.89 -0.60 -8.15
CA ALA A 74 4.41 0.40 -7.20
C ALA A 74 4.29 -0.30 -5.89
N LEU A 75 4.11 -1.52 -6.07
CA LEU A 75 3.83 -2.48 -5.12
C LEU A 75 5.13 -3.26 -4.85
N ARG A 76 6.18 -2.47 -4.94
CA ARG A 76 7.60 -2.72 -4.74
C ARG A 76 8.15 -1.50 -4.11
N LEU A 77 7.77 -0.43 -4.72
CA LEU A 77 8.19 0.91 -4.40
C LEU A 77 7.83 1.27 -3.02
N TYR A 78 6.55 1.37 -2.84
CA TYR A 78 6.04 1.85 -1.62
C TYR A 78 6.07 0.73 -0.61
N THR A 79 6.23 -0.48 -1.13
CA THR A 79 6.32 -1.65 -0.25
C THR A 79 7.73 -1.80 0.30
N SER A 80 8.61 -0.99 -0.18
CA SER A 80 9.92 -0.88 0.38
C SER A 80 9.91 0.18 1.46
N SER A 81 8.73 0.77 1.73
CA SER A 81 8.63 1.68 2.81
C SER A 81 8.54 0.92 4.07
N TRP A 82 8.93 1.53 5.12
CA TRP A 82 8.95 0.86 6.41
C TRP A 82 7.62 0.72 6.90
N ARG A 83 6.92 1.78 6.87
CA ARG A 83 5.58 1.86 7.37
C ARG A 83 4.62 1.01 6.63
N TYR A 84 5.13 0.47 5.58
CA TYR A 84 4.54 -0.61 4.93
C TYR A 84 4.68 -1.84 5.85
N LEU A 85 5.92 -2.29 6.04
CA LEU A 85 6.23 -3.55 6.77
C LEU A 85 6.15 -3.56 8.24
N TYR A 86 5.49 -2.64 8.75
CA TYR A 86 5.26 -2.50 10.15
C TYR A 86 4.43 -3.69 10.62
N GLY A 87 3.81 -4.29 9.64
CA GLY A 87 3.02 -5.44 9.76
C GLY A 87 2.70 -5.94 8.44
N VAL A 88 3.60 -6.71 7.80
CA VAL A 88 3.26 -7.21 6.45
C VAL A 88 3.43 -8.72 6.18
N LYS A 89 4.19 -9.38 6.99
CA LYS A 89 4.70 -10.74 6.61
C LYS A 89 3.63 -11.72 6.12
N PRO A 90 2.67 -12.09 6.93
CA PRO A 90 1.52 -12.77 6.45
C PRO A 90 0.34 -11.82 6.20
N GLY A 91 -0.77 -11.99 6.92
CA GLY A 91 -1.97 -11.25 6.67
C GLY A 91 -2.00 -9.94 7.36
N ALA A 92 -0.88 -9.56 7.53
CA ALA A 92 -0.44 -8.36 8.18
C ALA A 92 -0.78 -7.21 7.37
N THR A 93 -0.80 -7.47 6.13
CA THR A 93 -1.31 -6.62 5.13
C THR A 93 -2.60 -5.99 5.58
N ARG A 94 -3.40 -6.84 6.19
CA ARG A 94 -4.71 -6.58 6.60
C ARG A 94 -5.63 -6.36 5.42
N VAL A 95 -5.09 -6.37 4.21
CA VAL A 95 -5.83 -6.11 3.04
C VAL A 95 -5.44 -6.98 1.79
N ASP A 96 -6.38 -6.99 1.06
CA ASP A 96 -6.56 -7.29 -0.29
C ASP A 96 -7.36 -6.05 -0.57
N LEU A 97 -7.70 -5.76 -1.69
CA LEU A 97 -8.35 -4.60 -1.90
C LEU A 97 -9.81 -4.44 -1.46
N ASP A 98 -10.19 -5.28 -0.52
CA ASP A 98 -11.40 -5.17 0.23
C ASP A 98 -10.95 -4.67 1.59
N GLY A 99 -9.95 -5.38 2.12
CA GLY A 99 -9.43 -5.12 3.43
C GLY A 99 -9.44 -6.38 4.33
N ASN A 100 -9.18 -7.51 3.69
CA ASN A 100 -8.98 -8.84 4.25
C ASN A 100 -7.53 -8.97 4.30
N PRO A 101 -6.91 -9.69 5.21
CA PRO A 101 -5.43 -9.70 5.44
C PRO A 101 -4.75 -10.47 4.40
N CYS A 102 -4.92 -9.99 3.17
CA CYS A 102 -4.73 -10.73 1.93
C CYS A 102 -5.59 -12.03 2.01
N GLY A 103 -6.45 -12.00 3.06
CA GLY A 103 -7.42 -13.01 3.47
C GLY A 103 -6.75 -14.21 4.01
N GLU A 104 -5.56 -13.96 4.26
CA GLU A 104 -4.58 -14.87 4.67
C GLU A 104 -4.49 -15.03 6.19
N LEU A 105 -4.59 -13.95 6.95
CA LEU A 105 -4.41 -14.10 8.32
C LEU A 105 -5.51 -13.44 9.18
N ASP A 106 -5.49 -13.84 10.41
CA ASP A 106 -6.13 -13.28 11.57
C ASP A 106 -5.39 -11.94 11.87
N GLU A 107 -5.20 -11.62 13.07
CA GLU A 107 -4.38 -10.51 13.44
C GLU A 107 -3.56 -10.71 14.70
N GLN A 108 -3.61 -11.89 15.21
CA GLN A 108 -2.78 -12.29 16.27
C GLN A 108 -1.75 -13.11 15.65
N HIS A 109 -1.76 -13.12 14.34
CA HIS A 109 -0.72 -13.77 13.72
C HIS A 109 0.05 -12.86 12.90
N VAL A 110 -0.60 -11.83 12.54
CA VAL A 110 0.07 -10.78 11.89
C VAL A 110 0.51 -9.81 12.87
N GLU A 111 0.31 -10.26 14.00
CA GLU A 111 0.71 -9.74 15.21
C GLU A 111 2.19 -9.89 15.31
N HIS A 112 2.66 -10.92 14.68
CA HIS A 112 4.04 -11.19 14.66
C HIS A 112 4.69 -10.49 13.52
N ALA A 113 3.90 -9.99 12.71
CA ALA A 113 4.29 -9.22 11.65
C ALA A 113 4.35 -7.83 12.12
N ARG A 114 3.46 -7.57 12.99
CA ARG A 114 3.35 -6.38 13.70
C ARG A 114 4.64 -6.23 14.55
N LYS A 115 5.31 -7.36 14.83
CA LYS A 115 6.37 -7.36 15.69
C LYS A 115 7.59 -7.60 14.87
N GLN A 116 7.41 -8.01 13.60
CA GLN A 116 8.58 -8.11 12.79
C GLN A 116 9.21 -6.73 12.45
N LEU A 117 8.46 -5.68 12.66
CA LEU A 117 8.94 -4.39 12.61
C LEU A 117 9.55 -4.04 13.95
N GLU A 118 9.30 -4.84 14.97
CA GLU A 118 9.92 -4.66 16.24
C GLU A 118 11.20 -5.50 16.24
N GLU A 119 11.49 -6.02 15.09
CA GLU A 119 12.71 -6.68 14.81
C GLU A 119 13.57 -5.62 14.20
N ALA A 120 12.90 -4.89 13.33
CA ALA A 120 13.44 -3.85 12.60
C ALA A 120 13.76 -2.67 13.44
N LYS A 121 12.82 -2.21 14.10
CA LYS A 121 12.87 -1.15 15.04
C LYS A 121 13.90 -1.30 16.02
N ALA A 122 13.81 -2.35 16.64
CA ALA A 122 14.72 -2.82 17.58
C ALA A 122 16.12 -3.02 17.02
N ARG A 123 16.26 -2.98 15.71
CA ARG A 123 17.54 -3.12 15.12
C ARG A 123 18.10 -1.77 14.93
N VAL A 124 17.18 -0.90 14.79
CA VAL A 124 17.46 0.43 14.38
C VAL A 124 17.80 1.22 15.55
N GLN A 125 16.84 1.13 16.35
CA GLN A 125 16.67 1.53 17.68
C GLN A 125 17.50 2.70 18.27
N ALA A 126 18.76 2.68 18.06
CA ALA A 126 19.66 3.56 18.57
C ALA A 126 19.94 4.68 17.57
N GLN A 127 20.90 4.47 16.71
CA GLN A 127 21.25 5.29 15.73
C GLN A 127 20.59 4.84 14.47
N ARG A 128 20.01 5.79 13.75
CA ARG A 128 19.41 5.51 12.52
C ARG A 128 20.28 4.83 11.50
N ALA A 129 21.56 5.04 11.62
CA ALA A 129 22.51 4.41 10.79
C ALA A 129 22.47 2.90 10.92
N GLU A 130 22.04 2.29 9.86
CA GLU A 130 21.83 0.87 9.76
C GLU A 130 21.69 0.49 8.31
N GLN A 131 20.82 1.18 7.63
CA GLN A 131 20.73 1.05 6.17
C GLN A 131 20.78 2.44 5.55
N GLN A 132 21.39 3.34 6.30
CA GLN A 132 21.55 4.71 5.92
C GLN A 132 22.72 4.87 5.01
N ALA A 133 23.80 4.43 5.54
CA ALA A 133 25.09 4.44 4.98
C ALA A 133 25.86 3.60 5.93
N MET A 1 -3.47 21.45 7.59
CA MET A 1 -2.59 20.68 8.47
C MET A 1 -3.43 20.20 9.63
N GLY A 2 -3.01 19.14 10.28
CA GLY A 2 -3.77 18.60 11.39
C GLY A 2 -4.93 17.78 10.90
N SER A 3 -6.12 18.15 11.31
CA SER A 3 -7.36 17.44 10.98
C SER A 3 -7.81 17.65 9.51
N SER A 4 -6.85 17.69 8.60
CA SER A 4 -7.12 17.89 7.19
C SER A 4 -7.47 16.56 6.51
N HIS A 5 -7.37 15.48 7.26
CA HIS A 5 -7.70 14.15 6.76
C HIS A 5 -9.23 13.98 6.87
N HIS A 6 -9.96 14.87 6.22
CA HIS A 6 -11.42 14.94 6.33
C HIS A 6 -12.10 13.78 5.57
N HIS A 7 -11.34 13.06 4.80
CA HIS A 7 -11.85 11.86 4.18
C HIS A 7 -11.74 10.76 5.24
N HIS A 8 -12.88 10.20 5.67
CA HIS A 8 -12.90 9.24 6.80
C HIS A 8 -12.10 7.95 6.49
N HIS A 9 -12.14 7.50 5.25
CA HIS A 9 -11.27 6.42 4.80
C HIS A 9 -11.13 6.53 3.30
N HIS A 10 -10.08 7.18 2.92
CA HIS A 10 -9.69 7.50 1.56
C HIS A 10 -8.50 8.40 1.77
N SER A 11 -7.64 8.46 0.81
CA SER A 11 -6.40 9.19 0.91
C SER A 11 -6.60 10.70 1.00
N GLN A 12 -5.55 11.38 0.77
CA GLN A 12 -5.44 12.76 0.97
C GLN A 12 -5.28 13.42 -0.35
N ASP A 13 -5.85 12.76 -1.28
CA ASP A 13 -5.98 13.13 -2.58
C ASP A 13 -7.18 14.10 -2.66
N PRO A 14 -7.49 14.64 -3.83
CA PRO A 14 -8.65 15.51 -4.02
C PRO A 14 -9.96 14.69 -4.02
N MET A 15 -10.81 14.91 -5.00
CA MET A 15 -11.99 14.15 -5.15
C MET A 15 -11.95 13.47 -6.50
N GLU A 16 -10.74 13.40 -7.01
CA GLU A 16 -10.39 12.88 -8.30
C GLU A 16 -8.88 12.90 -8.33
N ASN A 17 -8.25 12.74 -9.47
CA ASN A 17 -6.83 12.72 -9.52
C ASN A 17 -6.38 13.06 -10.90
N GLN A 18 -6.06 14.26 -11.01
CA GLN A 18 -5.56 14.92 -12.14
C GLN A 18 -4.19 14.37 -12.67
N PRO A 19 -3.08 14.45 -11.90
CA PRO A 19 -1.82 13.79 -12.29
C PRO A 19 -1.93 12.27 -12.41
N LYS A 20 -1.73 11.78 -13.64
CA LYS A 20 -1.66 10.45 -13.92
C LYS A 20 -0.44 9.77 -13.31
N LEU A 21 -0.55 8.47 -13.16
CA LEU A 21 0.38 7.61 -12.51
C LEU A 21 1.76 7.60 -13.10
N ASN A 22 1.82 7.21 -14.35
CA ASN A 22 3.02 7.25 -15.18
C ASN A 22 4.03 6.21 -14.75
N SER A 23 3.52 5.27 -13.98
CA SER A 23 4.19 4.05 -13.53
C SER A 23 4.89 4.18 -12.17
N SER A 24 4.67 3.17 -11.36
CA SER A 24 5.22 2.95 -10.05
C SER A 24 4.67 3.85 -8.91
N LYS A 25 5.45 4.80 -8.46
CA LYS A 25 5.20 5.56 -7.31
C LYS A 25 3.84 6.16 -7.27
N GLU A 26 3.61 7.01 -8.20
CA GLU A 26 2.39 7.75 -8.25
C GLU A 26 1.14 6.85 -8.49
N VAL A 27 1.35 5.57 -8.71
CA VAL A 27 0.25 4.66 -8.85
C VAL A 27 -0.07 4.07 -7.54
N ILE A 28 0.85 4.14 -6.56
CA ILE A 28 0.50 3.81 -5.23
C ILE A 28 -0.50 4.75 -4.83
N ALA A 29 -0.25 5.92 -5.25
CA ALA A 29 -1.11 6.97 -5.06
C ALA A 29 -2.47 6.74 -5.68
N PHE A 30 -2.51 6.17 -6.88
CA PHE A 30 -3.74 5.78 -7.45
C PHE A 30 -4.33 4.70 -6.62
N LEU A 31 -3.51 3.74 -6.33
CA LEU A 31 -3.89 2.61 -5.56
C LEU A 31 -4.49 3.04 -4.29
N ALA A 32 -4.00 4.07 -3.80
CA ALA A 32 -4.44 4.62 -2.57
C ALA A 32 -5.67 5.47 -2.66
N GLU A 33 -5.90 6.03 -3.79
CA GLU A 33 -7.05 6.86 -3.96
C GLU A 33 -8.25 5.95 -4.13
N ARG A 34 -7.91 4.91 -4.74
CA ARG A 34 -8.71 3.86 -5.18
C ARG A 34 -8.96 2.84 -4.09
N PHE A 35 -7.95 2.55 -3.32
CA PHE A 35 -8.06 1.62 -2.22
C PHE A 35 -7.97 2.21 -0.82
N PRO A 36 -9.08 2.83 -0.34
CA PRO A 36 -9.27 3.27 1.06
C PRO A 36 -9.07 2.17 2.17
N HIS A 37 -8.18 1.23 1.96
CA HIS A 37 -7.79 0.28 3.00
C HIS A 37 -6.35 0.00 2.82
N CYS A 38 -6.08 -0.52 1.69
CA CYS A 38 -4.80 -0.95 1.31
C CYS A 38 -3.77 0.13 1.34
N PHE A 39 -4.00 1.11 0.59
CA PHE A 39 -2.99 1.98 0.23
C PHE A 39 -3.10 3.33 0.90
N SER A 40 -1.95 3.98 1.02
CA SER A 40 -1.84 5.29 1.61
C SER A 40 -1.94 6.39 0.61
N ALA A 41 -0.75 6.89 0.17
CA ALA A 41 -0.46 7.97 -0.82
C ALA A 41 -0.29 9.19 0.00
N GLU A 42 -0.98 9.05 1.08
CA GLU A 42 -1.00 9.79 2.24
C GLU A 42 0.28 9.71 2.88
N GLY A 43 0.69 8.54 2.84
CA GLY A 43 1.75 8.13 3.56
C GLY A 43 2.68 7.30 2.76
N GLU A 44 3.85 7.06 3.34
CA GLU A 44 4.92 6.23 2.84
C GLU A 44 4.35 4.94 2.25
N ALA A 45 3.60 4.22 3.09
CA ALA A 45 2.98 2.98 2.72
C ALA A 45 2.06 2.55 3.85
N ARG A 46 1.68 1.31 3.86
CA ARG A 46 0.84 0.73 4.85
C ARG A 46 1.13 -0.74 4.71
N PRO A 47 0.94 -1.60 5.74
CA PRO A 47 1.10 -3.04 5.53
C PRO A 47 0.20 -3.50 4.39
N LEU A 48 0.77 -4.28 3.53
CA LEU A 48 0.17 -4.71 2.33
C LEU A 48 0.74 -6.09 2.00
N LYS A 49 0.18 -6.83 1.06
CA LYS A 49 0.79 -8.01 0.65
C LYS A 49 1.45 -7.71 -0.66
N ILE A 50 1.99 -8.63 -1.27
CA ILE A 50 2.49 -8.41 -2.59
C ILE A 50 1.69 -9.02 -3.70
N GLY A 51 1.12 -10.12 -3.40
CA GLY A 51 0.28 -10.81 -4.34
C GLY A 51 -1.03 -10.08 -4.56
N ILE A 52 -1.38 -9.12 -3.66
CA ILE A 52 -2.46 -8.21 -3.85
C ILE A 52 -2.47 -7.63 -5.23
N PHE A 53 -1.30 -7.33 -5.76
CA PHE A 53 -1.15 -6.66 -6.95
C PHE A 53 -2.09 -7.21 -7.99
N GLN A 54 -2.13 -8.41 -8.04
CA GLN A 54 -3.00 -9.21 -8.87
C GLN A 54 -4.54 -8.89 -8.72
N ASP A 55 -4.80 -8.24 -7.74
CA ASP A 55 -6.16 -8.00 -7.26
C ASP A 55 -6.50 -6.73 -7.59
N LEU A 56 -5.53 -5.94 -7.37
CA LEU A 56 -5.49 -4.69 -7.79
C LEU A 56 -5.79 -4.76 -9.13
N VAL A 57 -5.00 -5.43 -9.81
CA VAL A 57 -5.02 -5.45 -11.24
C VAL A 57 -6.27 -5.92 -11.87
N ASP A 58 -7.05 -6.65 -11.11
CA ASP A 58 -8.38 -7.00 -11.56
C ASP A 58 -9.15 -5.69 -11.78
N ARG A 59 -8.91 -4.87 -10.80
CA ARG A 59 -9.54 -3.68 -10.48
C ARG A 59 -8.84 -2.46 -11.03
N VAL A 60 -7.64 -2.24 -10.54
CA VAL A 60 -6.90 -1.05 -10.70
C VAL A 60 -6.56 -0.60 -12.05
N ALA A 61 -6.06 -1.52 -12.75
CA ALA A 61 -5.16 -1.28 -13.75
C ALA A 61 -5.39 -0.21 -14.72
N GLY A 62 -5.95 -0.55 -15.68
CA GLY A 62 -6.00 0.33 -16.78
C GLY A 62 -7.21 1.16 -16.82
N GLU A 63 -7.53 1.55 -15.67
CA GLU A 63 -8.51 2.50 -15.39
C GLU A 63 -8.07 3.83 -15.93
N MET A 64 -6.88 4.22 -15.50
CA MET A 64 -6.31 5.41 -15.93
C MET A 64 -5.09 5.15 -16.69
N ASN A 65 -4.16 4.69 -15.97
CA ASN A 65 -2.89 4.58 -16.39
C ASN A 65 -2.13 3.37 -15.87
N LEU A 66 -2.57 2.18 -16.07
CA LEU A 66 -1.81 0.98 -15.67
C LEU A 66 -1.95 -0.16 -16.65
N SER A 67 -0.85 -0.78 -16.83
CA SER A 67 -0.66 -1.94 -17.64
C SER A 67 -0.23 -3.14 -16.70
N LYS A 68 -0.70 -3.07 -15.45
CA LYS A 68 -0.37 -3.98 -14.31
C LYS A 68 1.06 -3.86 -13.90
N THR A 69 1.98 -4.00 -14.79
CA THR A 69 3.32 -4.14 -14.40
C THR A 69 3.92 -2.84 -13.93
N GLN A 70 3.36 -1.80 -14.43
CA GLN A 70 3.73 -0.47 -14.04
C GLN A 70 3.07 -0.12 -12.70
N LEU A 71 2.30 -1.05 -12.21
CA LEU A 71 1.65 -1.02 -10.94
C LEU A 71 2.36 -2.01 -10.04
N ARG A 72 2.77 -3.14 -10.56
CA ARG A 72 3.39 -4.13 -9.71
C ARG A 72 4.68 -3.59 -9.15
N SER A 73 5.18 -2.64 -9.84
CA SER A 73 6.36 -2.02 -9.55
C SER A 73 6.19 -1.06 -8.44
N ALA A 74 5.01 -0.59 -8.37
CA ALA A 74 4.57 0.33 -7.33
C ALA A 74 4.47 -0.43 -6.07
N LEU A 75 4.31 -1.63 -6.29
CA LEU A 75 3.96 -2.54 -5.36
C LEU A 75 5.14 -3.41 -4.94
N ARG A 76 6.31 -3.04 -5.43
CA ARG A 76 7.61 -3.44 -4.89
C ARG A 76 8.27 -2.18 -4.36
N LEU A 77 7.79 -1.06 -4.87
CA LEU A 77 8.32 0.26 -4.59
C LEU A 77 8.01 0.66 -3.21
N TYR A 78 6.74 0.87 -2.98
CA TYR A 78 6.31 1.40 -1.74
C TYR A 78 6.31 0.28 -0.72
N THR A 79 6.50 -0.94 -1.22
CA THR A 79 6.57 -2.10 -0.35
C THR A 79 7.96 -2.27 0.20
N SER A 80 8.87 -1.50 -0.32
CA SER A 80 10.19 -1.41 0.21
C SER A 80 10.21 -0.29 1.27
N SER A 81 9.04 0.29 1.54
CA SER A 81 8.92 1.24 2.58
C SER A 81 8.89 0.50 3.88
N TRP A 82 9.17 1.19 4.92
CA TRP A 82 9.19 0.61 6.24
C TRP A 82 7.85 0.57 6.70
N ARG A 83 7.21 1.68 6.57
CA ARG A 83 5.83 1.86 6.98
C ARG A 83 4.88 0.86 6.35
N TYR A 84 5.35 0.28 5.32
CA TYR A 84 4.79 -0.87 4.76
C TYR A 84 4.87 -2.02 5.79
N LEU A 85 6.08 -2.46 6.07
CA LEU A 85 6.33 -3.62 6.94
C LEU A 85 6.22 -3.42 8.40
N TYR A 86 5.51 -2.49 8.77
CA TYR A 86 5.21 -2.22 10.13
C TYR A 86 4.34 -3.37 10.66
N GLY A 87 3.86 -4.12 9.71
CA GLY A 87 3.13 -5.30 9.90
C GLY A 87 2.86 -5.94 8.65
N VAL A 88 3.86 -6.53 8.03
CA VAL A 88 3.71 -7.27 6.81
C VAL A 88 4.68 -8.46 6.86
N LYS A 89 4.16 -9.65 6.76
CA LYS A 89 4.87 -10.91 6.53
C LYS A 89 3.83 -11.93 6.10
N PRO A 90 2.88 -12.34 6.98
CA PRO A 90 1.73 -13.04 6.53
C PRO A 90 0.59 -12.04 6.27
N GLY A 91 -0.57 -12.21 6.91
CA GLY A 91 -1.74 -11.43 6.64
C GLY A 91 -1.74 -10.10 7.32
N ALA A 92 -0.62 -9.76 7.52
CA ALA A 92 -0.15 -8.56 8.10
C ALA A 92 -0.52 -7.40 7.26
N THR A 93 -0.55 -7.69 6.03
CA THR A 93 -1.08 -6.86 4.99
C THR A 93 -2.37 -6.18 5.43
N ARG A 94 -3.22 -6.98 6.05
CA ARG A 94 -4.53 -6.64 6.39
C ARG A 94 -5.38 -6.29 5.19
N VAL A 95 -4.89 -6.51 3.95
CA VAL A 95 -5.64 -6.20 2.77
C VAL A 95 -5.35 -7.13 1.53
N ASP A 96 -6.38 -7.20 0.84
CA ASP A 96 -6.61 -7.75 -0.52
C ASP A 96 -7.47 -6.71 -1.20
N LEU A 97 -7.08 -5.48 -0.94
CA LEU A 97 -7.68 -4.30 -1.30
C LEU A 97 -9.07 -3.99 -0.75
N ASP A 98 -9.76 -5.01 -0.27
CA ASP A 98 -10.97 -4.86 0.45
C ASP A 98 -10.54 -4.63 1.85
N GLY A 99 -9.53 -5.37 2.22
CA GLY A 99 -8.96 -5.17 3.47
C GLY A 99 -9.04 -6.39 4.37
N ASN A 100 -8.85 -7.53 3.77
CA ASN A 100 -8.69 -8.83 4.37
C ASN A 100 -7.25 -9.04 4.32
N PRO A 101 -6.65 -9.77 5.21
CA PRO A 101 -5.17 -9.83 5.40
C PRO A 101 -4.53 -10.64 4.35
N CYS A 102 -4.73 -10.18 3.13
CA CYS A 102 -4.54 -10.95 1.90
C CYS A 102 -5.41 -12.25 2.00
N GLY A 103 -6.24 -12.21 3.07
CA GLY A 103 -7.20 -13.21 3.51
C GLY A 103 -6.52 -14.42 4.01
N GLU A 104 -5.34 -14.18 4.27
CA GLU A 104 -4.35 -15.09 4.66
C GLU A 104 -4.28 -15.24 6.18
N LEU A 105 -4.40 -14.14 6.92
CA LEU A 105 -4.30 -14.26 8.30
C LEU A 105 -5.44 -13.53 9.02
N ASP A 106 -5.47 -13.73 10.28
CA ASP A 106 -6.19 -13.04 11.33
C ASP A 106 -5.36 -11.73 11.55
N GLU A 107 -5.26 -11.27 12.71
CA GLU A 107 -4.33 -10.21 13.00
C GLU A 107 -3.54 -10.46 14.26
N GLN A 108 -3.84 -11.54 14.90
CA GLN A 108 -3.18 -11.94 16.07
C GLN A 108 -2.16 -12.88 15.66
N HIS A 109 -1.99 -12.96 14.36
CA HIS A 109 -0.91 -13.69 13.91
C HIS A 109 -0.07 -12.85 13.06
N VAL A 110 -0.66 -11.83 12.60
CA VAL A 110 0.08 -10.84 11.95
C VAL A 110 0.39 -9.78 12.91
N GLU A 111 0.15 -10.21 14.05
CA GLU A 111 0.48 -9.66 15.27
C GLU A 111 1.95 -9.69 15.41
N HIS A 112 2.50 -10.76 14.97
CA HIS A 112 3.92 -10.95 15.01
C HIS A 112 4.55 -10.21 13.91
N ALA A 113 3.77 -9.86 13.00
CA ALA A 113 4.18 -9.11 11.95
C ALA A 113 4.11 -7.67 12.30
N ARG A 114 3.18 -7.41 13.14
CA ARG A 114 2.90 -6.12 13.64
C ARG A 114 4.02 -5.76 14.61
N LYS A 115 4.77 -6.79 15.00
CA LYS A 115 5.74 -6.71 15.92
C LYS A 115 7.04 -6.91 15.19
N GLN A 116 7.05 -7.53 14.01
CA GLN A 116 8.32 -7.66 13.34
C GLN A 116 8.98 -6.31 12.95
N LEU A 117 8.21 -5.25 12.97
CA LEU A 117 8.71 -3.96 12.86
C LEU A 117 9.19 -3.47 14.22
N GLU A 118 8.72 -4.05 15.28
CA GLU A 118 9.17 -3.76 16.59
C GLU A 118 10.29 -4.76 16.91
N GLU A 119 10.77 -5.32 15.83
CA GLU A 119 11.96 -6.09 15.77
C GLU A 119 12.93 -5.25 15.03
N ALA A 120 12.39 -4.63 13.99
CA ALA A 120 13.08 -3.75 13.15
C ALA A 120 13.49 -2.52 13.85
N LYS A 121 12.56 -1.89 14.39
CA LYS A 121 12.66 -0.74 15.21
C LYS A 121 13.56 -0.93 16.30
N ALA A 122 13.28 -1.90 16.99
CA ALA A 122 14.02 -2.39 18.06
C ALA A 122 15.45 -2.76 17.68
N ARG A 123 15.73 -2.87 16.39
CA ARG A 123 17.03 -3.19 15.95
C ARG A 123 17.75 -1.92 15.70
N VAL A 124 16.95 -0.98 15.37
CA VAL A 124 17.40 0.25 14.83
C VAL A 124 17.74 1.14 15.92
N GLN A 125 16.72 1.25 16.63
CA GLN A 125 16.51 1.83 17.87
C GLN A 125 17.43 2.95 18.38
N ALA A 126 18.68 2.70 18.40
CA ALA A 126 19.65 3.50 18.88
C ALA A 126 20.03 4.62 17.93
N GLN A 127 20.77 4.27 16.90
CA GLN A 127 21.22 5.10 15.98
C GLN A 127 20.35 5.11 14.76
N ARG A 128 19.84 6.26 14.45
CA ARG A 128 19.12 6.48 13.28
C ARG A 128 19.98 6.60 12.05
N ALA A 129 21.22 6.75 12.29
CA ALA A 129 22.25 6.77 11.31
C ALA A 129 22.14 5.63 10.29
N GLU A 130 22.09 6.02 9.03
CA GLU A 130 21.92 5.14 7.91
C GLU A 130 22.24 5.94 6.67
N GLN A 131 21.25 6.48 5.99
CA GLN A 131 21.56 7.44 5.01
C GLN A 131 21.56 8.77 5.70
N GLN A 132 22.70 9.13 6.16
CA GLN A 132 22.90 10.34 6.85
C GLN A 132 23.91 11.17 6.10
N ALA A 133 23.73 11.16 4.81
CA ALA A 133 24.51 11.85 3.85
C ALA A 133 23.58 12.07 2.68
N MET A 1 0.11 8.63 -19.35
CA MET A 1 -1.34 8.83 -19.24
C MET A 1 -2.00 8.15 -20.39
N GLY A 2 -3.07 7.44 -20.12
CA GLY A 2 -3.83 6.78 -21.17
C GLY A 2 -5.19 6.47 -20.64
N SER A 3 -5.74 7.43 -19.94
CA SER A 3 -6.97 7.27 -19.24
C SER A 3 -8.18 7.28 -20.17
N SER A 4 -8.50 6.11 -20.66
CA SER A 4 -9.67 5.90 -21.48
C SER A 4 -10.91 6.08 -20.62
N HIS A 5 -10.81 5.61 -19.40
CA HIS A 5 -11.88 5.67 -18.43
C HIS A 5 -11.76 6.97 -17.64
N HIS A 6 -11.57 8.07 -18.38
CA HIS A 6 -11.35 9.41 -17.81
C HIS A 6 -12.60 10.02 -17.15
N HIS A 7 -12.92 9.45 -16.02
CA HIS A 7 -13.96 9.85 -15.08
C HIS A 7 -13.53 9.24 -13.76
N HIS A 8 -12.22 9.27 -13.55
CA HIS A 8 -11.64 8.54 -12.45
C HIS A 8 -11.76 9.21 -11.11
N HIS A 9 -12.85 8.98 -10.46
CA HIS A 9 -12.94 9.26 -9.07
C HIS A 9 -13.78 8.17 -8.47
N HIS A 10 -13.28 6.95 -8.63
CA HIS A 10 -13.89 5.74 -8.08
C HIS A 10 -13.13 5.46 -6.81
N SER A 11 -12.78 6.52 -6.17
CA SER A 11 -11.89 6.51 -5.10
C SER A 11 -12.48 7.24 -3.94
N GLN A 12 -11.83 7.08 -2.83
CA GLN A 12 -12.32 7.51 -1.55
C GLN A 12 -11.14 8.07 -0.82
N ASP A 13 -10.37 8.77 -1.57
CA ASP A 13 -9.17 9.33 -1.23
C ASP A 13 -9.29 10.34 -0.09
N PRO A 14 -8.45 10.19 0.97
CA PRO A 14 -8.58 10.94 2.19
C PRO A 14 -7.70 12.21 2.33
N MET A 15 -6.42 12.05 2.70
CA MET A 15 -5.57 13.18 2.97
C MET A 15 -5.13 13.92 1.74
N GLU A 16 -4.80 13.20 0.68
CA GLU A 16 -4.28 13.83 -0.50
C GLU A 16 -4.50 12.92 -1.70
N ASN A 17 -4.04 13.35 -2.85
CA ASN A 17 -4.15 12.59 -4.08
C ASN A 17 -3.24 13.19 -5.13
N GLN A 18 -2.07 12.70 -5.12
CA GLN A 18 -1.01 12.93 -6.01
C GLN A 18 -1.41 12.84 -7.49
N PRO A 19 -0.68 13.60 -8.36
CA PRO A 19 -0.86 13.56 -9.80
C PRO A 19 -0.66 12.14 -10.31
N LYS A 20 -1.37 11.81 -11.37
CA LYS A 20 -1.34 10.58 -11.94
C LYS A 20 0.02 10.03 -12.30
N LEU A 21 -0.08 8.81 -12.29
CA LEU A 21 0.79 7.75 -12.31
C LEU A 21 1.91 7.82 -13.25
N ASN A 22 1.68 7.18 -14.38
CA ASN A 22 2.63 7.02 -15.41
C ASN A 22 3.71 6.04 -14.96
N SER A 23 3.33 5.26 -13.87
CA SER A 23 4.12 4.10 -13.33
C SER A 23 4.69 4.23 -11.91
N SER A 24 4.63 3.10 -11.22
CA SER A 24 5.15 2.83 -9.89
C SER A 24 4.67 3.74 -8.72
N LYS A 25 5.41 4.77 -8.38
CA LYS A 25 5.18 5.54 -7.22
C LYS A 25 3.85 6.15 -7.17
N GLU A 26 3.62 6.99 -8.12
CA GLU A 26 2.41 7.69 -8.15
C GLU A 26 1.19 6.81 -8.49
N VAL A 27 1.42 5.51 -8.68
CA VAL A 27 0.33 4.61 -8.81
C VAL A 27 -0.04 4.04 -7.50
N ILE A 28 0.91 4.02 -6.51
CA ILE A 28 0.54 3.66 -5.18
C ILE A 28 -0.46 4.60 -4.77
N ALA A 29 -0.17 5.79 -5.07
CA ALA A 29 -1.02 6.87 -4.90
C ALA A 29 -2.40 6.66 -5.49
N PHE A 30 -2.50 6.13 -6.68
CA PHE A 30 -3.78 5.80 -7.21
C PHE A 30 -4.33 4.70 -6.44
N LEU A 31 -3.51 3.72 -6.22
CA LEU A 31 -3.88 2.57 -5.51
C LEU A 31 -4.42 2.96 -4.20
N ALA A 32 -3.89 3.95 -3.68
CA ALA A 32 -4.25 4.44 -2.42
C ALA A 32 -5.46 5.33 -2.41
N GLU A 33 -5.70 6.01 -3.50
CA GLU A 33 -6.82 6.88 -3.57
C GLU A 33 -8.05 6.04 -3.72
N ARG A 34 -7.79 4.99 -4.39
CA ARG A 34 -8.66 4.00 -4.81
C ARG A 34 -8.89 2.97 -3.69
N PHE A 35 -7.83 2.60 -3.02
CA PHE A 35 -7.86 1.69 -1.93
C PHE A 35 -7.33 2.30 -0.63
N PRO A 36 -8.05 3.28 -0.02
CA PRO A 36 -7.73 3.87 1.30
C PRO A 36 -7.31 2.85 2.39
N HIS A 37 -7.62 1.56 2.21
CA HIS A 37 -7.27 0.56 3.19
C HIS A 37 -5.95 -0.09 2.85
N CYS A 38 -5.89 -0.69 1.69
CA CYS A 38 -4.70 -1.32 1.20
C CYS A 38 -3.53 -0.40 1.15
N PHE A 39 -3.72 0.68 0.49
CA PHE A 39 -2.70 1.53 0.18
C PHE A 39 -2.71 2.80 1.01
N SER A 40 -1.69 3.59 0.81
CA SER A 40 -1.52 4.82 1.54
C SER A 40 -1.71 6.03 0.71
N ALA A 41 -0.56 6.64 0.30
CA ALA A 41 -0.37 7.84 -0.54
C ALA A 41 -0.28 8.97 0.45
N GLU A 42 -1.00 8.64 1.49
CA GLU A 42 -1.11 9.23 2.74
C GLU A 42 0.17 9.26 3.41
N GLY A 43 0.75 8.16 3.30
CA GLY A 43 1.84 7.85 4.05
C GLY A 43 2.89 7.10 3.31
N GLU A 44 4.01 6.87 4.02
CA GLU A 44 5.17 6.11 3.61
C GLU A 44 4.75 4.81 2.92
N ALA A 45 3.83 4.12 3.59
CA ALA A 45 3.21 2.89 3.11
C ALA A 45 2.30 2.39 4.22
N ARG A 46 1.80 1.20 4.04
CA ARG A 46 0.99 0.46 4.99
C ARG A 46 1.26 -0.98 4.67
N PRO A 47 1.06 -1.91 5.62
CA PRO A 47 1.26 -3.33 5.35
C PRO A 47 0.36 -3.77 4.21
N LEU A 48 0.93 -4.49 3.30
CA LEU A 48 0.28 -4.92 2.13
C LEU A 48 0.78 -6.31 1.77
N LYS A 49 0.09 -7.02 0.91
CA LYS A 49 0.48 -8.25 0.43
C LYS A 49 1.06 -7.94 -0.91
N ILE A 50 1.69 -8.80 -1.52
CA ILE A 50 2.13 -8.54 -2.85
C ILE A 50 1.26 -9.10 -3.95
N GLY A 51 0.75 -10.24 -3.69
CA GLY A 51 -0.15 -10.89 -4.65
C GLY A 51 -1.43 -10.11 -4.87
N ILE A 52 -1.72 -9.12 -4.01
CA ILE A 52 -2.76 -8.16 -4.19
C ILE A 52 -2.71 -7.55 -5.56
N PHE A 53 -1.54 -7.36 -6.08
CA PHE A 53 -1.36 -6.69 -7.26
C PHE A 53 -2.33 -7.20 -8.31
N GLN A 54 -2.42 -8.40 -8.36
CA GLN A 54 -3.33 -9.16 -9.18
C GLN A 54 -4.86 -8.79 -8.96
N ASP A 55 -5.04 -8.16 -7.94
CA ASP A 55 -6.36 -7.89 -7.35
C ASP A 55 -6.67 -6.58 -7.64
N LEU A 56 -5.65 -5.85 -7.57
CA LEU A 56 -5.63 -4.58 -7.99
C LEU A 56 -6.02 -4.62 -9.31
N VAL A 57 -5.25 -5.29 -10.04
CA VAL A 57 -5.31 -5.30 -11.47
C VAL A 57 -6.63 -5.69 -12.02
N ASP A 58 -7.39 -6.44 -11.19
CA ASP A 58 -8.80 -6.72 -11.47
C ASP A 58 -9.49 -5.41 -11.85
N ARG A 59 -9.17 -4.45 -11.02
CA ARG A 59 -9.72 -3.19 -10.90
C ARG A 59 -8.87 -2.10 -11.42
N VAL A 60 -7.69 -2.00 -10.81
CA VAL A 60 -6.91 -0.85 -10.89
C VAL A 60 -6.54 -0.35 -12.23
N ALA A 61 -6.06 -1.27 -12.94
CA ALA A 61 -5.16 -1.04 -13.91
C ALA A 61 -5.41 0.04 -14.86
N GLY A 62 -6.03 -0.29 -15.79
CA GLY A 62 -6.13 0.60 -16.84
C GLY A 62 -7.37 1.37 -16.87
N GLU A 63 -7.68 1.77 -15.70
CA GLU A 63 -8.65 2.74 -15.45
C GLU A 63 -8.13 4.01 -16.01
N MET A 64 -6.87 4.20 -15.73
CA MET A 64 -6.20 5.35 -15.98
C MET A 64 -4.93 5.12 -16.66
N ASN A 65 -4.05 4.67 -15.87
CA ASN A 65 -2.70 4.65 -16.16
C ASN A 65 -1.95 3.40 -15.94
N LEU A 66 -2.52 2.29 -16.08
CA LEU A 66 -1.78 1.08 -15.73
C LEU A 66 -1.93 -0.05 -16.71
N SER A 67 -0.80 -0.54 -17.02
CA SER A 67 -0.61 -1.67 -17.86
C SER A 67 -0.21 -2.88 -16.93
N LYS A 68 -0.78 -2.90 -15.70
CA LYS A 68 -0.48 -3.84 -14.58
C LYS A 68 0.98 -3.81 -14.15
N THR A 69 1.89 -3.93 -15.03
CA THR A 69 3.21 -4.15 -14.65
C THR A 69 3.87 -2.92 -14.11
N GLN A 70 3.37 -1.84 -14.54
CA GLN A 70 3.83 -0.57 -14.06
C GLN A 70 3.23 -0.31 -12.66
N LEU A 71 2.28 -1.14 -12.33
CA LEU A 71 1.57 -1.15 -11.09
C LEU A 71 2.22 -2.20 -10.19
N ARG A 72 2.64 -3.31 -10.75
CA ARG A 72 3.22 -4.37 -9.93
C ARG A 72 4.52 -3.90 -9.35
N SER A 73 5.02 -2.91 -10.00
CA SER A 73 6.24 -2.29 -9.73
C SER A 73 6.06 -1.21 -8.71
N ALA A 74 4.84 -0.87 -8.56
CA ALA A 74 4.42 0.07 -7.53
C ALA A 74 4.36 -0.71 -6.27
N LEU A 75 4.17 -1.92 -6.51
CA LEU A 75 3.91 -2.93 -5.63
C LEU A 75 5.21 -3.77 -5.45
N ARG A 76 6.28 -3.00 -5.57
CA ARG A 76 7.71 -3.27 -5.35
C ARG A 76 8.24 -2.08 -4.62
N LEU A 77 7.83 -0.94 -5.15
CA LEU A 77 8.30 0.36 -4.76
C LEU A 77 7.99 0.63 -3.35
N TYR A 78 6.71 0.75 -3.09
CA TYR A 78 6.33 1.16 -1.80
C TYR A 78 6.36 -0.05 -0.88
N THR A 79 6.49 -1.20 -1.51
CA THR A 79 6.57 -2.44 -0.74
C THR A 79 7.98 -2.68 -0.23
N SER A 80 8.90 -1.92 -0.76
CA SER A 80 10.24 -1.89 -0.26
C SER A 80 10.33 -0.79 0.78
N SER A 81 9.17 -0.18 1.07
CA SER A 81 9.11 0.78 2.10
C SER A 81 8.98 0.05 3.35
N TRP A 82 9.33 0.67 4.36
CA TRP A 82 9.39 0.07 5.66
C TRP A 82 8.08 0.00 6.21
N ARG A 83 7.41 1.06 6.07
CA ARG A 83 6.06 1.25 6.59
C ARG A 83 5.12 0.26 6.06
N TYR A 84 5.53 -0.30 5.00
CA TYR A 84 4.92 -1.40 4.44
C TYR A 84 5.06 -2.55 5.44
N LEU A 85 6.28 -2.98 5.66
CA LEU A 85 6.56 -4.16 6.45
C LEU A 85 6.44 -4.06 7.93
N TYR A 86 5.87 -3.03 8.39
CA TYR A 86 5.58 -2.81 9.77
C TYR A 86 4.69 -3.95 10.30
N GLY A 87 4.12 -4.62 9.35
CA GLY A 87 3.37 -5.76 9.52
C GLY A 87 3.15 -6.37 8.24
N VAL A 88 4.13 -7.04 7.68
CA VAL A 88 3.93 -7.71 6.42
C VAL A 88 4.71 -9.04 6.32
N LYS A 89 3.96 -10.03 6.06
CA LYS A 89 4.33 -11.32 5.48
C LYS A 89 3.14 -12.13 5.48
N PRO A 90 2.56 -12.41 6.67
CA PRO A 90 1.32 -13.07 6.72
C PRO A 90 0.23 -12.06 6.44
N GLY A 91 -0.89 -12.24 7.12
CA GLY A 91 -2.03 -11.42 6.98
C GLY A 91 -1.91 -10.06 7.61
N ALA A 92 -0.74 -9.82 7.79
CA ALA A 92 -0.12 -8.63 8.28
C ALA A 92 -0.45 -7.50 7.46
N THR A 93 -0.55 -7.79 6.26
CA THR A 93 -1.01 -6.96 5.25
C THR A 93 -2.31 -6.29 5.66
N ARG A 94 -3.18 -7.09 6.24
CA ARG A 94 -4.51 -6.77 6.53
C ARG A 94 -5.33 -6.52 5.29
N VAL A 95 -4.75 -6.66 4.09
CA VAL A 95 -5.44 -6.31 2.91
C VAL A 95 -5.16 -7.21 1.67
N ASP A 96 -6.14 -7.14 0.95
CA ASP A 96 -6.41 -7.39 -0.41
C ASP A 96 -7.13 -6.13 -0.63
N LEU A 97 -7.50 -5.79 -1.73
CA LEU A 97 -8.13 -4.59 -1.90
C LEU A 97 -9.57 -4.48 -1.39
N ASP A 98 -9.93 -5.47 -0.63
CA ASP A 98 -11.11 -5.56 0.15
C ASP A 98 -10.70 -5.05 1.51
N GLY A 99 -9.53 -5.56 1.91
CA GLY A 99 -8.97 -5.34 3.21
C GLY A 99 -9.09 -6.59 4.10
N ASN A 100 -8.74 -7.72 3.49
CA ASN A 100 -8.61 -9.04 4.05
C ASN A 100 -7.16 -9.20 4.21
N PRO A 101 -6.63 -9.88 5.18
CA PRO A 101 -5.19 -9.91 5.50
C PRO A 101 -4.48 -10.79 4.57
N CYS A 102 -4.52 -10.40 3.31
CA CYS A 102 -4.26 -11.31 2.19
C CYS A 102 -5.23 -12.54 2.26
N GLY A 103 -6.11 -12.42 3.29
CA GLY A 103 -7.11 -13.39 3.71
C GLY A 103 -6.47 -14.55 4.37
N GLU A 104 -5.27 -14.32 4.63
CA GLU A 104 -4.34 -15.21 5.16
C GLU A 104 -4.36 -15.26 6.68
N LEU A 105 -4.55 -14.13 7.34
CA LEU A 105 -4.49 -14.15 8.72
C LEU A 105 -5.60 -13.29 9.37
N ASP A 106 -5.66 -13.39 10.65
CA ASP A 106 -6.34 -12.55 11.63
C ASP A 106 -5.45 -11.28 11.74
N GLU A 107 -5.31 -10.73 12.85
CA GLU A 107 -4.33 -9.71 13.05
C GLU A 107 -3.52 -9.93 14.28
N GLN A 108 -3.89 -10.88 15.04
CA GLN A 108 -3.27 -11.15 16.22
C GLN A 108 -2.37 -12.25 15.96
N HIS A 109 -2.16 -12.49 14.69
CA HIS A 109 -1.14 -13.35 14.34
C HIS A 109 -0.23 -12.66 13.44
N VAL A 110 -0.72 -11.65 12.87
CA VAL A 110 0.10 -10.79 12.12
C VAL A 110 0.51 -9.68 12.99
N GLU A 111 0.24 -9.97 14.15
CA GLU A 111 0.64 -9.38 15.31
C GLU A 111 2.10 -9.55 15.45
N HIS A 112 2.54 -10.69 15.04
CA HIS A 112 3.93 -11.01 15.06
C HIS A 112 4.63 -10.40 13.91
N ALA A 113 3.87 -9.99 13.01
CA ALA A 113 4.31 -9.32 11.91
C ALA A 113 4.31 -7.86 12.21
N ARG A 114 3.41 -7.53 13.05
CA ARG A 114 3.23 -6.24 13.54
C ARG A 114 4.38 -5.96 14.51
N LYS A 115 5.10 -7.04 14.89
CA LYS A 115 6.08 -6.96 15.83
C LYS A 115 7.38 -7.26 15.11
N GLN A 116 7.32 -7.86 13.90
CA GLN A 116 8.54 -8.05 13.16
C GLN A 116 9.19 -6.73 12.73
N LEU A 117 8.42 -5.70 12.71
CA LEU A 117 8.83 -4.45 12.55
C LEU A 117 9.08 -3.74 13.78
N GLU A 118 8.84 -4.40 14.91
CA GLU A 118 9.29 -3.94 16.19
C GLU A 118 10.63 -4.56 16.45
N GLU A 119 11.09 -5.23 15.44
CA GLU A 119 12.38 -5.77 15.45
C GLU A 119 13.20 -4.70 14.86
N ALA A 120 12.60 -4.06 13.85
CA ALA A 120 13.22 -3.05 13.20
C ALA A 120 13.04 -1.69 13.86
N LYS A 121 11.87 -1.32 14.09
CA LYS A 121 11.44 -0.09 14.70
C LYS A 121 12.07 0.20 15.93
N ALA A 122 11.88 -0.63 16.78
CA ALA A 122 12.45 -0.64 18.05
C ALA A 122 13.99 -0.64 18.03
N ARG A 123 14.58 -0.90 16.85
CA ARG A 123 15.98 -0.91 16.72
C ARG A 123 16.40 0.45 16.32
N VAL A 124 15.48 1.05 15.65
CA VAL A 124 15.71 2.26 14.95
C VAL A 124 15.51 3.34 15.86
N GLN A 125 14.34 3.23 16.35
CA GLN A 125 13.65 3.88 17.36
C GLN A 125 13.92 5.35 17.67
N ALA A 126 15.12 5.71 17.63
CA ALA A 126 15.60 6.92 17.88
C ALA A 126 15.68 7.75 16.60
N GLN A 127 16.68 7.45 15.80
CA GLN A 127 16.91 8.03 14.62
C GLN A 127 16.44 7.17 13.48
N ARG A 128 15.49 7.68 12.72
CA ARG A 128 14.94 7.07 11.54
C ARG A 128 15.92 6.68 10.44
N ALA A 129 17.12 7.13 10.61
CA ALA A 129 18.24 6.88 9.75
C ALA A 129 18.35 5.46 9.21
N GLU A 130 18.00 5.37 7.96
CA GLU A 130 17.93 4.18 7.12
C GLU A 130 17.17 4.60 5.89
N GLN A 131 16.02 5.20 6.12
CA GLN A 131 15.23 5.76 5.07
C GLN A 131 15.44 7.25 5.18
N GLN A 132 16.54 7.70 4.67
CA GLN A 132 16.95 9.05 4.81
C GLN A 132 17.54 9.60 3.55
N ALA A 133 17.76 10.87 3.61
CA ALA A 133 18.35 11.67 2.62
C ALA A 133 18.87 12.80 3.43
N MET A 1 -24.69 14.02 4.77
CA MET A 1 -23.69 14.33 3.72
C MET A 1 -22.33 14.09 4.32
N GLY A 2 -21.28 14.30 3.54
CA GLY A 2 -19.94 14.13 4.05
C GLY A 2 -19.49 15.34 4.82
N SER A 3 -19.84 15.38 6.09
CA SER A 3 -19.53 16.48 6.99
C SER A 3 -18.00 16.68 7.15
N SER A 4 -17.25 15.61 7.00
CA SER A 4 -15.81 15.65 7.09
C SER A 4 -15.22 16.56 5.99
N HIS A 5 -15.73 16.39 4.75
CA HIS A 5 -15.30 17.15 3.53
C HIS A 5 -13.82 16.93 3.18
N HIS A 6 -12.97 17.47 4.01
CA HIS A 6 -11.53 17.48 3.81
C HIS A 6 -10.89 16.11 3.95
N HIS A 7 -10.76 15.42 2.84
CA HIS A 7 -10.06 14.15 2.82
C HIS A 7 -8.88 14.28 1.86
N HIS A 8 -8.40 15.51 1.69
CA HIS A 8 -7.29 15.75 0.80
C HIS A 8 -5.97 15.92 1.48
N HIS A 9 -5.46 14.79 1.77
CA HIS A 9 -4.15 14.52 2.31
C HIS A 9 -3.73 13.32 1.48
N HIS A 10 -4.28 13.36 0.28
CA HIS A 10 -4.39 12.26 -0.60
C HIS A 10 -4.31 12.83 -2.00
N SER A 11 -4.58 12.03 -3.00
CA SER A 11 -4.65 12.47 -4.37
C SER A 11 -5.87 13.36 -4.59
N GLN A 12 -6.17 13.61 -5.81
CA GLN A 12 -7.15 14.58 -6.17
C GLN A 12 -8.37 13.84 -6.65
N ASP A 13 -8.43 12.66 -6.12
CA ASP A 13 -9.28 11.57 -6.33
C ASP A 13 -10.70 11.70 -6.87
N PRO A 14 -11.59 12.60 -6.34
CA PRO A 14 -12.98 12.67 -6.79
C PRO A 14 -13.12 12.85 -8.30
N MET A 15 -13.26 11.68 -8.97
CA MET A 15 -13.30 11.53 -10.39
C MET A 15 -12.08 12.14 -11.05
N GLU A 16 -10.93 12.07 -10.37
CA GLU A 16 -9.74 12.67 -10.92
C GLU A 16 -8.58 11.64 -10.84
N ASN A 17 -7.35 12.14 -10.58
CA ASN A 17 -6.10 11.41 -10.63
C ASN A 17 -5.85 10.97 -12.08
N GLN A 18 -6.17 11.89 -12.94
CA GLN A 18 -5.92 11.80 -14.32
C GLN A 18 -4.40 11.75 -14.61
N PRO A 19 -3.58 12.69 -13.98
CA PRO A 19 -2.13 12.60 -13.94
C PRO A 19 -1.64 11.17 -13.84
N LYS A 20 -0.83 10.82 -14.78
CA LYS A 20 -0.22 9.59 -14.94
C LYS A 20 0.43 9.11 -13.67
N LEU A 21 0.14 7.89 -13.33
CA LEU A 21 0.68 7.20 -12.24
C LEU A 21 2.19 7.04 -12.25
N ASN A 22 2.75 7.21 -13.40
CA ASN A 22 4.18 7.33 -13.64
C ASN A 22 4.93 6.10 -13.28
N SER A 23 4.16 5.06 -13.14
CA SER A 23 4.63 3.67 -13.06
C SER A 23 5.16 3.23 -11.70
N SER A 24 4.92 4.00 -10.65
CA SER A 24 5.29 3.52 -9.33
C SER A 24 4.64 4.29 -8.16
N LYS A 25 5.24 5.38 -7.76
CA LYS A 25 4.90 6.14 -6.65
C LYS A 25 3.49 6.60 -6.67
N GLU A 26 3.21 7.38 -7.65
CA GLU A 26 1.96 7.99 -7.75
C GLU A 26 0.83 7.03 -8.14
N VAL A 27 1.18 5.78 -8.38
CA VAL A 27 0.18 4.78 -8.59
C VAL A 27 -0.19 4.19 -7.29
N ILE A 28 0.70 4.26 -6.25
CA ILE A 28 0.28 3.88 -4.95
C ILE A 28 -0.80 4.76 -4.59
N ALA A 29 -0.57 5.96 -4.91
CA ALA A 29 -1.49 6.96 -4.77
C ALA A 29 -2.80 6.69 -5.48
N PHE A 30 -2.76 6.16 -6.68
CA PHE A 30 -3.96 5.75 -7.31
C PHE A 30 -4.53 4.61 -6.56
N LEU A 31 -3.68 3.67 -6.27
CA LEU A 31 -4.02 2.51 -5.56
C LEU A 31 -4.70 2.86 -4.30
N ALA A 32 -4.26 3.89 -3.74
CA ALA A 32 -4.75 4.36 -2.49
C ALA A 32 -5.96 5.21 -2.57
N GLU A 33 -6.27 5.67 -3.72
CA GLU A 33 -7.42 6.46 -3.86
C GLU A 33 -8.58 5.56 -4.13
N ARG A 34 -8.19 4.55 -4.77
CA ARG A 34 -8.94 3.49 -5.23
C ARG A 34 -9.17 2.49 -4.13
N PHE A 35 -8.13 2.22 -3.37
CA PHE A 35 -8.17 1.33 -2.26
C PHE A 35 -7.84 2.01 -0.94
N PRO A 36 -8.78 2.83 -0.40
CA PRO A 36 -8.70 3.39 0.94
C PRO A 36 -8.21 2.41 2.05
N HIS A 37 -8.32 1.09 1.83
CA HIS A 37 -7.93 0.15 2.87
C HIS A 37 -6.48 -0.18 2.68
N CYS A 38 -6.24 -0.76 1.55
CA CYS A 38 -4.98 -1.23 1.14
C CYS A 38 -3.92 -0.20 1.18
N PHE A 39 -4.18 0.85 0.54
CA PHE A 39 -3.22 1.76 0.27
C PHE A 39 -3.49 3.07 0.97
N SER A 40 -2.46 3.86 1.12
CA SER A 40 -2.55 5.14 1.77
C SER A 40 -2.68 6.28 0.83
N ALA A 41 -1.49 6.88 0.48
CA ALA A 41 -1.27 8.00 -0.49
C ALA A 41 -1.34 9.22 0.34
N GLU A 42 -2.05 8.98 1.38
CA GLU A 42 -2.15 9.73 2.55
C GLU A 42 -0.88 9.72 3.23
N GLY A 43 -0.43 8.55 3.26
CA GLY A 43 0.63 8.21 4.01
C GLY A 43 1.65 7.43 3.26
N GLU A 44 2.79 7.29 3.90
CA GLU A 44 3.97 6.56 3.49
C GLU A 44 3.58 5.23 2.83
N ALA A 45 2.88 4.40 3.59
CA ALA A 45 2.47 3.10 3.14
C ALA A 45 1.43 2.55 4.08
N ARG A 46 1.22 1.28 3.98
CA ARG A 46 0.27 0.53 4.76
C ARG A 46 0.80 -0.88 4.65
N PRO A 47 0.61 -1.76 5.66
CA PRO A 47 0.95 -3.17 5.49
C PRO A 47 0.19 -3.73 4.28
N LEU A 48 0.88 -4.46 3.43
CA LEU A 48 0.32 -4.88 2.20
C LEU A 48 0.79 -6.30 1.82
N LYS A 49 0.01 -7.02 1.02
CA LYS A 49 0.26 -8.43 0.72
C LYS A 49 1.16 -8.71 -0.48
N ILE A 50 1.43 -7.71 -1.24
CA ILE A 50 2.18 -7.79 -2.45
C ILE A 50 1.59 -8.60 -3.60
N GLY A 51 1.19 -9.77 -3.32
CA GLY A 51 0.51 -10.58 -4.31
C GLY A 51 -0.82 -9.97 -4.63
N ILE A 52 -1.27 -9.03 -3.77
CA ILE A 52 -2.33 -8.13 -4.03
C ILE A 52 -2.23 -7.54 -5.39
N PHE A 53 -1.07 -7.24 -5.83
CA PHE A 53 -0.88 -6.57 -7.03
C PHE A 53 -1.75 -7.16 -8.11
N GLN A 54 -1.73 -8.36 -8.17
CA GLN A 54 -2.53 -9.19 -9.03
C GLN A 54 -4.09 -8.95 -8.88
N ASP A 55 -4.37 -8.37 -7.86
CA ASP A 55 -5.70 -8.22 -7.32
C ASP A 55 -6.13 -6.94 -7.60
N LEU A 56 -5.22 -6.11 -7.47
CA LEU A 56 -5.27 -4.84 -7.87
C LEU A 56 -5.57 -4.90 -9.20
N VAL A 57 -4.74 -5.52 -9.91
CA VAL A 57 -4.76 -5.52 -11.35
C VAL A 57 -6.05 -6.03 -11.93
N ASP A 58 -6.76 -6.82 -11.12
CA ASP A 58 -8.12 -7.23 -11.44
C ASP A 58 -8.95 -5.98 -11.75
N ARG A 59 -8.68 -5.02 -10.88
CA ARG A 59 -9.35 -3.84 -10.67
C ARG A 59 -8.63 -2.64 -11.24
N VAL A 60 -7.43 -2.41 -10.70
CA VAL A 60 -6.72 -1.18 -10.85
C VAL A 60 -6.33 -0.71 -12.19
N ALA A 61 -5.77 -1.61 -12.87
CA ALA A 61 -4.83 -1.34 -13.82
C ALA A 61 -5.02 -0.21 -14.75
N GLY A 62 -5.51 -0.48 -15.78
CA GLY A 62 -5.50 0.47 -16.82
C GLY A 62 -6.71 1.29 -16.87
N GLU A 63 -7.11 1.62 -15.72
CA GLU A 63 -8.11 2.57 -15.46
C GLU A 63 -7.66 3.92 -15.98
N MET A 64 -6.51 4.33 -15.49
CA MET A 64 -5.95 5.54 -15.93
C MET A 64 -4.73 5.29 -16.66
N ASN A 65 -3.80 4.85 -15.91
CA ASN A 65 -2.48 4.78 -16.31
C ASN A 65 -1.71 3.58 -15.77
N LEU A 66 -2.16 2.37 -15.98
CA LEU A 66 -1.39 1.18 -15.57
C LEU A 66 -1.47 0.03 -16.57
N SER A 67 -0.34 -0.48 -16.79
CA SER A 67 -0.09 -1.63 -17.61
C SER A 67 0.37 -2.81 -16.68
N LYS A 68 -0.24 -2.87 -15.48
CA LYS A 68 0.08 -3.82 -14.35
C LYS A 68 1.50 -3.72 -13.85
N THR A 69 2.47 -3.86 -14.66
CA THR A 69 3.78 -3.99 -14.19
C THR A 69 4.33 -2.67 -13.72
N GLN A 70 3.72 -1.66 -14.17
CA GLN A 70 4.02 -0.32 -13.76
C GLN A 70 3.19 0.04 -12.51
N LEU A 71 2.55 -0.96 -12.01
CA LEU A 71 1.84 -0.95 -10.79
C LEU A 71 2.54 -1.92 -9.85
N ARG A 72 3.04 -3.01 -10.36
CA ARG A 72 3.67 -4.00 -9.47
C ARG A 72 4.94 -3.43 -8.87
N SER A 73 5.38 -2.41 -9.48
CA SER A 73 6.51 -1.69 -9.17
C SER A 73 6.23 -0.70 -8.10
N ALA A 74 5.03 -0.36 -8.05
CA ALA A 74 4.50 0.52 -7.03
C ALA A 74 4.41 -0.27 -5.79
N LEU A 75 4.32 -1.48 -6.04
CA LEU A 75 4.06 -2.49 -5.17
C LEU A 75 5.37 -3.25 -4.88
N ARG A 76 6.39 -2.41 -4.93
CA ARG A 76 7.83 -2.61 -4.68
C ARG A 76 8.30 -1.38 -3.99
N LEU A 77 7.85 -0.27 -4.52
CA LEU A 77 8.22 1.05 -4.11
C LEU A 77 7.83 1.31 -2.72
N TYR A 78 6.53 1.35 -2.53
CA TYR A 78 6.04 1.75 -1.27
C TYR A 78 6.12 0.56 -0.33
N THR A 79 6.41 -0.57 -0.92
CA THR A 79 6.54 -1.79 -0.13
C THR A 79 7.94 -1.91 0.42
N SER A 80 8.81 -1.05 -0.04
CA SER A 80 10.12 -0.93 0.53
C SER A 80 10.06 0.13 1.61
N SER A 81 8.85 0.65 1.84
CA SER A 81 8.63 1.56 2.89
C SER A 81 8.52 0.80 4.12
N TRP A 82 8.80 1.44 5.17
CA TRP A 82 8.76 0.81 6.45
C TRP A 82 7.40 0.68 6.86
N ARG A 83 6.68 1.75 6.72
CA ARG A 83 5.24 1.85 7.08
C ARG A 83 4.43 0.75 6.47
N TYR A 84 4.99 0.20 5.45
CA TYR A 84 4.50 -0.95 4.86
C TYR A 84 4.65 -2.11 5.89
N LEU A 85 5.89 -2.47 6.18
CA LEU A 85 6.22 -3.66 7.00
C LEU A 85 6.11 -3.51 8.47
N TYR A 86 5.44 -2.55 8.87
CA TYR A 86 5.13 -2.33 10.23
C TYR A 86 4.24 -3.48 10.73
N GLY A 87 3.72 -4.19 9.75
CA GLY A 87 2.95 -5.34 9.93
C GLY A 87 2.67 -5.99 8.67
N VAL A 88 3.67 -6.62 8.06
CA VAL A 88 3.52 -7.34 6.82
C VAL A 88 4.44 -8.54 6.82
N LYS A 89 3.90 -9.69 6.79
CA LYS A 89 4.63 -10.91 6.54
C LYS A 89 3.61 -12.02 6.28
N PRO A 90 2.67 -12.27 7.22
CA PRO A 90 1.44 -13.00 6.92
C PRO A 90 0.34 -11.99 6.56
N GLY A 91 -0.91 -12.21 7.09
CA GLY A 91 -2.10 -11.40 6.88
C GLY A 91 -2.07 -10.05 7.51
N ALA A 92 -0.94 -9.74 7.70
CA ALA A 92 -0.41 -8.53 8.24
C ALA A 92 -0.77 -7.41 7.41
N THR A 93 -0.81 -7.70 6.19
CA THR A 93 -1.31 -6.88 5.17
C THR A 93 -2.60 -6.19 5.58
N ARG A 94 -3.48 -6.97 6.18
CA ARG A 94 -4.80 -6.60 6.49
C ARG A 94 -5.62 -6.24 5.26
N VAL A 95 -5.07 -6.44 4.04
CA VAL A 95 -5.78 -6.09 2.87
C VAL A 95 -5.56 -7.07 1.72
N ASP A 96 -6.55 -7.08 1.00
CA ASP A 96 -6.74 -7.79 -0.25
C ASP A 96 -7.57 -6.83 -1.04
N LEU A 97 -7.09 -5.60 -0.97
CA LEU A 97 -7.68 -4.42 -1.45
C LEU A 97 -9.05 -4.03 -0.93
N ASP A 98 -9.83 -5.03 -0.59
CA ASP A 98 -11.09 -4.92 0.06
C ASP A 98 -10.73 -4.70 1.50
N GLY A 99 -9.62 -5.30 1.83
CA GLY A 99 -9.07 -5.12 3.09
C GLY A 99 -9.23 -6.33 4.01
N ASN A 100 -9.04 -7.48 3.43
CA ASN A 100 -8.94 -8.79 4.07
C ASN A 100 -7.50 -8.99 4.23
N PRO A 101 -6.98 -9.66 5.22
CA PRO A 101 -5.51 -9.73 5.50
C PRO A 101 -4.86 -10.66 4.55
N CYS A 102 -4.94 -10.29 3.29
CA CYS A 102 -4.81 -11.23 2.15
C CYS A 102 -5.86 -12.38 2.30
N GLY A 103 -6.68 -12.18 3.36
CA GLY A 103 -7.72 -13.07 3.82
C GLY A 103 -7.13 -14.24 4.54
N GLU A 104 -5.88 -14.09 4.69
CA GLU A 104 -4.98 -15.00 5.22
C GLU A 104 -4.96 -15.02 6.74
N LEU A 105 -4.99 -13.86 7.37
CA LEU A 105 -4.85 -13.88 8.74
C LEU A 105 -5.91 -13.03 9.47
N ASP A 106 -5.93 -13.19 10.73
CA ASP A 106 -6.56 -12.41 11.78
C ASP A 106 -5.64 -11.16 11.91
N GLU A 107 -5.45 -10.67 13.06
CA GLU A 107 -4.45 -9.68 13.27
C GLU A 107 -3.62 -9.96 14.48
N GLN A 108 -3.97 -10.96 15.19
CA GLN A 108 -3.33 -11.32 16.34
C GLN A 108 -2.44 -12.41 15.97
N HIS A 109 -2.28 -12.55 14.68
CA HIS A 109 -1.29 -13.41 14.24
C HIS A 109 -0.39 -12.67 13.34
N VAL A 110 -0.91 -11.61 12.85
CA VAL A 110 -0.10 -10.71 12.14
C VAL A 110 0.36 -9.67 13.09
N GLU A 111 0.13 -10.06 14.24
CA GLU A 111 0.59 -9.58 15.44
C GLU A 111 2.06 -9.74 15.47
N HIS A 112 2.47 -10.85 14.96
CA HIS A 112 3.88 -11.15 14.86
C HIS A 112 4.49 -10.43 13.75
N ALA A 113 3.69 -9.94 12.93
CA ALA A 113 4.07 -9.19 11.87
C ALA A 113 4.14 -7.76 12.24
N ARG A 114 3.31 -7.47 13.18
CA ARG A 114 3.16 -6.21 13.76
C ARG A 114 4.41 -5.99 14.63
N LYS A 115 5.07 -7.12 14.93
CA LYS A 115 6.14 -7.17 15.78
C LYS A 115 7.36 -7.40 14.96
N GLN A 116 7.24 -7.95 13.75
CA GLN A 116 8.42 -8.08 12.96
C GLN A 116 9.05 -6.71 12.56
N LEU A 117 8.28 -5.65 12.76
CA LEU A 117 8.75 -4.36 12.66
C LEU A 117 9.52 -3.96 13.91
N GLU A 118 9.35 -4.66 15.03
CA GLU A 118 10.16 -4.43 16.19
C GLU A 118 11.49 -4.93 15.95
N GLU A 119 11.55 -5.78 15.03
CA GLU A 119 12.73 -6.46 14.67
C GLU A 119 13.51 -5.54 13.80
N ALA A 120 12.75 -4.89 12.99
CA ALA A 120 13.17 -3.85 12.17
C ALA A 120 13.63 -2.69 12.96
N LYS A 121 12.82 -2.28 13.82
CA LYS A 121 13.02 -1.25 14.78
C LYS A 121 14.23 -1.43 15.53
N ALA A 122 14.29 -2.50 16.11
CA ALA A 122 15.43 -2.97 16.81
C ALA A 122 16.70 -3.05 15.94
N ARG A 123 16.55 -2.97 14.63
CA ARG A 123 17.66 -3.04 13.75
C ARG A 123 18.12 -1.66 13.50
N VAL A 124 17.18 -0.82 13.63
CA VAL A 124 17.31 0.53 13.25
C VAL A 124 17.90 1.25 14.35
N GLN A 125 17.14 1.11 15.35
CA GLN A 125 17.26 1.43 16.71
C GLN A 125 18.14 2.59 17.20
N ALA A 126 18.74 3.31 16.31
CA ALA A 126 19.71 4.22 16.58
C ALA A 126 19.99 4.99 15.31
N GLN A 127 20.44 4.26 14.34
CA GLN A 127 20.74 4.71 13.11
C GLN A 127 19.49 5.04 12.34
N ARG A 128 19.58 6.10 11.58
CA ARG A 128 18.60 6.47 10.65
C ARG A 128 18.26 5.41 9.63
N ALA A 129 19.21 4.56 9.34
CA ALA A 129 19.04 3.54 8.37
C ALA A 129 17.83 2.63 8.60
N GLU A 130 16.89 2.83 7.75
CA GLU A 130 15.66 2.12 7.70
C GLU A 130 15.10 2.30 6.34
N GLN A 131 14.91 3.53 6.01
CA GLN A 131 14.58 3.98 4.69
C GLN A 131 15.59 5.04 4.35
N GLN A 132 16.76 4.57 4.00
CA GLN A 132 17.87 5.42 3.74
C GLN A 132 18.54 5.04 2.45
N ALA A 133 18.98 6.05 1.77
CA ALA A 133 19.66 6.00 0.54
C ALA A 133 20.32 7.32 0.50
N MET A 1 -23.59 20.31 -19.57
CA MET A 1 -22.18 19.86 -19.52
C MET A 1 -22.01 18.83 -20.58
N GLY A 2 -20.80 18.36 -20.77
CA GLY A 2 -20.52 17.33 -21.73
C GLY A 2 -19.17 16.76 -21.44
N SER A 3 -18.17 17.57 -21.65
CA SER A 3 -16.84 17.21 -21.33
C SER A 3 -16.59 17.44 -19.84
N SER A 4 -15.93 16.51 -19.21
CA SER A 4 -15.66 16.62 -17.81
C SER A 4 -14.46 17.50 -17.50
N HIS A 5 -14.66 18.79 -17.59
CA HIS A 5 -13.65 19.79 -17.25
C HIS A 5 -13.72 20.03 -15.72
N HIS A 6 -13.95 18.94 -14.99
CA HIS A 6 -14.17 18.97 -13.55
C HIS A 6 -12.87 18.70 -12.81
N HIS A 7 -11.85 18.28 -13.57
CA HIS A 7 -10.52 17.79 -13.06
C HIS A 7 -9.99 18.53 -11.82
N HIS A 8 -10.31 17.97 -10.67
CA HIS A 8 -9.87 18.38 -9.33
C HIS A 8 -10.09 17.15 -8.52
N HIS A 9 -9.01 16.43 -8.19
CA HIS A 9 -9.12 15.06 -7.62
C HIS A 9 -9.64 14.13 -8.73
N HIS A 10 -9.89 12.86 -8.46
CA HIS A 10 -10.42 11.96 -9.52
C HIS A 10 -11.09 10.69 -8.98
N SER A 11 -11.30 10.67 -7.69
CA SER A 11 -12.01 9.61 -7.03
C SER A 11 -12.38 10.06 -5.68
N GLN A 12 -11.72 9.54 -4.77
CA GLN A 12 -11.98 9.71 -3.41
C GLN A 12 -10.66 9.80 -2.73
N ASP A 13 -9.76 10.39 -3.49
CA ASP A 13 -8.47 10.62 -3.13
C ASP A 13 -8.42 11.65 -2.05
N PRO A 14 -7.58 11.46 -1.04
CA PRO A 14 -7.53 12.32 0.13
C PRO A 14 -6.79 13.63 -0.14
N MET A 15 -5.47 13.57 -0.34
CA MET A 15 -4.72 14.71 -0.66
C MET A 15 -5.12 15.13 -2.08
N GLU A 16 -4.76 14.28 -3.05
CA GLU A 16 -5.15 14.36 -4.48
C GLU A 16 -4.23 13.50 -5.32
N ASN A 17 -4.52 13.43 -6.60
CA ASN A 17 -3.71 12.71 -7.60
C ASN A 17 -4.19 13.14 -8.98
N GLN A 18 -4.28 14.41 -9.14
CA GLN A 18 -4.65 15.04 -10.33
C GLN A 18 -3.75 14.62 -11.54
N PRO A 19 -2.41 14.88 -11.51
CA PRO A 19 -1.45 14.24 -12.41
C PRO A 19 -1.48 12.72 -12.28
N LYS A 20 -1.60 12.08 -13.42
CA LYS A 20 -1.49 10.68 -13.60
C LYS A 20 -0.19 10.16 -13.06
N LEU A 21 -0.28 8.96 -12.70
CA LEU A 21 0.67 8.07 -12.16
C LEU A 21 1.95 8.05 -12.91
N ASN A 22 1.83 7.63 -14.13
CA ASN A 22 2.91 7.55 -15.10
C ASN A 22 3.84 6.43 -14.74
N SER A 23 3.35 5.56 -13.84
CA SER A 23 3.98 4.28 -13.40
C SER A 23 4.71 4.34 -12.04
N SER A 24 4.59 3.25 -11.33
CA SER A 24 5.19 2.97 -10.04
C SER A 24 4.67 3.79 -8.82
N LYS A 25 5.48 4.69 -8.31
CA LYS A 25 5.26 5.39 -7.12
C LYS A 25 3.95 6.04 -7.04
N GLU A 26 3.74 6.94 -7.93
CA GLU A 26 2.53 7.68 -7.90
C GLU A 26 1.27 6.87 -8.28
N VAL A 27 1.43 5.57 -8.57
CA VAL A 27 0.31 4.71 -8.76
C VAL A 27 -0.08 4.08 -7.47
N ILE A 28 0.85 4.07 -6.48
CA ILE A 28 0.48 3.66 -5.16
C ILE A 28 -0.53 4.58 -4.68
N ALA A 29 -0.30 5.75 -5.04
CA ALA A 29 -1.14 6.80 -4.77
C ALA A 29 -2.52 6.63 -5.38
N PHE A 30 -2.58 6.14 -6.59
CA PHE A 30 -3.81 5.80 -7.18
C PHE A 30 -4.38 4.64 -6.43
N LEU A 31 -3.54 3.69 -6.17
CA LEU A 31 -3.93 2.54 -5.45
C LEU A 31 -4.54 2.91 -4.17
N ALA A 32 -4.05 3.90 -3.62
CA ALA A 32 -4.47 4.38 -2.36
C ALA A 32 -5.73 5.20 -2.39
N GLU A 33 -6.01 5.78 -3.50
CA GLU A 33 -7.17 6.61 -3.62
C GLU A 33 -8.38 5.75 -3.89
N ARG A 34 -8.03 4.71 -4.49
CA ARG A 34 -8.85 3.70 -4.98
C ARG A 34 -9.08 2.67 -3.89
N PHE A 35 -8.04 2.40 -3.15
CA PHE A 35 -8.10 1.51 -2.05
C PHE A 35 -7.73 2.19 -0.73
N PRO A 36 -8.57 3.14 -0.22
CA PRO A 36 -8.40 3.79 1.10
C PRO A 36 -8.05 2.83 2.28
N HIS A 37 -8.24 1.53 2.09
CA HIS A 37 -7.92 0.57 3.12
C HIS A 37 -6.56 -0.06 2.91
N CYS A 38 -6.33 -0.57 1.73
CA CYS A 38 -5.08 -1.13 1.35
C CYS A 38 -3.94 -0.14 1.40
N PHE A 39 -4.11 0.89 0.69
CA PHE A 39 -3.09 1.77 0.40
C PHE A 39 -3.29 3.16 1.06
N SER A 40 -2.18 3.89 1.27
CA SER A 40 -2.16 5.23 1.86
C SER A 40 -2.14 6.31 0.82
N ALA A 41 -0.90 6.70 0.47
CA ALA A 41 -0.45 7.58 -0.62
C ALA A 41 -0.13 8.82 0.05
N GLU A 42 -0.89 8.95 1.07
CA GLU A 42 -0.84 9.92 2.04
C GLU A 42 0.31 9.69 2.92
N GLY A 43 0.37 8.48 3.26
CA GLY A 43 1.21 8.02 4.27
C GLY A 43 2.30 7.19 3.73
N GLU A 44 2.38 7.29 2.46
CA GLU A 44 3.22 6.54 1.56
C GLU A 44 2.77 5.11 1.56
N ALA A 45 3.11 4.39 2.59
CA ALA A 45 2.84 3.02 2.62
C ALA A 45 1.97 2.63 3.78
N ARG A 46 1.79 1.35 3.92
CA ARG A 46 0.94 0.74 4.90
C ARG A 46 1.18 -0.74 4.71
N PRO A 47 0.94 -1.61 5.72
CA PRO A 47 1.03 -3.03 5.49
C PRO A 47 0.10 -3.47 4.36
N LEU A 48 0.62 -4.30 3.50
CA LEU A 48 0.00 -4.75 2.31
C LEU A 48 0.62 -6.12 1.98
N LYS A 49 0.09 -6.86 1.01
CA LYS A 49 0.72 -8.04 0.59
C LYS A 49 1.36 -7.73 -0.73
N ILE A 50 1.84 -8.67 -1.39
CA ILE A 50 2.31 -8.43 -2.70
C ILE A 50 1.49 -9.04 -3.82
N GLY A 51 0.91 -10.14 -3.52
CA GLY A 51 0.07 -10.83 -4.48
C GLY A 51 -1.19 -10.08 -4.76
N ILE A 52 -1.56 -9.16 -3.85
CA ILE A 52 -2.60 -8.20 -4.04
C ILE A 52 -2.57 -7.61 -5.42
N PHE A 53 -1.40 -7.32 -5.92
CA PHE A 53 -1.22 -6.65 -7.13
C PHE A 53 -2.18 -7.16 -8.18
N GLN A 54 -2.25 -8.37 -8.25
CA GLN A 54 -3.13 -9.14 -9.12
C GLN A 54 -4.64 -8.79 -8.94
N ASP A 55 -4.88 -8.20 -7.91
CA ASP A 55 -6.22 -7.98 -7.40
C ASP A 55 -6.56 -6.66 -7.66
N LEU A 56 -5.56 -5.91 -7.53
CA LEU A 56 -5.55 -4.62 -7.92
C LEU A 56 -5.89 -4.66 -9.25
N VAL A 57 -5.09 -5.32 -9.97
CA VAL A 57 -5.12 -5.31 -11.39
C VAL A 57 -6.40 -5.78 -12.00
N ASP A 58 -7.16 -6.50 -11.20
CA ASP A 58 -8.54 -6.81 -11.53
C ASP A 58 -9.27 -5.50 -11.86
N ARG A 59 -8.98 -4.59 -10.96
CA ARG A 59 -9.56 -3.36 -10.75
C ARG A 59 -8.77 -2.24 -11.32
N VAL A 60 -7.60 -2.04 -10.71
CA VAL A 60 -6.84 -0.86 -10.80
C VAL A 60 -6.46 -0.38 -12.13
N ALA A 61 -5.98 -1.28 -12.85
CA ALA A 61 -5.08 -1.05 -13.82
C ALA A 61 -5.33 0.01 -14.79
N GLY A 62 -5.90 -0.33 -15.73
CA GLY A 62 -6.01 0.54 -16.80
C GLY A 62 -7.28 1.27 -16.83
N GLU A 63 -7.62 1.65 -15.66
CA GLU A 63 -8.66 2.55 -15.37
C GLU A 63 -8.23 3.87 -15.90
N MET A 64 -6.95 4.11 -15.69
CA MET A 64 -6.36 5.30 -16.06
C MET A 64 -5.05 5.06 -16.65
N ASN A 65 -4.21 4.67 -15.78
CA ASN A 65 -2.82 4.74 -16.00
C ASN A 65 -2.02 3.50 -15.77
N LEU A 66 -2.50 2.35 -16.02
CA LEU A 66 -1.75 1.14 -15.69
C LEU A 66 -1.91 0.02 -16.68
N SER A 67 -0.80 -0.57 -16.93
CA SER A 67 -0.62 -1.73 -17.76
C SER A 67 -0.20 -2.94 -16.84
N LYS A 68 -0.72 -2.92 -15.59
CA LYS A 68 -0.40 -3.87 -14.47
C LYS A 68 1.03 -3.79 -14.03
N THR A 69 1.95 -3.94 -14.90
CA THR A 69 3.29 -4.11 -14.49
C THR A 69 3.91 -2.83 -14.00
N GLN A 70 3.36 -1.79 -14.44
CA GLN A 70 3.75 -0.47 -14.02
C GLN A 70 3.09 -0.13 -12.68
N LEU A 71 2.28 -1.05 -12.24
CA LEU A 71 1.62 -1.02 -10.98
C LEU A 71 2.30 -2.04 -10.09
N ARG A 72 2.72 -3.17 -10.64
CA ARG A 72 3.33 -4.19 -9.80
C ARG A 72 4.61 -3.66 -9.25
N SER A 73 5.14 -2.72 -9.93
CA SER A 73 6.33 -2.13 -9.63
C SER A 73 6.17 -1.18 -8.52
N ALA A 74 5.01 -0.69 -8.44
CA ALA A 74 4.58 0.23 -7.40
C ALA A 74 4.46 -0.55 -6.15
N LEU A 75 4.26 -1.74 -6.38
CA LEU A 75 3.90 -2.65 -5.46
C LEU A 75 5.03 -3.56 -5.05
N ARG A 76 6.21 -3.23 -5.55
CA ARG A 76 7.48 -3.68 -5.02
C ARG A 76 8.19 -2.45 -4.48
N LEU A 77 7.75 -1.31 -4.98
CA LEU A 77 8.31 -0.01 -4.68
C LEU A 77 8.03 0.39 -3.30
N TYR A 78 6.77 0.63 -3.04
CA TYR A 78 6.39 1.18 -1.79
C TYR A 78 6.38 0.05 -0.78
N THR A 79 6.49 -1.16 -1.31
CA THR A 79 6.54 -2.35 -0.47
C THR A 79 7.95 -2.63 -0.01
N SER A 80 8.88 -1.89 -0.56
CA SER A 80 10.22 -1.91 -0.08
C SER A 80 10.37 -0.81 0.96
N SER A 81 9.25 -0.14 1.25
CA SER A 81 9.27 0.80 2.29
C SER A 81 9.10 0.08 3.54
N TRP A 82 9.54 0.69 4.54
CA TRP A 82 9.55 0.09 5.85
C TRP A 82 8.22 0.14 6.40
N ARG A 83 7.65 1.28 6.32
CA ARG A 83 6.33 1.56 6.83
C ARG A 83 5.26 0.77 6.16
N TYR A 84 5.66 0.13 5.15
CA TYR A 84 4.93 -0.93 4.58
C TYR A 84 4.95 -2.09 5.59
N LEU A 85 6.14 -2.64 5.81
CA LEU A 85 6.32 -3.84 6.60
C LEU A 85 6.27 -3.75 8.07
N TYR A 86 5.85 -2.65 8.55
CA TYR A 86 5.60 -2.40 9.93
C TYR A 86 4.64 -3.45 10.50
N GLY A 87 3.98 -4.10 9.58
CA GLY A 87 3.16 -5.21 9.81
C GLY A 87 2.85 -5.86 8.58
N VAL A 88 3.85 -6.43 7.93
CA VAL A 88 3.70 -7.19 6.73
C VAL A 88 4.69 -8.35 6.75
N LYS A 89 4.19 -9.52 6.58
CA LYS A 89 4.96 -10.73 6.28
C LYS A 89 3.98 -11.86 6.10
N PRO A 90 3.11 -12.13 7.10
CA PRO A 90 1.92 -12.91 6.87
C PRO A 90 0.80 -11.96 6.48
N GLY A 91 -0.44 -12.23 6.99
CA GLY A 91 -1.63 -11.46 6.72
C GLY A 91 -1.69 -10.13 7.38
N ALA A 92 -0.59 -9.77 7.61
CA ALA A 92 -0.14 -8.53 8.16
C ALA A 92 -0.52 -7.41 7.32
N THR A 93 -0.56 -7.70 6.08
CA THR A 93 -1.09 -6.89 5.04
C THR A 93 -2.40 -6.24 5.47
N ARG A 94 -3.24 -7.07 6.04
CA ARG A 94 -4.58 -6.81 6.32
C ARG A 94 -5.43 -6.70 5.07
N VAL A 95 -4.84 -6.76 3.86
CA VAL A 95 -5.58 -6.54 2.63
C VAL A 95 -5.06 -7.30 1.35
N ASP A 96 -6.01 -7.77 0.71
CA ASP A 96 -6.03 -8.09 -0.74
C ASP A 96 -7.22 -7.38 -1.24
N LEU A 97 -6.99 -6.07 -1.24
CA LEU A 97 -7.82 -4.94 -1.59
C LEU A 97 -9.26 -4.84 -1.15
N ASP A 98 -9.70 -5.82 -0.47
CA ASP A 98 -10.96 -5.86 0.18
C ASP A 98 -10.68 -5.29 1.51
N GLY A 99 -9.65 -5.88 2.07
CA GLY A 99 -9.22 -5.58 3.37
C GLY A 99 -9.25 -6.84 4.24
N ASN A 100 -8.92 -7.94 3.57
CA ASN A 100 -8.71 -9.26 4.08
C ASN A 100 -7.26 -9.36 4.09
N PRO A 101 -6.62 -9.99 5.08
CA PRO A 101 -5.15 -9.96 5.33
C PRO A 101 -4.45 -10.80 4.37
N CYS A 102 -4.65 -10.43 3.13
CA CYS A 102 -4.47 -11.27 1.96
C CYS A 102 -5.30 -12.59 2.13
N GLY A 103 -6.11 -12.54 3.22
CA GLY A 103 -7.02 -13.57 3.69
C GLY A 103 -6.26 -14.71 4.27
N GLU A 104 -5.06 -14.41 4.44
CA GLU A 104 -4.04 -15.25 4.87
C GLU A 104 -3.96 -15.30 6.39
N LEU A 105 -4.24 -14.20 7.06
CA LEU A 105 -4.19 -14.25 8.45
C LEU A 105 -5.38 -13.49 9.09
N ASP A 106 -5.47 -13.63 10.36
CA ASP A 106 -6.24 -12.89 11.35
C ASP A 106 -5.42 -11.57 11.54
N GLU A 107 -5.36 -11.06 12.70
CA GLU A 107 -4.44 -10.00 12.97
C GLU A 107 -3.68 -10.20 14.26
N GLN A 108 -4.00 -11.25 14.94
CA GLN A 108 -3.38 -11.60 16.15
C GLN A 108 -2.34 -12.54 15.81
N HIS A 109 -2.13 -12.68 14.53
CA HIS A 109 -1.03 -13.42 14.14
C HIS A 109 -0.16 -12.61 13.29
N VAL A 110 -0.75 -11.62 12.75
CA VAL A 110 0.01 -10.65 12.08
C VAL A 110 0.29 -9.54 13.02
N GLU A 111 0.01 -9.93 14.17
CA GLU A 111 0.30 -9.33 15.37
C GLU A 111 1.77 -9.34 15.54
N HIS A 112 2.33 -10.45 15.17
CA HIS A 112 3.75 -10.62 15.23
C HIS A 112 4.40 -9.95 14.11
N ALA A 113 3.63 -9.62 13.18
CA ALA A 113 4.06 -8.93 12.09
C ALA A 113 4.03 -7.49 12.37
N ARG A 114 3.08 -7.16 13.18
CA ARG A 114 2.80 -5.85 13.63
C ARG A 114 3.93 -5.47 14.57
N LYS A 115 4.67 -6.48 15.01
CA LYS A 115 5.64 -6.37 15.93
C LYS A 115 6.95 -6.67 15.22
N GLN A 116 6.96 -7.38 14.09
CA GLN A 116 8.25 -7.64 13.46
C GLN A 116 9.01 -6.38 13.01
N LEU A 117 8.30 -5.31 12.93
CA LEU A 117 8.80 -4.09 12.71
C LEU A 117 9.10 -3.32 13.93
N GLU A 118 8.66 -3.83 15.04
CA GLU A 118 9.07 -3.40 16.32
C GLU A 118 10.15 -4.36 16.76
N GLU A 119 10.66 -5.06 15.77
CA GLU A 119 11.81 -5.87 15.89
C GLU A 119 12.85 -5.14 15.15
N ALA A 120 12.43 -4.58 14.02
CA ALA A 120 13.32 -3.84 13.26
C ALA A 120 13.62 -2.52 13.87
N LYS A 121 12.62 -1.81 14.17
CA LYS A 121 12.64 -0.53 14.80
C LYS A 121 13.39 -0.51 16.01
N ALA A 122 12.97 -1.28 16.84
CA ALA A 122 13.54 -1.56 18.07
C ALA A 122 15.01 -2.03 17.97
N ARG A 123 15.45 -2.42 16.78
CA ARG A 123 16.78 -2.87 16.61
C ARG A 123 17.59 -1.74 16.13
N VAL A 124 16.89 -0.89 15.49
CA VAL A 124 17.50 0.18 14.81
C VAL A 124 17.74 1.21 15.77
N GLN A 125 16.63 1.52 16.29
CA GLN A 125 16.32 2.35 17.33
C GLN A 125 17.29 3.48 17.59
N ALA A 126 17.36 3.90 18.85
CA ALA A 126 18.28 4.87 19.30
C ALA A 126 18.07 6.27 18.71
N GLN A 127 18.40 6.41 17.45
CA GLN A 127 18.20 7.50 16.69
C GLN A 127 16.74 7.58 16.31
N ARG A 128 16.28 8.78 16.13
CA ARG A 128 14.97 9.03 15.67
C ARG A 128 14.65 8.39 14.33
N ALA A 129 15.65 8.20 13.54
CA ALA A 129 15.52 7.59 12.29
C ALA A 129 15.01 6.16 12.36
N GLU A 130 13.75 6.05 12.08
CA GLU A 130 12.99 4.84 12.07
C GLU A 130 11.61 5.17 11.53
N GLN A 131 10.83 5.87 12.29
CA GLN A 131 9.56 6.37 11.81
C GLN A 131 9.76 7.81 11.42
N GLN A 132 10.54 7.99 10.40
CA GLN A 132 10.88 9.27 9.89
C GLN A 132 10.41 9.46 8.48
N ALA A 133 10.59 10.63 8.02
CA ALA A 133 10.28 11.08 6.74
C ALA A 133 11.22 12.21 6.58
N MET A 1 -27.88 19.47 6.52
CA MET A 1 -26.64 20.21 6.78
C MET A 1 -25.73 19.97 5.63
N GLY A 2 -24.64 20.70 5.56
CA GLY A 2 -23.70 20.55 4.50
C GLY A 2 -22.45 21.26 4.86
N SER A 3 -21.41 21.09 4.09
CA SER A 3 -20.15 21.73 4.36
C SER A 3 -19.37 21.89 3.07
N SER A 4 -18.84 23.08 2.87
CA SER A 4 -17.96 23.37 1.76
C SER A 4 -16.64 22.61 1.99
N HIS A 5 -16.35 22.34 3.26
CA HIS A 5 -15.14 21.64 3.64
C HIS A 5 -15.46 20.17 3.56
N HIS A 6 -15.10 19.56 2.47
CA HIS A 6 -15.37 18.14 2.28
C HIS A 6 -14.28 17.46 1.48
N HIS A 7 -13.08 18.01 1.54
CA HIS A 7 -11.93 17.41 0.89
C HIS A 7 -10.67 18.07 1.40
N HIS A 8 -9.75 17.27 1.86
CA HIS A 8 -8.43 17.66 2.32
C HIS A 8 -7.83 16.39 2.85
N HIS A 9 -6.48 16.26 2.87
CA HIS A 9 -5.75 15.04 3.31
C HIS A 9 -6.37 14.23 4.40
N HIS A 10 -7.17 13.37 3.91
CA HIS A 10 -7.90 12.33 4.55
C HIS A 10 -8.70 11.78 3.38
N SER A 11 -8.06 11.90 2.23
CA SER A 11 -8.61 11.65 0.94
C SER A 11 -7.43 11.40 0.05
N GLN A 12 -7.51 10.38 -0.72
CA GLN A 12 -6.33 9.77 -1.27
C GLN A 12 -6.26 9.91 -2.73
N ASP A 13 -6.98 10.80 -3.18
CA ASP A 13 -7.20 11.02 -4.51
C ASP A 13 -6.45 12.21 -5.06
N PRO A 14 -6.29 12.27 -6.43
CA PRO A 14 -5.48 13.28 -7.17
C PRO A 14 -5.78 14.71 -6.83
N MET A 15 -6.99 14.96 -6.36
CA MET A 15 -7.43 16.26 -6.02
C MET A 15 -6.58 16.89 -4.91
N GLU A 16 -5.87 16.05 -4.16
CA GLU A 16 -4.89 16.55 -3.20
C GLU A 16 -3.75 15.52 -3.04
N ASN A 17 -3.50 14.76 -4.10
CA ASN A 17 -2.50 13.78 -4.13
C ASN A 17 -1.53 14.27 -5.17
N GLN A 18 -1.25 13.43 -5.98
CA GLN A 18 -0.44 13.56 -7.07
C GLN A 18 -1.24 13.25 -8.34
N PRO A 19 -0.70 13.51 -9.53
CA PRO A 19 -1.34 13.17 -10.79
C PRO A 19 -1.24 11.70 -11.08
N LYS A 20 -1.64 11.35 -12.26
CA LYS A 20 -1.58 10.10 -12.74
C LYS A 20 -0.24 9.41 -12.66
N LEU A 21 -0.36 8.13 -12.77
CA LEU A 21 0.52 7.15 -12.34
C LEU A 21 1.90 7.17 -12.93
N ASN A 22 1.98 6.78 -14.20
CA ASN A 22 3.18 6.88 -15.01
C ASN A 22 4.29 6.01 -14.44
N SER A 23 3.86 5.03 -13.65
CA SER A 23 4.64 3.99 -13.02
C SER A 23 5.07 4.26 -11.58
N SER A 24 4.77 3.28 -10.78
CA SER A 24 5.18 3.13 -9.42
C SER A 24 4.54 4.09 -8.37
N LYS A 25 5.15 5.21 -8.10
CA LYS A 25 4.82 6.04 -7.03
C LYS A 25 3.43 6.53 -7.07
N GLU A 26 3.17 7.32 -8.05
CA GLU A 26 1.89 7.92 -8.15
C GLU A 26 0.76 6.93 -8.52
N VAL A 27 1.09 5.65 -8.63
CA VAL A 27 0.09 4.65 -8.80
C VAL A 27 -0.28 4.11 -7.50
N ILE A 28 0.61 4.20 -6.46
CA ILE A 28 0.19 3.88 -5.14
C ILE A 28 -0.90 4.78 -4.83
N ALA A 29 -0.67 5.94 -5.23
CA ALA A 29 -1.58 6.98 -5.18
C ALA A 29 -2.90 6.66 -5.86
N PHE A 30 -2.88 6.04 -7.03
CA PHE A 30 -4.10 5.61 -7.61
C PHE A 30 -4.65 4.54 -6.81
N LEU A 31 -3.79 3.62 -6.46
CA LEU A 31 -4.13 2.50 -5.70
C LEU A 31 -4.77 2.92 -4.45
N ALA A 32 -4.39 4.01 -3.98
CA ALA A 32 -4.90 4.55 -2.79
C ALA A 32 -6.16 5.35 -2.97
N GLU A 33 -6.33 5.99 -4.12
CA GLU A 33 -7.50 6.78 -4.38
C GLU A 33 -8.64 5.86 -4.66
N ARG A 34 -8.21 4.75 -5.09
CA ARG A 34 -8.97 3.68 -5.49
C ARG A 34 -9.22 2.69 -4.33
N PHE A 35 -8.18 2.36 -3.58
CA PHE A 35 -8.28 1.48 -2.44
C PHE A 35 -7.98 2.14 -1.10
N PRO A 36 -8.93 2.93 -0.57
CA PRO A 36 -8.91 3.45 0.78
C PRO A 36 -8.39 2.48 1.90
N HIS A 37 -8.37 1.16 1.65
CA HIS A 37 -7.98 0.25 2.70
C HIS A 37 -6.50 -0.06 2.61
N CYS A 38 -6.16 -0.48 1.46
CA CYS A 38 -4.87 -0.96 1.10
C CYS A 38 -3.85 0.09 1.07
N PHE A 39 -4.17 1.08 0.39
CA PHE A 39 -3.24 2.01 0.04
C PHE A 39 -3.48 3.33 0.72
N SER A 40 -2.41 4.07 0.91
CA SER A 40 -2.45 5.36 1.55
C SER A 40 -2.60 6.49 0.60
N ALA A 41 -1.44 7.06 0.15
CA ALA A 41 -1.25 8.16 -0.83
C ALA A 41 -1.25 9.41 -0.03
N GLU A 42 -1.91 9.21 1.06
CA GLU A 42 -1.91 9.99 2.20
C GLU A 42 -0.59 9.96 2.78
N GLY A 43 -0.16 8.78 2.78
CA GLY A 43 0.97 8.43 3.41
C GLY A 43 1.85 7.59 2.54
N GLU A 44 3.11 7.49 2.95
CA GLU A 44 4.15 6.69 2.38
C GLU A 44 3.61 5.29 2.06
N ALA A 45 3.19 4.56 3.09
CA ALA A 45 2.66 3.25 2.91
C ALA A 45 1.77 2.86 4.06
N ARG A 46 1.47 1.59 4.12
CA ARG A 46 0.60 0.98 5.08
C ARG A 46 0.87 -0.51 4.89
N PRO A 47 0.67 -1.40 5.90
CA PRO A 47 0.84 -2.83 5.69
C PRO A 47 -0.04 -3.32 4.54
N LEU A 48 0.57 -4.08 3.67
CA LEU A 48 -0.04 -4.54 2.47
C LEU A 48 0.47 -5.97 2.20
N LYS A 49 -0.14 -6.70 1.29
CA LYS A 49 0.30 -7.98 0.89
C LYS A 49 1.02 -7.67 -0.37
N ILE A 50 1.87 -8.45 -0.83
CA ILE A 50 2.43 -8.15 -2.13
C ILE A 50 1.75 -8.79 -3.29
N GLY A 51 1.31 -9.95 -3.08
CA GLY A 51 0.58 -10.66 -4.12
C GLY A 51 -0.73 -9.96 -4.48
N ILE A 52 -1.14 -8.97 -3.67
CA ILE A 52 -2.22 -8.09 -3.97
C ILE A 52 -2.11 -7.49 -5.33
N PHE A 53 -0.94 -7.24 -5.78
CA PHE A 53 -0.75 -6.57 -6.96
C PHE A 53 -1.59 -7.20 -8.04
N GLN A 54 -1.54 -8.42 -8.07
CA GLN A 54 -2.32 -9.27 -8.91
C GLN A 54 -3.87 -9.06 -8.77
N ASP A 55 -4.17 -8.47 -7.74
CA ASP A 55 -5.51 -8.35 -7.22
C ASP A 55 -5.98 -7.10 -7.54
N LEU A 56 -5.08 -6.24 -7.43
CA LEU A 56 -5.15 -4.99 -7.86
C LEU A 56 -5.46 -5.10 -9.19
N VAL A 57 -4.61 -5.72 -9.88
CA VAL A 57 -4.63 -5.76 -11.32
C VAL A 57 -5.88 -6.32 -11.89
N ASP A 58 -6.58 -7.11 -11.07
CA ASP A 58 -7.92 -7.57 -11.38
C ASP A 58 -8.79 -6.35 -11.73
N ARG A 59 -8.58 -5.39 -10.88
CA ARG A 59 -9.28 -4.22 -10.70
C ARG A 59 -8.58 -3.01 -11.28
N VAL A 60 -7.40 -2.74 -10.75
CA VAL A 60 -6.72 -1.51 -10.91
C VAL A 60 -6.35 -1.05 -12.26
N ALA A 61 -5.79 -1.95 -12.93
CA ALA A 61 -4.87 -1.69 -13.90
C ALA A 61 -5.11 -0.63 -14.89
N GLY A 62 -5.60 -0.99 -15.87
CA GLY A 62 -5.63 -0.10 -16.98
C GLY A 62 -6.87 0.68 -17.07
N GLU A 63 -7.25 1.08 -15.94
CA GLU A 63 -8.29 2.00 -15.71
C GLU A 63 -7.89 3.33 -16.25
N MET A 64 -6.80 3.84 -15.71
CA MET A 64 -6.30 5.05 -16.17
C MET A 64 -5.18 4.83 -17.05
N ASN A 65 -4.26 4.14 -16.49
CA ASN A 65 -2.95 4.10 -17.05
C ASN A 65 -1.98 3.00 -16.57
N LEU A 66 -2.43 1.88 -16.24
CA LEU A 66 -1.56 0.80 -15.72
C LEU A 66 -1.48 -0.40 -16.62
N SER A 67 -0.30 -0.67 -16.96
CA SER A 67 0.10 -1.80 -17.71
C SER A 67 0.56 -2.95 -16.73
N LYS A 68 -0.08 -2.98 -15.53
CA LYS A 68 0.25 -3.88 -14.36
C LYS A 68 1.66 -3.71 -13.86
N THR A 69 2.63 -3.74 -14.68
CA THR A 69 3.95 -3.82 -14.24
C THR A 69 4.43 -2.50 -13.69
N GLN A 70 3.84 -1.49 -14.20
CA GLN A 70 4.10 -0.16 -13.72
C GLN A 70 3.39 0.05 -12.37
N LEU A 71 2.58 -0.91 -12.03
CA LEU A 71 1.84 -0.98 -10.80
C LEU A 71 2.55 -1.95 -9.87
N ARG A 72 3.09 -3.01 -10.39
CA ARG A 72 3.72 -4.01 -9.51
C ARG A 72 4.94 -3.43 -8.87
N SER A 73 5.41 -2.44 -9.50
CA SER A 73 6.56 -1.75 -9.18
C SER A 73 6.25 -0.67 -8.20
N ALA A 74 5.00 -0.42 -8.12
CA ALA A 74 4.46 0.51 -7.13
C ALA A 74 4.43 -0.23 -5.85
N LEU A 75 4.30 -1.45 -6.07
CA LEU A 75 4.06 -2.43 -5.15
C LEU A 75 5.38 -3.19 -4.86
N ARG A 76 6.41 -2.36 -4.92
CA ARG A 76 7.85 -2.55 -4.63
C ARG A 76 8.27 -1.30 -3.93
N LEU A 77 7.86 -0.19 -4.53
CA LEU A 77 8.22 1.14 -4.16
C LEU A 77 7.79 1.45 -2.79
N TYR A 78 6.50 1.47 -2.64
CA TYR A 78 5.94 1.91 -1.43
C TYR A 78 6.01 0.76 -0.44
N THR A 79 6.26 -0.42 -0.98
CA THR A 79 6.37 -1.61 -0.13
C THR A 79 7.76 -1.70 0.47
N SER A 80 8.64 -0.87 -0.03
CA SER A 80 9.94 -0.72 0.56
C SER A 80 9.87 0.33 1.66
N SER A 81 8.65 0.86 1.88
CA SER A 81 8.48 1.75 2.98
C SER A 81 8.44 0.96 4.21
N TRP A 82 8.80 1.57 5.24
CA TRP A 82 8.85 0.90 6.52
C TRP A 82 7.52 0.76 7.03
N ARG A 83 6.81 1.82 6.95
CA ARG A 83 5.49 1.89 7.49
C ARG A 83 4.53 1.01 6.75
N TYR A 84 5.03 0.47 5.67
CA TYR A 84 4.44 -0.63 5.03
C TYR A 84 4.57 -1.84 6.01
N LEU A 85 5.80 -2.26 6.25
CA LEU A 85 6.11 -3.49 7.00
C LEU A 85 6.08 -3.44 8.48
N TYR A 86 5.45 -2.51 8.99
CA TYR A 86 5.24 -2.37 10.39
C TYR A 86 4.36 -3.52 10.89
N GLY A 87 3.76 -4.14 9.91
CA GLY A 87 2.94 -5.26 10.08
C GLY A 87 2.57 -5.81 8.81
N VAL A 88 3.53 -6.40 8.17
CA VAL A 88 3.38 -7.09 6.93
C VAL A 88 4.29 -8.29 7.00
N LYS A 89 3.78 -9.41 6.59
CA LYS A 89 4.46 -10.68 6.28
C LYS A 89 3.38 -11.69 5.98
N PRO A 90 2.53 -12.04 6.98
CA PRO A 90 1.29 -12.75 6.70
C PRO A 90 0.17 -11.72 6.43
N GLY A 91 -1.03 -11.98 7.02
CA GLY A 91 -2.24 -11.19 6.89
C GLY A 91 -2.19 -9.84 7.55
N ALA A 92 -1.06 -9.53 7.72
CA ALA A 92 -0.53 -8.33 8.27
C ALA A 92 -0.89 -7.18 7.44
N THR A 93 -0.94 -7.48 6.23
CA THR A 93 -1.44 -6.67 5.21
C THR A 93 -2.75 -6.01 5.57
N ARG A 94 -3.63 -6.78 6.16
CA ARG A 94 -4.97 -6.42 6.42
C ARG A 94 -5.75 -6.05 5.17
N VAL A 95 -5.19 -6.29 3.95
CA VAL A 95 -5.87 -5.99 2.73
C VAL A 95 -5.63 -7.01 1.63
N ASP A 96 -6.64 -7.07 0.92
CA ASP A 96 -6.81 -7.87 -0.29
C ASP A 96 -7.70 -7.00 -1.17
N LEU A 97 -7.32 -5.73 -1.19
CA LEU A 97 -7.99 -4.64 -1.76
C LEU A 97 -9.42 -4.32 -1.35
N ASP A 98 -10.07 -5.33 -0.85
CA ASP A 98 -11.33 -5.25 -0.19
C ASP A 98 -10.97 -4.94 1.24
N GLY A 99 -9.76 -5.36 1.56
CA GLY A 99 -9.21 -5.10 2.82
C GLY A 99 -9.34 -6.28 3.83
N ASN A 100 -9.09 -7.45 3.31
CA ASN A 100 -8.99 -8.74 4.00
C ASN A 100 -7.54 -8.89 4.22
N PRO A 101 -7.03 -9.55 5.19
CA PRO A 101 -5.57 -9.59 5.50
C PRO A 101 -4.89 -10.50 4.57
N CYS A 102 -4.93 -10.13 3.30
CA CYS A 102 -4.70 -11.05 2.17
C CYS A 102 -5.71 -12.26 2.29
N GLY A 103 -6.61 -12.07 3.30
CA GLY A 103 -7.66 -12.98 3.73
C GLY A 103 -7.06 -14.15 4.42
N GLU A 104 -5.85 -13.96 4.66
CA GLU A 104 -4.94 -14.88 5.17
C GLU A 104 -4.93 -14.90 6.69
N LEU A 105 -4.99 -13.75 7.34
CA LEU A 105 -4.85 -13.77 8.72
C LEU A 105 -5.89 -12.93 9.45
N ASP A 106 -5.91 -13.10 10.71
CA ASP A 106 -6.55 -12.32 11.73
C ASP A 106 -5.63 -11.08 11.91
N GLU A 107 -5.38 -10.67 13.08
CA GLU A 107 -4.36 -9.70 13.33
C GLU A 107 -3.49 -10.05 14.49
N GLN A 108 -3.85 -11.06 15.17
CA GLN A 108 -3.17 -11.50 16.29
C GLN A 108 -2.30 -12.56 15.87
N HIS A 109 -2.11 -12.60 14.59
CA HIS A 109 -1.12 -13.42 14.08
C HIS A 109 -0.25 -12.65 13.20
N VAL A 110 -0.78 -11.58 12.76
CA VAL A 110 -0.01 -10.65 12.06
C VAL A 110 0.46 -9.62 13.03
N GLU A 111 0.23 -10.04 14.16
CA GLU A 111 0.68 -9.56 15.38
C GLU A 111 2.15 -9.73 15.43
N HIS A 112 2.57 -10.83 14.89
CA HIS A 112 3.96 -11.15 14.82
C HIS A 112 4.60 -10.45 13.68
N ALA A 113 3.79 -9.95 12.87
CA ALA A 113 4.18 -9.19 11.81
C ALA A 113 4.25 -7.77 12.24
N ARG A 114 3.42 -7.51 13.19
CA ARG A 114 3.31 -6.25 13.78
C ARG A 114 4.55 -6.08 14.67
N LYS A 115 5.24 -7.21 14.93
CA LYS A 115 6.29 -7.24 15.81
C LYS A 115 7.50 -7.52 14.99
N GLN A 116 7.32 -7.95 13.73
CA GLN A 116 8.47 -8.09 12.91
C GLN A 116 9.14 -6.74 12.55
N LEU A 117 8.43 -5.66 12.79
CA LEU A 117 8.95 -4.39 12.73
C LEU A 117 9.68 -4.08 14.04
N GLU A 118 9.45 -4.86 15.09
CA GLU A 118 10.19 -4.71 16.31
C GLU A 118 11.41 -5.62 16.21
N GLU A 119 11.55 -6.19 15.06
CA GLU A 119 12.71 -6.93 14.70
C GLU A 119 13.57 -5.94 13.99
N ALA A 120 12.86 -5.15 13.20
CA ALA A 120 13.40 -4.14 12.42
C ALA A 120 13.91 -3.01 13.21
N LYS A 121 13.07 -2.45 13.94
CA LYS A 121 13.29 -1.37 14.86
C LYS A 121 14.40 -1.59 15.74
N ALA A 122 14.30 -2.61 16.38
CA ALA A 122 15.27 -3.14 17.23
C ALA A 122 16.59 -3.45 16.53
N ARG A 123 16.59 -3.46 15.20
CA ARG A 123 17.78 -3.68 14.47
C ARG A 123 18.36 -2.37 14.10
N VAL A 124 17.48 -1.47 14.04
CA VAL A 124 17.74 -0.19 13.51
C VAL A 124 18.42 0.58 14.50
N GLN A 125 17.74 0.56 15.55
CA GLN A 125 17.96 0.95 16.90
C GLN A 125 19.11 1.95 17.32
N ALA A 126 19.87 2.38 16.39
CA ALA A 126 21.01 3.10 16.56
C ALA A 126 21.36 3.71 15.19
N GLN A 127 22.66 3.84 14.89
CA GLN A 127 23.12 4.29 13.68
C GLN A 127 22.59 3.38 12.58
N ARG A 128 21.96 3.99 11.59
CA ARG A 128 21.35 3.35 10.46
C ARG A 128 22.27 2.55 9.52
N ALA A 129 23.22 2.00 10.06
CA ALA A 129 24.24 1.29 9.44
C ALA A 129 23.78 0.04 8.76
N GLU A 130 23.58 0.18 7.50
CA GLU A 130 23.07 -0.82 6.58
C GLU A 130 22.71 -0.09 5.30
N GLN A 131 21.97 0.99 5.46
CA GLN A 131 21.58 1.84 4.38
C GLN A 131 22.21 3.17 4.68
N GLN A 132 23.47 3.24 4.40
CA GLN A 132 24.27 4.36 4.72
C GLN A 132 25.17 4.72 3.58
N ALA A 133 25.57 5.96 3.55
CA ALA A 133 26.47 6.48 2.57
C ALA A 133 27.31 7.53 3.27
N MET A 1 -23.95 -2.79 -11.78
CA MET A 1 -23.86 -3.40 -10.44
C MET A 1 -22.42 -3.48 -9.96
N GLY A 2 -21.64 -4.43 -10.44
CA GLY A 2 -20.22 -4.53 -10.07
C GLY A 2 -19.40 -3.61 -10.93
N SER A 3 -19.88 -2.40 -11.07
CA SER A 3 -19.33 -1.41 -11.94
C SER A 3 -18.15 -0.69 -11.27
N SER A 4 -17.86 -1.06 -10.03
CA SER A 4 -16.77 -0.47 -9.29
C SER A 4 -15.46 -1.24 -9.56
N HIS A 5 -15.51 -2.12 -10.57
CA HIS A 5 -14.33 -2.84 -11.07
C HIS A 5 -13.35 -1.81 -11.64
N HIS A 6 -13.90 -0.70 -12.08
CA HIS A 6 -13.13 0.45 -12.55
C HIS A 6 -13.66 1.62 -11.74
N HIS A 7 -12.83 2.56 -11.36
CA HIS A 7 -13.32 3.70 -10.61
C HIS A 7 -14.19 4.57 -11.48
N HIS A 8 -15.41 4.69 -11.08
CA HIS A 8 -16.40 5.47 -11.79
C HIS A 8 -16.54 6.84 -11.18
N HIS A 9 -15.54 7.64 -11.45
CA HIS A 9 -15.40 9.01 -10.99
C HIS A 9 -14.04 9.41 -11.54
N HIS A 10 -13.83 10.71 -11.83
CA HIS A 10 -12.53 11.24 -12.37
C HIS A 10 -11.35 10.63 -11.62
N SER A 11 -11.41 10.77 -10.34
CA SER A 11 -10.48 10.27 -9.40
C SER A 11 -11.10 10.43 -8.07
N GLN A 12 -10.58 9.79 -7.09
CA GLN A 12 -11.22 9.72 -5.79
C GLN A 12 -10.20 10.00 -4.75
N ASP A 13 -9.31 10.80 -5.13
CA ASP A 13 -8.21 11.16 -4.43
C ASP A 13 -8.51 12.18 -3.35
N PRO A 14 -7.85 12.07 -2.19
CA PRO A 14 -8.08 12.95 -1.05
C PRO A 14 -7.23 14.23 -1.10
N MET A 15 -5.88 14.12 -0.97
CA MET A 15 -5.05 15.27 -1.17
C MET A 15 -5.05 15.62 -2.63
N GLU A 16 -4.53 14.70 -3.42
CA GLU A 16 -4.55 14.78 -4.88
C GLU A 16 -3.86 13.59 -5.51
N ASN A 17 -4.37 13.21 -6.63
CA ASN A 17 -3.77 12.24 -7.54
C ASN A 17 -4.20 12.68 -8.92
N GLN A 18 -4.24 13.97 -9.01
CA GLN A 18 -4.64 14.66 -10.14
C GLN A 18 -3.71 14.38 -11.34
N PRO A 19 -2.40 14.66 -11.29
CA PRO A 19 -1.43 14.06 -12.23
C PRO A 19 -1.40 12.52 -12.10
N LYS A 20 -1.32 11.85 -13.24
CA LYS A 20 -1.28 10.48 -13.36
C LYS A 20 -0.08 9.73 -12.85
N LEU A 21 -0.31 8.43 -12.71
CA LEU A 21 0.53 7.43 -12.16
C LEU A 21 1.92 7.35 -12.80
N ASN A 22 1.93 6.91 -14.07
CA ASN A 22 3.12 6.78 -14.93
C ASN A 22 4.21 5.93 -14.34
N SER A 23 3.76 5.03 -13.48
CA SER A 23 4.53 3.96 -12.85
C SER A 23 4.95 4.19 -11.42
N SER A 24 4.68 3.16 -10.66
CA SER A 24 5.07 2.96 -9.32
C SER A 24 4.49 3.92 -8.25
N LYS A 25 5.15 5.01 -7.96
CA LYS A 25 4.84 5.82 -6.86
C LYS A 25 3.48 6.38 -6.91
N GLU A 26 3.27 7.18 -7.88
CA GLU A 26 2.03 7.87 -8.03
C GLU A 26 0.84 6.92 -8.31
N VAL A 27 1.12 5.64 -8.49
CA VAL A 27 0.07 4.68 -8.66
C VAL A 27 -0.32 4.13 -7.35
N ILE A 28 0.56 4.23 -6.32
CA ILE A 28 0.14 3.92 -5.00
C ILE A 28 -0.91 4.84 -4.70
N ALA A 29 -0.67 6.02 -5.10
CA ALA A 29 -1.58 7.06 -5.02
C ALA A 29 -2.89 6.75 -5.71
N PHE A 30 -2.87 6.17 -6.89
CA PHE A 30 -4.09 5.77 -7.49
C PHE A 30 -4.68 4.70 -6.69
N LEU A 31 -3.85 3.74 -6.36
CA LEU A 31 -4.23 2.61 -5.62
C LEU A 31 -4.90 3.03 -4.38
N ALA A 32 -4.46 4.07 -3.87
CA ALA A 32 -4.94 4.61 -2.66
C ALA A 32 -6.21 5.40 -2.79
N GLU A 33 -6.41 6.03 -3.92
CA GLU A 33 -7.61 6.82 -4.13
C GLU A 33 -8.76 5.87 -4.41
N ARG A 34 -8.33 4.78 -4.83
CA ARG A 34 -9.06 3.70 -5.29
C ARG A 34 -9.35 2.71 -4.18
N PHE A 35 -8.34 2.43 -3.40
CA PHE A 35 -8.41 1.52 -2.30
C PHE A 35 -8.04 2.16 -0.95
N PRO A 36 -8.81 3.19 -0.45
CA PRO A 36 -8.63 3.83 0.88
C PRO A 36 -8.31 2.88 2.10
N HIS A 37 -8.48 1.57 1.94
CA HIS A 37 -8.20 0.63 3.01
C HIS A 37 -6.86 -0.03 2.82
N CYS A 38 -6.61 -0.44 1.62
CA CYS A 38 -5.39 -1.00 1.24
C CYS A 38 -4.30 0.05 1.31
N PHE A 39 -4.50 1.08 0.54
CA PHE A 39 -3.52 2.03 0.26
C PHE A 39 -3.89 3.40 0.89
N SER A 40 -2.90 4.29 0.96
CA SER A 40 -3.11 5.64 1.53
C SER A 40 -2.96 6.71 0.53
N ALA A 41 -1.68 7.13 0.33
CA ALA A 41 -1.17 8.07 -0.70
C ALA A 41 -1.03 9.33 0.02
N GLU A 42 -1.93 9.39 0.93
CA GLU A 42 -2.01 10.29 1.97
C GLU A 42 -0.97 10.00 2.95
N GLY A 43 -0.89 8.77 3.13
CA GLY A 43 -0.11 8.20 4.09
C GLY A 43 1.09 7.58 3.50
N GLU A 44 2.12 7.56 4.30
CA GLU A 44 3.42 7.03 4.04
C GLU A 44 3.35 5.72 3.28
N ALA A 45 2.82 4.73 3.93
CA ALA A 45 2.57 3.47 3.36
C ALA A 45 1.63 2.79 4.29
N ARG A 46 1.33 1.61 3.98
CA ARG A 46 0.42 0.82 4.69
C ARG A 46 0.89 -0.58 4.58
N PRO A 47 0.93 -1.33 5.69
CA PRO A 47 1.13 -2.75 5.62
C PRO A 47 0.13 -3.30 4.61
N LEU A 48 0.62 -3.96 3.63
CA LEU A 48 -0.12 -4.40 2.48
C LEU A 48 0.47 -5.76 2.10
N LYS A 49 -0.05 -6.47 1.11
CA LYS A 49 0.60 -7.65 0.69
C LYS A 49 1.27 -7.33 -0.62
N ILE A 50 1.71 -8.28 -1.31
CA ILE A 50 2.11 -8.10 -2.65
C ILE A 50 1.26 -8.84 -3.62
N GLY A 51 0.74 -9.92 -3.19
CA GLY A 51 -0.11 -10.71 -4.03
C GLY A 51 -1.40 -10.00 -4.34
N ILE A 52 -1.76 -9.01 -3.51
CA ILE A 52 -2.78 -8.07 -3.78
C ILE A 52 -2.69 -7.53 -5.16
N PHE A 53 -1.49 -7.28 -5.62
CA PHE A 53 -1.25 -6.63 -6.83
C PHE A 53 -2.13 -7.20 -7.90
N GLN A 54 -2.18 -8.41 -7.93
CA GLN A 54 -3.00 -9.23 -8.80
C GLN A 54 -4.53 -8.86 -8.74
N ASP A 55 -4.82 -8.25 -7.74
CA ASP A 55 -6.20 -8.01 -7.33
C ASP A 55 -6.53 -6.72 -7.68
N LEU A 56 -5.56 -5.95 -7.51
CA LEU A 56 -5.53 -4.68 -7.97
C LEU A 56 -5.77 -4.79 -9.32
N VAL A 57 -4.92 -5.50 -9.94
CA VAL A 57 -4.87 -5.58 -11.36
C VAL A 57 -6.12 -6.02 -12.00
N ASP A 58 -6.95 -6.74 -11.24
CA ASP A 58 -8.31 -7.02 -11.66
C ASP A 58 -8.96 -5.72 -12.12
N ARG A 59 -8.77 -4.80 -11.24
CA ARG A 59 -9.32 -3.55 -11.16
C ARG A 59 -8.44 -2.50 -11.79
N VAL A 60 -7.29 -2.31 -11.18
CA VAL A 60 -6.46 -1.15 -11.39
C VAL A 60 -5.79 -0.96 -12.79
N ALA A 61 -5.37 -2.03 -13.26
CA ALA A 61 -4.29 -2.22 -14.15
C ALA A 61 -4.26 -1.67 -15.49
N GLY A 62 -5.17 -0.99 -15.79
CA GLY A 62 -5.06 -0.11 -16.83
C GLY A 62 -6.23 0.75 -16.91
N GLU A 63 -6.70 1.05 -15.77
CA GLU A 63 -7.80 1.94 -15.56
C GLU A 63 -7.53 3.27 -16.10
N MET A 64 -6.35 3.71 -15.86
CA MET A 64 -5.92 4.96 -16.25
C MET A 64 -4.64 4.87 -16.88
N ASN A 65 -3.75 4.57 -16.06
CA ASN A 65 -2.43 4.62 -16.32
C ASN A 65 -1.66 3.43 -15.81
N LEU A 66 -2.10 2.24 -16.01
CA LEU A 66 -1.38 1.10 -15.54
C LEU A 66 -1.28 0.06 -16.60
N SER A 67 -0.31 -0.76 -16.42
CA SER A 67 0.00 -1.85 -17.24
C SER A 67 0.45 -3.05 -16.35
N LYS A 68 -0.20 -3.17 -15.16
CA LYS A 68 0.13 -4.16 -14.07
C LYS A 68 1.52 -3.96 -13.54
N THR A 69 2.51 -4.03 -14.34
CA THR A 69 3.83 -4.12 -13.86
C THR A 69 4.33 -2.81 -13.33
N GLN A 70 3.80 -1.77 -13.88
CA GLN A 70 4.12 -0.46 -13.42
C GLN A 70 3.38 -0.21 -12.10
N LEU A 71 2.48 -1.09 -11.80
CA LEU A 71 1.71 -1.12 -10.61
C LEU A 71 2.36 -2.10 -9.64
N ARG A 72 2.90 -3.20 -10.11
CA ARG A 72 3.49 -4.20 -9.18
C ARG A 72 4.73 -3.64 -8.54
N SER A 73 5.17 -2.59 -9.12
CA SER A 73 6.30 -1.90 -8.75
C SER A 73 5.96 -0.69 -8.00
N ALA A 74 4.75 -0.48 -7.94
CA ALA A 74 4.19 0.50 -7.01
C ALA A 74 4.13 -0.21 -5.72
N LEU A 75 3.88 -1.40 -5.93
CA LEU A 75 3.68 -2.40 -5.05
C LEU A 75 4.99 -3.17 -4.89
N ARG A 76 6.04 -2.55 -5.41
CA ARG A 76 7.37 -2.90 -5.13
C ARG A 76 8.05 -1.70 -4.46
N LEU A 77 7.52 -0.55 -4.73
CA LEU A 77 8.02 0.75 -4.31
C LEU A 77 7.68 1.04 -2.92
N TYR A 78 6.40 1.24 -2.67
CA TYR A 78 6.03 1.67 -1.37
C TYR A 78 6.07 0.47 -0.45
N THR A 79 6.18 -0.69 -1.09
CA THR A 79 6.30 -1.95 -0.39
C THR A 79 7.75 -2.28 -0.06
N SER A 80 8.68 -1.58 -0.71
CA SER A 80 10.07 -1.70 -0.33
C SER A 80 10.35 -0.78 0.81
N SER A 81 9.33 -0.04 1.17
CA SER A 81 9.42 0.82 2.26
C SER A 81 9.24 0.02 3.47
N TRP A 82 9.75 0.51 4.47
CA TRP A 82 9.79 -0.16 5.74
C TRP A 82 8.52 -0.06 6.38
N ARG A 83 8.01 1.11 6.43
CA ARG A 83 6.76 1.41 7.03
C ARG A 83 5.61 0.69 6.39
N TYR A 84 5.89 0.14 5.29
CA TYR A 84 5.07 -0.84 4.71
C TYR A 84 5.06 -2.07 5.63
N LEU A 85 6.23 -2.70 5.78
CA LEU A 85 6.38 -3.97 6.48
C LEU A 85 6.39 -3.97 7.97
N TYR A 86 6.09 -2.88 8.51
CA TYR A 86 5.93 -2.67 9.91
C TYR A 86 4.91 -3.67 10.49
N GLY A 87 4.15 -4.21 9.59
CA GLY A 87 3.25 -5.26 9.82
C GLY A 87 2.83 -5.84 8.55
N VAL A 88 3.68 -6.62 7.89
CA VAL A 88 3.31 -7.25 6.59
C VAL A 88 3.65 -8.75 6.46
N LYS A 89 4.29 -9.31 7.43
CA LYS A 89 4.92 -10.64 7.22
C LYS A 89 3.92 -11.71 6.72
N PRO A 90 2.82 -11.96 7.43
CA PRO A 90 1.70 -12.64 6.88
C PRO A 90 0.56 -11.68 6.54
N GLY A 91 -0.64 -11.87 7.11
CA GLY A 91 -1.83 -11.16 6.72
C GLY A 91 -1.96 -9.82 7.34
N ALA A 92 -0.87 -9.41 7.59
CA ALA A 92 -0.50 -8.16 8.18
C ALA A 92 -0.81 -7.04 7.25
N THR A 93 -0.85 -7.40 6.04
CA THR A 93 -1.35 -6.63 4.96
C THR A 93 -2.66 -5.98 5.33
N ARG A 94 -3.46 -6.80 5.95
CA ARG A 94 -4.76 -6.54 6.31
C ARG A 94 -5.69 -6.52 5.12
N VAL A 95 -5.15 -6.47 3.90
CA VAL A 95 -5.92 -6.31 2.68
C VAL A 95 -5.34 -6.98 1.37
N ASP A 96 -6.22 -7.57 0.74
CA ASP A 96 -6.20 -7.86 -0.71
C ASP A 96 -7.37 -7.14 -1.23
N LEU A 97 -7.13 -5.82 -1.24
CA LEU A 97 -7.94 -4.68 -1.59
C LEU A 97 -9.39 -4.62 -1.16
N ASP A 98 -9.78 -5.56 -0.36
CA ASP A 98 -11.05 -5.58 0.29
C ASP A 98 -10.77 -5.07 1.65
N GLY A 99 -9.88 -5.80 2.24
CA GLY A 99 -9.52 -5.63 3.57
C GLY A 99 -9.47 -6.99 4.26
N ASN A 100 -9.21 -8.02 3.44
CA ASN A 100 -8.91 -9.34 3.84
C ASN A 100 -7.45 -9.30 4.00
N PRO A 101 -6.82 -9.95 4.97
CA PRO A 101 -5.36 -9.84 5.26
C PRO A 101 -4.60 -10.61 4.28
N CYS A 102 -4.80 -10.22 3.04
CA CYS A 102 -4.54 -11.01 1.86
C CYS A 102 -5.30 -12.39 1.97
N GLY A 103 -6.13 -12.41 3.05
CA GLY A 103 -7.01 -13.50 3.47
C GLY A 103 -6.23 -14.58 4.11
N GLU A 104 -5.05 -14.25 4.28
CA GLU A 104 -4.01 -15.04 4.76
C GLU A 104 -3.97 -15.12 6.30
N LEU A 105 -4.29 -14.03 6.99
CA LEU A 105 -4.23 -14.10 8.39
C LEU A 105 -5.45 -13.45 9.11
N ASP A 106 -5.51 -13.75 10.37
CA ASP A 106 -6.28 -13.15 11.45
C ASP A 106 -5.62 -11.75 11.69
N GLU A 107 -5.52 -11.33 12.87
CA GLU A 107 -4.76 -10.17 13.20
C GLU A 107 -3.98 -10.25 14.48
N GLN A 108 -4.09 -11.36 15.12
CA GLN A 108 -3.35 -11.62 16.26
C GLN A 108 -2.27 -12.50 15.83
N HIS A 109 -2.15 -12.59 14.52
CA HIS A 109 -1.04 -13.27 14.05
C HIS A 109 -0.23 -12.39 13.21
N VAL A 110 -0.86 -11.40 12.74
CA VAL A 110 -0.16 -10.39 12.05
C VAL A 110 0.22 -9.34 12.98
N GLU A 111 -0.07 -9.71 14.12
CA GLU A 111 0.28 -9.13 15.32
C GLU A 111 1.76 -9.26 15.48
N HIS A 112 2.24 -10.38 15.07
CA HIS A 112 3.63 -10.67 15.14
C HIS A 112 4.32 -10.12 13.96
N ALA A 113 3.57 -9.68 13.07
CA ALA A 113 4.03 -9.04 11.97
C ALA A 113 4.14 -7.63 12.26
N ARG A 114 3.23 -7.22 13.08
CA ARG A 114 3.19 -5.94 13.57
C ARG A 114 4.44 -5.74 14.46
N LYS A 115 5.04 -6.86 14.90
CA LYS A 115 6.05 -6.79 15.81
C LYS A 115 7.31 -7.19 15.10
N GLN A 116 7.20 -7.81 13.90
CA GLN A 116 8.40 -8.15 13.16
C GLN A 116 9.22 -6.93 12.70
N LEU A 117 8.59 -5.81 12.70
CA LEU A 117 9.16 -4.63 12.48
C LEU A 117 9.55 -3.90 13.67
N GLU A 118 9.16 -4.40 14.81
CA GLU A 118 9.65 -3.95 16.04
C GLU A 118 10.86 -4.79 16.35
N GLU A 119 11.20 -5.62 15.39
CA GLU A 119 12.35 -6.41 15.41
C GLU A 119 13.36 -5.62 14.71
N ALA A 120 12.90 -5.06 13.58
CA ALA A 120 13.73 -4.36 12.78
C ALA A 120 14.06 -3.04 13.34
N LYS A 121 13.10 -2.34 13.73
CA LYS A 121 13.18 -1.05 14.35
C LYS A 121 14.05 -1.01 15.48
N ALA A 122 13.73 -1.79 16.34
CA ALA A 122 14.42 -2.00 17.51
C ALA A 122 15.83 -2.55 17.30
N ARG A 123 16.16 -2.91 16.08
CA ARG A 123 17.46 -3.35 15.78
C ARG A 123 18.24 -2.19 15.26
N VAL A 124 17.48 -1.32 14.73
CA VAL A 124 18.01 -0.22 13.98
C VAL A 124 18.34 0.84 14.91
N GLN A 125 17.34 1.02 15.64
CA GLN A 125 17.11 1.76 16.79
C GLN A 125 18.03 2.93 17.16
N ALA A 126 19.29 2.67 17.17
CA ALA A 126 20.31 3.54 17.47
C ALA A 126 20.29 4.74 16.55
N GLN A 127 20.45 4.46 15.28
CA GLN A 127 20.30 5.35 14.28
C GLN A 127 18.84 5.62 14.12
N ARG A 128 18.47 6.86 14.17
CA ARG A 128 17.15 7.19 14.01
C ARG A 128 16.72 7.17 12.57
N ALA A 129 16.33 6.02 12.19
CA ALA A 129 15.96 5.67 10.95
C ALA A 129 14.88 4.64 11.04
N GLU A 130 13.76 4.96 10.44
CA GLU A 130 12.60 4.12 10.41
C GLU A 130 11.61 4.67 9.42
N GLN A 131 11.41 5.94 9.45
CA GLN A 131 10.64 6.65 8.45
C GLN A 131 11.60 7.21 7.41
N GLN A 132 12.72 6.52 7.28
CA GLN A 132 13.78 6.90 6.39
C GLN A 132 13.82 5.97 5.18
N ALA A 133 12.88 5.03 5.12
CA ALA A 133 12.84 4.05 4.06
C ALA A 133 11.40 3.67 3.80
N MET A 1 -18.94 23.94 -14.65
CA MET A 1 -17.89 23.79 -13.63
C MET A 1 -16.62 24.25 -14.27
N GLY A 2 -15.49 24.09 -13.61
CA GLY A 2 -14.25 24.52 -14.21
C GLY A 2 -13.54 23.34 -14.84
N SER A 3 -12.26 23.21 -14.59
CA SER A 3 -11.46 22.11 -15.11
C SER A 3 -11.68 20.85 -14.22
N SER A 4 -12.92 20.66 -13.82
CA SER A 4 -13.33 19.62 -12.93
C SER A 4 -13.68 18.34 -13.72
N HIS A 5 -13.24 18.30 -14.97
CA HIS A 5 -13.52 17.20 -15.88
C HIS A 5 -12.80 15.93 -15.43
N HIS A 6 -13.49 15.13 -14.69
CA HIS A 6 -12.97 13.90 -14.17
C HIS A 6 -13.34 12.70 -15.04
N HIS A 7 -13.03 11.50 -14.56
CA HIS A 7 -13.18 10.29 -15.35
C HIS A 7 -14.46 9.54 -14.94
N HIS A 8 -14.99 9.92 -13.77
CA HIS A 8 -16.22 9.38 -13.16
C HIS A 8 -15.94 8.24 -12.21
N HIS A 9 -15.62 8.65 -10.99
CA HIS A 9 -15.37 7.84 -9.79
C HIS A 9 -14.97 6.41 -9.92
N HIS A 10 -13.71 6.22 -9.82
CA HIS A 10 -13.16 4.90 -9.68
C HIS A 10 -12.85 4.76 -8.22
N SER A 11 -12.13 5.72 -7.76
CA SER A 11 -11.64 5.81 -6.47
C SER A 11 -12.63 6.41 -5.50
N GLN A 12 -12.24 6.36 -4.25
CA GLN A 12 -13.08 6.67 -3.12
C GLN A 12 -12.37 7.73 -2.31
N ASP A 13 -11.71 8.51 -3.08
CA ASP A 13 -10.88 9.55 -2.76
C ASP A 13 -11.67 10.87 -2.73
N PRO A 14 -11.00 12.04 -2.57
CA PRO A 14 -11.67 13.31 -2.59
C PRO A 14 -12.01 13.76 -4.00
N MET A 15 -13.14 13.24 -4.45
CA MET A 15 -13.75 13.53 -5.70
C MET A 15 -12.85 13.37 -6.90
N GLU A 16 -12.17 12.24 -6.91
CA GLU A 16 -11.27 11.82 -7.98
C GLU A 16 -9.97 12.58 -7.97
N ASN A 17 -8.98 11.91 -7.47
CA ASN A 17 -7.63 12.43 -7.31
C ASN A 17 -6.76 11.96 -8.45
N GLN A 18 -7.47 11.37 -9.37
CA GLN A 18 -6.99 10.62 -10.47
C GLN A 18 -5.72 11.16 -11.13
N PRO A 19 -4.62 10.60 -10.72
CA PRO A 19 -3.33 10.97 -11.16
C PRO A 19 -2.89 10.19 -12.39
N LYS A 20 -1.91 10.72 -13.04
CA LYS A 20 -1.18 10.07 -13.99
C LYS A 20 -0.13 9.37 -13.20
N LEU A 21 -0.31 8.10 -13.10
CA LEU A 21 0.42 7.25 -12.26
C LEU A 21 1.90 7.17 -12.44
N ASN A 22 2.33 7.54 -13.58
CA ASN A 22 3.71 7.72 -13.96
C ASN A 22 4.49 6.46 -13.85
N SER A 23 3.74 5.40 -13.82
CA SER A 23 4.19 4.03 -13.96
C SER A 23 4.86 3.40 -12.72
N SER A 24 4.81 4.07 -11.55
CA SER A 24 5.27 3.44 -10.29
C SER A 24 4.73 4.11 -9.00
N LYS A 25 5.41 5.12 -8.50
CA LYS A 25 5.12 5.69 -7.24
C LYS A 25 3.75 6.25 -7.17
N GLU A 26 3.52 7.12 -8.07
CA GLU A 26 2.29 7.85 -8.15
C GLU A 26 1.08 6.94 -8.43
N VAL A 27 1.31 5.66 -8.68
CA VAL A 27 0.22 4.74 -8.84
C VAL A 27 -0.13 4.16 -7.54
N ILE A 28 0.80 4.19 -6.56
CA ILE A 28 0.44 3.83 -5.23
C ILE A 28 -0.56 4.76 -4.83
N ALA A 29 -0.33 5.94 -5.22
CA ALA A 29 -1.20 7.00 -5.02
C ALA A 29 -2.59 6.76 -5.57
N PHE A 30 -2.69 6.20 -6.77
CA PHE A 30 -3.96 5.84 -7.28
C PHE A 30 -4.46 4.74 -6.47
N LEU A 31 -3.60 3.77 -6.26
CA LEU A 31 -3.92 2.62 -5.52
C LEU A 31 -4.47 2.98 -4.20
N ALA A 32 -3.99 4.02 -3.70
CA ALA A 32 -4.36 4.52 -2.41
C ALA A 32 -5.60 5.34 -2.41
N GLU A 33 -5.87 6.02 -3.49
CA GLU A 33 -7.05 6.84 -3.57
C GLU A 33 -8.24 5.94 -3.84
N ARG A 34 -7.88 4.87 -4.40
CA ARG A 34 -8.68 3.83 -4.82
C ARG A 34 -8.90 2.84 -3.70
N PHE A 35 -7.82 2.45 -3.06
CA PHE A 35 -7.83 1.55 -1.96
C PHE A 35 -7.30 2.18 -0.69
N PRO A 36 -8.05 3.12 -0.06
CA PRO A 36 -7.72 3.68 1.26
C PRO A 36 -7.18 2.66 2.31
N HIS A 37 -7.47 1.36 2.15
CA HIS A 37 -7.03 0.39 3.13
C HIS A 37 -5.61 0.01 2.84
N CYS A 38 -5.48 -0.53 1.68
CA CYS A 38 -4.30 -1.11 1.12
C CYS A 38 -3.20 -0.16 0.98
N PHE A 39 -3.52 0.93 0.45
CA PHE A 39 -2.58 1.83 0.06
C PHE A 39 -2.68 3.15 0.82
N SER A 40 -1.54 3.81 0.94
CA SER A 40 -1.41 5.08 1.61
C SER A 40 -1.65 6.24 0.71
N ALA A 41 -0.52 6.81 0.21
CA ALA A 41 -0.39 7.95 -0.73
C ALA A 41 -0.13 9.11 0.14
N GLU A 42 -0.66 8.88 1.29
CA GLU A 42 -0.54 9.57 2.46
C GLU A 42 0.82 9.54 2.89
N GLY A 43 1.27 8.38 2.80
CA GLY A 43 2.43 8.04 3.43
C GLY A 43 3.26 7.11 2.65
N GLU A 44 4.38 6.75 3.26
CA GLU A 44 5.37 5.84 2.79
C GLU A 44 4.70 4.60 2.20
N ALA A 45 3.95 3.87 3.04
CA ALA A 45 3.25 2.69 2.62
C ALA A 45 2.28 2.22 3.69
N ARG A 46 1.77 1.07 3.53
CA ARG A 46 0.83 0.47 4.44
C ARG A 46 1.19 -0.99 4.39
N PRO A 47 0.99 -1.79 5.46
CA PRO A 47 1.17 -3.23 5.35
C PRO A 47 0.32 -3.74 4.19
N LEU A 48 0.94 -4.50 3.35
CA LEU A 48 0.35 -4.95 2.16
C LEU A 48 0.85 -6.37 1.84
N LYS A 49 0.15 -7.07 0.97
CA LYS A 49 0.51 -8.34 0.50
C LYS A 49 1.17 -8.01 -0.80
N ILE A 50 2.00 -8.78 -1.28
CA ILE A 50 2.54 -8.49 -2.58
C ILE A 50 1.77 -9.04 -3.76
N GLY A 51 1.23 -10.17 -3.58
CA GLY A 51 0.43 -10.79 -4.62
C GLY A 51 -0.83 -10.01 -4.92
N ILE A 52 -1.19 -9.06 -4.03
CA ILE A 52 -2.26 -8.12 -4.24
C ILE A 52 -2.24 -7.50 -5.60
N PHE A 53 -1.09 -7.23 -6.11
CA PHE A 53 -0.95 -6.54 -7.30
C PHE A 53 -1.89 -7.11 -8.33
N GLN A 54 -1.89 -8.33 -8.40
CA GLN A 54 -2.74 -9.13 -9.22
C GLN A 54 -4.28 -8.90 -8.98
N ASP A 55 -4.50 -8.33 -7.93
CA ASP A 55 -5.81 -8.18 -7.32
C ASP A 55 -6.25 -6.90 -7.56
N LEU A 56 -5.31 -6.09 -7.48
CA LEU A 56 -5.36 -4.81 -7.85
C LEU A 56 -5.75 -4.85 -9.16
N VAL A 57 -4.96 -5.46 -9.92
CA VAL A 57 -5.08 -5.45 -11.37
C VAL A 57 -6.40 -5.92 -11.87
N ASP A 58 -7.07 -6.73 -11.05
CA ASP A 58 -8.46 -7.10 -11.29
C ASP A 58 -9.28 -5.83 -11.51
N ARG A 59 -8.98 -4.92 -10.63
CA ARG A 59 -9.63 -3.74 -10.34
C ARG A 59 -8.94 -2.52 -10.89
N VAL A 60 -7.69 -2.34 -10.48
CA VAL A 60 -6.97 -1.13 -10.63
C VAL A 60 -6.69 -0.63 -11.99
N ALA A 61 -6.21 -1.52 -12.75
CA ALA A 61 -5.36 -1.25 -13.78
C ALA A 61 -5.62 -0.11 -14.68
N GLY A 62 -6.18 -0.37 -15.67
CA GLY A 62 -6.24 0.59 -16.72
C GLY A 62 -7.42 1.46 -16.67
N GLU A 63 -7.72 1.78 -15.49
CA GLU A 63 -8.70 2.70 -15.11
C GLU A 63 -8.33 4.08 -15.58
N MET A 64 -7.15 4.51 -15.16
CA MET A 64 -6.63 5.73 -15.62
C MET A 64 -5.63 5.48 -16.60
N ASN A 65 -4.69 4.75 -16.15
CA ASN A 65 -3.44 4.66 -16.83
C ASN A 65 -2.45 3.51 -16.46
N LEU A 66 -2.92 2.38 -16.15
CA LEU A 66 -2.08 1.24 -15.73
C LEU A 66 -2.12 0.06 -16.68
N SER A 67 -0.99 -0.26 -17.10
CA SER A 67 -0.69 -1.40 -17.90
C SER A 67 -0.19 -2.58 -16.98
N LYS A 68 -0.75 -2.65 -15.73
CA LYS A 68 -0.37 -3.60 -14.62
C LYS A 68 1.08 -3.52 -14.21
N THR A 69 1.99 -3.58 -15.10
CA THR A 69 3.34 -3.71 -14.73
C THR A 69 3.88 -2.42 -14.20
N GLN A 70 3.27 -1.40 -14.60
CA GLN A 70 3.58 -0.09 -14.14
C GLN A 70 2.89 0.15 -12.77
N LEU A 71 2.20 -0.85 -12.34
CA LEU A 71 1.54 -0.89 -11.08
C LEU A 71 2.28 -1.89 -10.21
N ARG A 72 2.77 -2.96 -10.79
CA ARG A 72 3.44 -3.99 -9.99
C ARG A 72 4.69 -3.43 -9.41
N SER A 73 5.15 -2.46 -10.07
CA SER A 73 6.34 -1.83 -9.80
C SER A 73 6.16 -0.83 -8.74
N ALA A 74 4.95 -0.50 -8.55
CA ALA A 74 4.53 0.38 -7.48
C ALA A 74 4.47 -0.41 -6.24
N LEU A 75 4.31 -1.60 -6.48
CA LEU A 75 3.99 -2.55 -5.56
C LEU A 75 5.17 -3.41 -5.16
N ARG A 76 6.32 -3.04 -5.68
CA ARG A 76 7.63 -3.44 -5.17
C ARG A 76 8.29 -2.18 -4.62
N LEU A 77 7.79 -1.06 -5.10
CA LEU A 77 8.30 0.27 -4.79
C LEU A 77 8.01 0.63 -3.39
N TYR A 78 6.73 0.81 -3.14
CA TYR A 78 6.31 1.31 -1.89
C TYR A 78 6.35 0.18 -0.89
N THR A 79 6.54 -1.01 -1.41
CA THR A 79 6.62 -2.19 -0.56
C THR A 79 8.03 -2.38 -0.05
N SER A 80 8.92 -1.58 -0.56
CA SER A 80 10.26 -1.51 -0.05
C SER A 80 10.28 -0.47 1.07
N SER A 81 9.11 0.11 1.36
CA SER A 81 8.98 0.98 2.46
C SER A 81 8.98 0.15 3.68
N TRP A 82 9.32 0.76 4.73
CA TRP A 82 9.41 0.12 6.01
C TRP A 82 8.10 0.12 6.57
N ARG A 83 7.49 1.25 6.50
CA ARG A 83 6.14 1.46 6.98
C ARG A 83 5.15 0.51 6.35
N TYR A 84 5.54 -0.01 5.24
CA TYR A 84 4.91 -1.11 4.64
C TYR A 84 4.97 -2.29 5.63
N LEU A 85 6.18 -2.77 5.89
CA LEU A 85 6.39 -3.95 6.69
C LEU A 85 6.27 -3.87 8.16
N TYR A 86 5.78 -2.81 8.63
CA TYR A 86 5.48 -2.61 10.01
C TYR A 86 4.49 -3.67 10.52
N GLY A 87 3.94 -4.35 9.57
CA GLY A 87 3.09 -5.45 9.74
C GLY A 87 2.85 -6.07 8.49
N VAL A 88 3.85 -6.69 7.93
CA VAL A 88 3.73 -7.42 6.71
C VAL A 88 4.63 -8.65 6.77
N LYS A 89 4.08 -9.74 6.41
CA LYS A 89 4.75 -11.00 6.04
C LYS A 89 3.70 -12.06 5.89
N PRO A 90 2.88 -12.30 6.93
CA PRO A 90 1.64 -13.02 6.76
C PRO A 90 0.53 -12.02 6.42
N GLY A 91 -0.69 -12.26 6.97
CA GLY A 91 -1.89 -11.46 6.76
C GLY A 91 -1.85 -10.11 7.41
N ALA A 92 -0.73 -9.80 7.61
CA ALA A 92 -0.20 -8.60 8.16
C ALA A 92 -0.55 -7.47 7.34
N THR A 93 -0.58 -7.76 6.12
CA THR A 93 -1.06 -6.92 5.10
C THR A 93 -2.34 -6.23 5.50
N ARG A 94 -3.23 -7.00 6.10
CA ARG A 94 -4.55 -6.59 6.40
C ARG A 94 -5.33 -6.17 5.17
N VAL A 95 -4.80 -6.42 3.94
CA VAL A 95 -5.49 -6.03 2.75
C VAL A 95 -5.35 -7.03 1.61
N ASP A 96 -6.38 -7.03 0.93
CA ASP A 96 -6.63 -7.79 -0.28
C ASP A 96 -7.53 -6.87 -1.08
N LEU A 97 -7.12 -5.63 -1.06
CA LEU A 97 -7.77 -4.49 -1.57
C LEU A 97 -9.17 -4.13 -1.09
N ASP A 98 -9.82 -5.11 -0.56
CA ASP A 98 -11.04 -4.99 0.16
C ASP A 98 -10.61 -4.73 1.58
N GLY A 99 -9.38 -5.19 1.82
CA GLY A 99 -8.76 -5.00 3.07
C GLY A 99 -8.92 -6.21 4.04
N ASN A 100 -8.73 -7.39 3.47
CA ASN A 100 -8.64 -8.71 4.10
C ASN A 100 -7.22 -8.93 4.24
N PRO A 101 -6.70 -9.67 5.17
CA PRO A 101 -5.25 -9.78 5.43
C PRO A 101 -4.61 -10.67 4.45
N CYS A 102 -4.69 -10.26 3.18
CA CYS A 102 -4.53 -11.17 2.02
C CYS A 102 -5.55 -12.34 2.15
N GLY A 103 -6.39 -12.18 3.20
CA GLY A 103 -7.42 -13.10 3.64
C GLY A 103 -6.81 -14.30 4.29
N GLU A 104 -5.58 -14.13 4.46
CA GLU A 104 -4.66 -15.06 4.94
C GLU A 104 -4.65 -15.15 6.46
N LEU A 105 -4.69 -14.02 7.14
CA LEU A 105 -4.58 -14.09 8.51
C LEU A 105 -5.68 -13.31 9.23
N ASP A 106 -5.72 -13.52 10.49
CA ASP A 106 -6.41 -12.78 11.54
C ASP A 106 -5.55 -11.48 11.71
N GLU A 107 -5.42 -11.00 12.85
CA GLU A 107 -4.47 -9.94 13.08
C GLU A 107 -3.71 -10.11 14.36
N GLN A 108 -4.00 -11.15 15.04
CA GLN A 108 -3.36 -11.53 16.23
C GLN A 108 -2.38 -12.54 15.85
N HIS A 109 -2.21 -12.67 14.56
CA HIS A 109 -1.17 -13.46 14.13
C HIS A 109 -0.29 -12.67 13.27
N VAL A 110 -0.85 -11.66 12.74
CA VAL A 110 -0.07 -10.73 12.05
C VAL A 110 0.29 -9.64 12.97
N GLU A 111 0.04 -10.01 14.13
CA GLU A 111 0.40 -9.44 15.32
C GLU A 111 1.86 -9.53 15.43
N HIS A 112 2.35 -10.65 15.01
CA HIS A 112 3.74 -10.92 15.05
C HIS A 112 4.42 -10.23 13.94
N ALA A 113 3.64 -9.83 13.04
CA ALA A 113 4.09 -9.14 11.95
C ALA A 113 4.08 -7.70 12.25
N ARG A 114 3.16 -7.35 13.05
CA ARG A 114 3.00 -6.06 13.51
C ARG A 114 4.22 -5.80 14.39
N LYS A 115 4.75 -6.87 14.96
CA LYS A 115 5.73 -6.76 15.86
C LYS A 115 7.03 -6.99 15.22
N GLN A 116 7.07 -7.67 14.07
CA GLN A 116 8.35 -7.87 13.45
C GLN A 116 9.06 -6.57 13.05
N LEU A 117 8.30 -5.52 12.97
CA LEU A 117 8.73 -4.27 12.79
C LEU A 117 8.92 -3.50 14.00
N GLU A 118 8.52 -4.07 15.09
CA GLU A 118 8.80 -3.54 16.37
C GLU A 118 10.02 -4.30 16.84
N GLU A 119 10.56 -5.06 15.92
CA GLU A 119 11.75 -5.77 16.07
C GLU A 119 12.76 -4.96 15.39
N ALA A 120 12.37 -4.50 14.18
CA ALA A 120 13.20 -3.70 13.43
C ALA A 120 13.41 -2.38 14.04
N LYS A 121 12.36 -1.77 14.39
CA LYS A 121 12.29 -0.52 15.04
C LYS A 121 13.07 -0.45 16.25
N ALA A 122 12.75 -1.31 17.05
CA ALA A 122 13.40 -1.53 18.26
C ALA A 122 14.88 -1.92 18.11
N ARG A 123 15.30 -2.23 16.90
CA ARG A 123 16.64 -2.57 16.65
C ARG A 123 17.34 -1.34 16.22
N VAL A 124 16.56 -0.50 15.69
CA VAL A 124 17.05 0.65 15.03
C VAL A 124 17.30 1.64 16.03
N GLN A 125 16.22 1.83 16.66
CA GLN A 125 15.89 2.55 17.82
C GLN A 125 16.72 3.78 18.24
N ALA A 126 17.99 3.67 18.15
CA ALA A 126 18.90 4.58 18.50
C ALA A 126 19.26 5.49 17.33
N GLN A 127 20.02 4.94 16.40
CA GLN A 127 20.40 5.55 15.28
C GLN A 127 19.58 5.11 14.13
N ARG A 128 19.05 6.06 13.41
CA ARG A 128 18.39 5.84 12.20
C ARG A 128 19.24 5.16 11.14
N ALA A 129 20.53 5.35 11.24
CA ALA A 129 21.47 4.77 10.36
C ALA A 129 21.38 3.26 10.29
N GLU A 130 20.86 2.81 9.18
CA GLU A 130 20.65 1.43 8.84
C GLU A 130 20.17 1.36 7.42
N GLN A 131 19.08 1.99 7.17
CA GLN A 131 18.59 2.18 5.84
C GLN A 131 18.39 3.67 5.68
N GLN A 132 19.49 4.33 5.46
CA GLN A 132 19.56 5.74 5.39
C GLN A 132 20.15 6.21 4.09
N ALA A 133 20.15 7.49 3.94
CA ALA A 133 20.68 8.19 2.83
C ALA A 133 21.03 9.53 3.39
N MET A 1 -9.88 27.16 -15.82
CA MET A 1 -10.86 27.15 -16.91
C MET A 1 -11.46 25.73 -16.88
N GLY A 2 -12.07 25.28 -17.96
CA GLY A 2 -12.56 23.91 -18.01
C GLY A 2 -11.40 22.95 -17.95
N SER A 3 -10.47 23.15 -18.87
CA SER A 3 -9.21 22.42 -18.96
C SER A 3 -9.33 20.87 -18.82
N SER A 4 -9.18 20.35 -17.61
CA SER A 4 -9.20 18.93 -17.36
C SER A 4 -10.62 18.40 -17.36
N HIS A 5 -11.60 19.32 -17.23
CA HIS A 5 -13.04 19.05 -17.23
C HIS A 5 -13.51 18.33 -15.96
N HIS A 6 -12.77 17.32 -15.56
CA HIS A 6 -13.12 16.46 -14.43
C HIS A 6 -12.95 17.16 -13.08
N HIS A 7 -11.81 17.83 -12.86
CA HIS A 7 -11.58 18.38 -11.54
C HIS A 7 -12.27 19.71 -11.34
N HIS A 8 -13.54 19.62 -11.13
CA HIS A 8 -14.38 20.73 -10.71
C HIS A 8 -15.17 20.25 -9.51
N HIS A 9 -14.74 19.09 -9.05
CA HIS A 9 -15.23 18.41 -7.89
C HIS A 9 -14.09 17.51 -7.49
N HIS A 10 -14.01 17.15 -6.25
CA HIS A 10 -13.00 16.23 -5.79
C HIS A 10 -13.57 14.83 -5.90
N SER A 11 -12.78 13.92 -6.38
CA SER A 11 -13.16 12.55 -6.55
C SER A 11 -13.07 11.79 -5.24
N GLN A 12 -12.73 10.56 -5.29
CA GLN A 12 -12.90 9.71 -4.15
C GLN A 12 -11.57 9.26 -3.61
N ASP A 13 -10.65 10.10 -3.88
CA ASP A 13 -9.36 10.04 -3.45
C ASP A 13 -9.31 10.78 -2.12
N PRO A 14 -8.28 10.58 -1.30
CA PRO A 14 -8.23 11.14 0.03
C PRO A 14 -7.90 12.65 0.09
N MET A 15 -6.61 13.04 0.11
CA MET A 15 -6.26 14.44 0.12
C MET A 15 -6.57 15.12 -1.18
N GLU A 16 -5.89 14.67 -2.22
CA GLU A 16 -6.04 15.21 -3.59
C GLU A 16 -5.05 14.49 -4.51
N ASN A 17 -5.54 13.54 -5.26
CA ASN A 17 -4.73 12.88 -6.25
C ASN A 17 -5.46 12.97 -7.54
N GLN A 18 -5.40 14.10 -8.04
CA GLN A 18 -5.99 14.46 -9.24
C GLN A 18 -5.08 14.15 -10.45
N PRO A 19 -3.85 14.71 -10.54
CA PRO A 19 -2.85 14.24 -11.51
C PRO A 19 -2.44 12.77 -11.28
N LYS A 20 -2.63 11.99 -12.33
CA LYS A 20 -2.36 10.65 -12.44
C LYS A 20 -0.92 10.17 -12.35
N LEU A 21 -0.87 8.85 -12.44
CA LEU A 21 0.17 7.94 -12.13
C LEU A 21 1.51 8.16 -12.77
N ASN A 22 1.65 7.67 -14.00
CA ASN A 22 2.84 7.81 -14.81
C ASN A 22 3.93 6.85 -14.37
N SER A 23 3.45 5.79 -13.70
CA SER A 23 4.18 4.59 -13.27
C SER A 23 4.78 4.62 -11.86
N SER A 24 4.64 3.50 -11.19
CA SER A 24 5.13 3.21 -9.87
C SER A 24 4.54 4.05 -8.70
N LYS A 25 5.22 5.09 -8.27
CA LYS A 25 4.90 5.80 -7.11
C LYS A 25 3.53 6.33 -7.08
N GLU A 26 3.28 7.18 -8.00
CA GLU A 26 2.03 7.85 -8.07
C GLU A 26 0.85 6.89 -8.39
N VAL A 27 1.14 5.61 -8.59
CA VAL A 27 0.10 4.64 -8.78
C VAL A 27 -0.24 4.01 -7.50
N ILE A 28 0.66 4.11 -6.48
CA ILE A 28 0.27 3.75 -5.17
C ILE A 28 -0.79 4.65 -4.80
N ALA A 29 -0.58 5.82 -5.22
CA ALA A 29 -1.48 6.84 -5.07
C ALA A 29 -2.80 6.56 -5.74
N PHE A 30 -2.76 5.98 -6.92
CA PHE A 30 -3.95 5.53 -7.53
C PHE A 30 -4.52 4.43 -6.71
N LEU A 31 -3.68 3.51 -6.38
CA LEU A 31 -4.03 2.38 -5.63
C LEU A 31 -4.70 2.78 -4.39
N ALA A 32 -4.29 3.84 -3.90
CA ALA A 32 -4.80 4.39 -2.69
C ALA A 32 -6.04 5.22 -2.85
N GLU A 33 -6.25 5.74 -4.03
CA GLU A 33 -7.40 6.57 -4.28
C GLU A 33 -8.57 5.67 -4.55
N ARG A 34 -8.16 4.54 -4.95
CA ARG A 34 -8.92 3.46 -5.34
C ARG A 34 -9.15 2.50 -4.20
N PHE A 35 -8.12 2.21 -3.44
CA PHE A 35 -8.20 1.33 -2.34
C PHE A 35 -7.87 1.97 -1.00
N PRO A 36 -8.77 2.81 -0.46
CA PRO A 36 -8.69 3.33 0.90
C PRO A 36 -8.28 2.30 2.01
N HIS A 37 -8.31 0.98 1.74
CA HIS A 37 -7.95 0.01 2.77
C HIS A 37 -6.48 -0.28 2.67
N CYS A 38 -6.15 -0.71 1.53
CA CYS A 38 -4.86 -1.15 1.14
C CYS A 38 -3.85 -0.07 1.12
N PHE A 39 -4.19 0.95 0.47
CA PHE A 39 -3.26 1.89 0.13
C PHE A 39 -3.54 3.26 0.77
N SER A 40 -2.47 4.02 0.93
CA SER A 40 -2.50 5.35 1.52
C SER A 40 -2.55 6.46 0.52
N ALA A 41 -1.33 6.92 0.12
CA ALA A 41 -1.02 7.92 -0.93
C ALA A 41 -0.86 9.18 -0.22
N GLU A 42 -1.55 9.15 0.85
CA GLU A 42 -1.50 10.02 1.91
C GLU A 42 -0.26 9.82 2.64
N GLY A 43 -0.02 8.59 2.74
CA GLY A 43 0.98 8.12 3.51
C GLY A 43 1.96 7.33 2.71
N GLU A 44 3.17 7.29 3.24
CA GLU A 44 4.30 6.52 2.75
C GLU A 44 3.85 5.16 2.27
N ALA A 45 3.39 4.36 3.21
CA ALA A 45 2.87 3.09 2.90
C ALA A 45 1.97 2.66 4.02
N ARG A 46 1.63 1.42 4.01
CA ARG A 46 0.75 0.80 4.94
C ARG A 46 1.03 -0.67 4.79
N PRO A 47 0.82 -1.51 5.81
CA PRO A 47 0.97 -2.95 5.64
C PRO A 47 0.08 -3.44 4.50
N LEU A 48 0.68 -4.17 3.60
CA LEU A 48 0.07 -4.65 2.42
C LEU A 48 0.67 -6.05 2.12
N LYS A 49 0.08 -6.82 1.22
CA LYS A 49 0.57 -8.05 0.82
C LYS A 49 1.24 -7.74 -0.48
N ILE A 50 2.02 -8.54 -0.98
CA ILE A 50 2.52 -8.25 -2.30
C ILE A 50 1.77 -8.88 -3.45
N GLY A 51 1.33 -10.04 -3.24
CA GLY A 51 0.55 -10.75 -4.27
C GLY A 51 -0.78 -10.07 -4.56
N ILE A 52 -1.16 -9.07 -3.74
CA ILE A 52 -2.26 -8.20 -3.99
C ILE A 52 -2.22 -7.66 -5.36
N PHE A 53 -1.05 -7.34 -5.84
CA PHE A 53 -0.86 -6.69 -7.05
C PHE A 53 -1.75 -7.29 -8.11
N GLN A 54 -1.74 -8.49 -8.15
CA GLN A 54 -2.55 -9.35 -8.99
C GLN A 54 -4.10 -9.09 -8.88
N ASP A 55 -4.41 -8.45 -7.90
CA ASP A 55 -5.78 -8.28 -7.40
C ASP A 55 -6.17 -7.00 -7.70
N LEU A 56 -5.22 -6.20 -7.56
CA LEU A 56 -5.24 -4.93 -7.98
C LEU A 56 -5.53 -5.01 -9.31
N VAL A 57 -4.69 -5.65 -9.99
CA VAL A 57 -4.70 -5.67 -11.43
C VAL A 57 -5.97 -6.18 -12.03
N ASP A 58 -6.70 -6.97 -11.23
CA ASP A 58 -8.06 -7.37 -11.57
C ASP A 58 -8.87 -6.13 -11.92
N ARG A 59 -8.63 -5.17 -11.06
CA ARG A 59 -9.28 -3.97 -10.90
C ARG A 59 -8.52 -2.81 -11.47
N VAL A 60 -7.36 -2.57 -10.88
CA VAL A 60 -6.65 -1.35 -10.99
C VAL A 60 -6.23 -0.89 -12.32
N ALA A 61 -5.70 -1.80 -13.01
CA ALA A 61 -4.77 -1.56 -13.97
C ALA A 61 -5.00 -0.46 -14.93
N GLY A 62 -5.52 -0.78 -15.91
CA GLY A 62 -5.59 0.15 -16.96
C GLY A 62 -6.83 0.92 -17.01
N GLU A 63 -7.23 1.23 -15.83
CA GLU A 63 -8.26 2.13 -15.52
C GLU A 63 -7.87 3.49 -16.02
N MET A 64 -6.66 3.87 -15.65
CA MET A 64 -6.13 5.05 -16.11
C MET A 64 -4.91 4.79 -16.84
N ASN A 65 -3.96 4.50 -16.07
CA ASN A 65 -2.64 4.50 -16.46
C ASN A 65 -1.81 3.34 -15.95
N LEU A 66 -2.23 2.13 -16.13
CA LEU A 66 -1.41 0.97 -15.69
C LEU A 66 -1.41 -0.17 -16.67
N SER A 67 -0.23 -0.59 -16.91
CA SER A 67 0.08 -1.72 -17.71
C SER A 67 0.52 -2.89 -16.76
N LYS A 68 -0.12 -2.95 -15.55
CA LYS A 68 0.19 -3.88 -14.42
C LYS A 68 1.61 -3.74 -13.91
N THR A 69 2.57 -3.75 -14.73
CA THR A 69 3.89 -3.88 -14.29
C THR A 69 4.40 -2.59 -13.71
N GLN A 70 3.86 -1.55 -14.20
CA GLN A 70 4.16 -0.24 -13.69
C GLN A 70 3.43 -0.03 -12.35
N LEU A 71 2.59 -0.97 -12.04
CA LEU A 71 1.83 -1.04 -10.84
C LEU A 71 2.52 -2.01 -9.90
N ARG A 72 3.04 -3.10 -10.43
CA ARG A 72 3.67 -4.11 -9.56
C ARG A 72 4.91 -3.52 -8.96
N SER A 73 5.37 -2.53 -9.62
CA SER A 73 6.53 -1.83 -9.33
C SER A 73 6.26 -0.76 -8.34
N ALA A 74 5.02 -0.49 -8.24
CA ALA A 74 4.52 0.44 -7.23
C ALA A 74 4.46 -0.33 -5.96
N LEU A 75 4.33 -1.56 -6.18
CA LEU A 75 4.09 -2.56 -5.28
C LEU A 75 5.40 -3.34 -5.04
N ARG A 76 6.44 -2.54 -5.13
CA ARG A 76 7.88 -2.77 -4.87
C ARG A 76 8.33 -1.54 -4.16
N LEU A 77 7.93 -0.42 -4.75
CA LEU A 77 8.32 0.90 -4.37
C LEU A 77 7.94 1.20 -2.99
N TYR A 78 6.65 1.26 -2.80
CA TYR A 78 6.13 1.69 -1.58
C TYR A 78 6.18 0.54 -0.60
N THR A 79 6.38 -0.64 -1.15
CA THR A 79 6.48 -1.85 -0.31
C THR A 79 7.88 -1.99 0.25
N SER A 80 8.79 -1.20 -0.28
CA SER A 80 10.12 -1.11 0.27
C SER A 80 10.12 -0.07 1.38
N SER A 81 8.93 0.50 1.64
CA SER A 81 8.81 1.35 2.76
C SER A 81 8.79 0.52 3.98
N TRP A 82 9.19 1.10 5.02
CA TRP A 82 9.22 0.42 6.29
C TRP A 82 7.89 0.40 6.79
N ARG A 83 7.26 1.50 6.67
CA ARG A 83 5.92 1.76 7.11
C ARG A 83 4.90 0.87 6.45
N TYR A 84 5.34 0.27 5.44
CA TYR A 84 4.71 -0.84 4.84
C TYR A 84 4.78 -2.02 5.86
N LEU A 85 5.99 -2.51 6.10
CA LEU A 85 6.23 -3.72 6.92
C LEU A 85 6.17 -3.60 8.39
N TYR A 86 5.63 -2.57 8.83
CA TYR A 86 5.42 -2.33 10.22
C TYR A 86 4.45 -3.39 10.77
N GLY A 87 3.83 -4.05 9.83
CA GLY A 87 2.96 -5.14 10.04
C GLY A 87 2.65 -5.78 8.79
N VAL A 88 3.64 -6.40 8.17
CA VAL A 88 3.50 -7.14 6.94
C VAL A 88 4.44 -8.34 6.99
N LYS A 89 3.89 -9.49 6.86
CA LYS A 89 4.60 -10.73 6.60
C LYS A 89 3.60 -11.83 6.41
N PRO A 90 2.71 -12.06 7.39
CA PRO A 90 1.48 -12.81 7.16
C PRO A 90 0.39 -11.82 6.73
N GLY A 91 -0.87 -12.06 7.25
CA GLY A 91 -2.06 -11.28 6.98
C GLY A 91 -2.07 -9.90 7.54
N ALA A 92 -0.96 -9.55 7.74
CA ALA A 92 -0.46 -8.31 8.24
C ALA A 92 -0.80 -7.21 7.34
N THR A 93 -0.85 -7.57 6.14
CA THR A 93 -1.35 -6.82 5.06
C THR A 93 -2.68 -6.18 5.40
N ARG A 94 -3.53 -6.97 6.02
CA ARG A 94 -4.89 -6.66 6.26
C ARG A 94 -5.69 -6.41 4.99
N VAL A 95 -5.09 -6.64 3.79
CA VAL A 95 -5.76 -6.37 2.55
C VAL A 95 -5.44 -7.33 1.37
N ASP A 96 -6.47 -7.47 0.67
CA ASP A 96 -6.63 -8.05 -0.68
C ASP A 96 -7.69 -7.22 -1.29
N LEU A 97 -7.29 -5.96 -1.37
CA LEU A 97 -7.97 -4.80 -1.82
C LEU A 97 -9.37 -4.43 -1.35
N ASP A 98 -10.08 -5.41 -0.89
CA ASP A 98 -11.30 -5.30 -0.20
C ASP A 98 -10.90 -5.08 1.23
N GLY A 99 -9.71 -5.56 1.50
CA GLY A 99 -9.12 -5.40 2.75
C GLY A 99 -9.24 -6.63 3.66
N ASN A 100 -8.94 -7.78 3.09
CA ASN A 100 -8.81 -9.08 3.73
C ASN A 100 -7.36 -9.24 3.93
N PRO A 101 -6.86 -9.82 4.98
CA PRO A 101 -5.41 -9.81 5.35
C PRO A 101 -4.67 -10.75 4.51
N CYS A 102 -4.68 -10.47 3.22
CA CYS A 102 -4.37 -11.44 2.17
C CYS A 102 -5.33 -12.68 2.31
N GLY A 103 -6.26 -12.47 3.28
CA GLY A 103 -7.32 -13.39 3.71
C GLY A 103 -6.73 -14.51 4.49
N GLU A 104 -5.53 -14.27 4.76
CA GLU A 104 -4.62 -15.11 5.37
C GLU A 104 -4.69 -15.04 6.89
N LEU A 105 -4.82 -13.85 7.46
CA LEU A 105 -4.76 -13.78 8.84
C LEU A 105 -5.88 -12.92 9.45
N ASP A 106 -5.95 -13.00 10.73
CA ASP A 106 -6.64 -12.17 11.69
C ASP A 106 -5.77 -10.88 11.79
N GLU A 107 -5.63 -10.31 12.91
CA GLU A 107 -4.67 -9.27 13.11
C GLU A 107 -3.91 -9.38 14.41
N GLN A 108 -4.26 -10.37 15.16
CA GLN A 108 -3.62 -10.66 16.39
C GLN A 108 -2.65 -11.72 16.09
N HIS A 109 -2.52 -11.97 14.80
CA HIS A 109 -1.50 -12.82 14.44
C HIS A 109 -0.58 -12.14 13.55
N VAL A 110 -1.08 -11.13 12.97
CA VAL A 110 -0.25 -10.26 12.23
C VAL A 110 0.15 -9.16 13.10
N GLU A 111 -0.15 -9.43 14.26
CA GLU A 111 0.25 -8.80 15.41
C GLU A 111 1.70 -9.08 15.59
N HIS A 112 2.07 -10.22 15.12
CA HIS A 112 3.44 -10.61 15.18
C HIS A 112 4.19 -10.07 14.03
N ALA A 113 3.46 -9.56 13.16
CA ALA A 113 3.95 -8.93 12.07
C ALA A 113 4.13 -7.51 12.39
N ARG A 114 3.27 -7.08 13.23
CA ARG A 114 3.30 -5.82 13.79
C ARG A 114 4.58 -5.73 14.65
N LYS A 115 5.06 -6.89 15.09
CA LYS A 115 6.08 -6.97 15.97
C LYS A 115 7.31 -7.32 15.23
N GLN A 116 7.16 -7.88 14.02
CA GLN A 116 8.34 -8.13 13.25
C GLN A 116 9.07 -6.83 12.81
N LEU A 117 8.38 -5.72 12.88
CA LEU A 117 8.94 -4.47 12.73
C LEU A 117 9.64 -4.04 13.97
N GLU A 118 9.31 -4.61 15.11
CA GLU A 118 9.98 -4.33 16.33
C GLU A 118 11.29 -4.97 16.31
N GLU A 119 11.39 -5.86 15.41
CA GLU A 119 12.55 -6.66 15.22
C GLU A 119 13.47 -5.87 14.38
N ALA A 120 12.86 -5.27 13.40
CA ALA A 120 13.43 -4.38 12.53
C ALA A 120 13.91 -3.18 13.25
N LYS A 121 13.06 -2.64 14.00
CA LYS A 121 13.27 -1.54 14.86
C LYS A 121 14.35 -1.75 15.76
N ALA A 122 14.23 -2.72 16.49
CA ALA A 122 15.23 -3.16 17.40
C ALA A 122 16.56 -3.52 16.72
N ARG A 123 16.55 -3.62 15.40
CA ARG A 123 17.71 -3.94 14.69
C ARG A 123 18.40 -2.69 14.39
N VAL A 124 17.58 -1.71 14.31
CA VAL A 124 17.99 -0.48 13.83
C VAL A 124 18.45 0.29 14.95
N GLN A 125 17.46 0.46 15.74
CA GLN A 125 17.44 1.07 16.98
C GLN A 125 18.42 2.22 17.06
N ALA A 126 18.99 2.51 18.26
CA ALA A 126 20.11 3.44 18.38
C ALA A 126 19.94 4.71 17.50
N GLN A 127 21.00 5.10 16.80
CA GLN A 127 20.93 5.97 15.77
C GLN A 127 20.21 5.23 14.66
N ARG A 128 19.04 5.76 14.28
CA ARG A 128 18.12 5.29 13.24
C ARG A 128 18.69 4.90 11.85
N ALA A 129 19.88 4.62 11.84
CA ALA A 129 20.66 4.38 10.72
C ALA A 129 20.27 3.22 9.83
N GLU A 130 19.80 3.60 8.67
CA GLU A 130 19.46 2.75 7.58
C GLU A 130 19.15 3.67 6.41
N GLN A 131 18.57 4.82 6.73
CA GLN A 131 18.35 5.91 5.79
C GLN A 131 19.02 7.18 6.31
N GLN A 132 19.99 6.96 7.17
CA GLN A 132 20.67 8.02 7.87
C GLN A 132 22.10 8.13 7.42
N ALA A 133 22.83 8.94 8.13
CA ALA A 133 24.23 9.05 8.04
C ALA A 133 24.69 8.76 9.45
N MET A 1 -19.69 21.13 12.73
CA MET A 1 -19.19 19.89 13.35
C MET A 1 -19.93 18.75 12.73
N GLY A 2 -19.24 17.64 12.47
CA GLY A 2 -19.87 16.51 11.77
C GLY A 2 -20.21 16.90 10.34
N SER A 3 -19.51 17.89 9.87
CA SER A 3 -19.76 18.48 8.60
C SER A 3 -18.96 17.76 7.53
N SER A 4 -19.64 16.83 6.84
CA SER A 4 -19.05 16.01 5.79
C SER A 4 -18.04 15.01 6.39
N HIS A 5 -17.34 14.28 5.53
CA HIS A 5 -16.28 13.36 5.97
C HIS A 5 -15.05 13.53 5.11
N HIS A 6 -15.09 14.64 4.38
CA HIS A 6 -14.05 15.17 3.49
C HIS A 6 -14.72 16.16 2.59
N HIS A 7 -14.23 17.39 2.56
CA HIS A 7 -14.85 18.42 1.72
C HIS A 7 -14.68 18.09 0.24
N HIS A 8 -13.63 17.36 -0.04
CA HIS A 8 -13.37 16.84 -1.36
C HIS A 8 -12.26 15.85 -1.16
N HIS A 9 -12.25 14.81 -1.97
CA HIS A 9 -11.25 13.73 -2.06
C HIS A 9 -11.89 12.67 -2.89
N HIS A 10 -11.16 11.67 -3.26
CA HIS A 10 -11.69 10.55 -4.01
C HIS A 10 -11.96 9.45 -3.00
N SER A 11 -11.05 9.35 -2.09
CA SER A 11 -11.09 8.45 -1.01
C SER A 11 -10.55 9.15 0.17
N GLN A 12 -9.39 8.85 0.44
CA GLN A 12 -8.67 9.27 1.58
C GLN A 12 -7.26 9.44 1.12
N ASP A 13 -7.19 9.96 -0.06
CA ASP A 13 -6.07 10.33 -0.78
C ASP A 13 -5.56 11.67 -0.24
N PRO A 14 -4.39 12.15 -0.69
CA PRO A 14 -3.81 13.37 -0.13
C PRO A 14 -4.52 14.63 -0.63
N MET A 15 -4.28 14.95 -1.88
CA MET A 15 -4.79 16.09 -2.49
C MET A 15 -5.22 15.72 -3.88
N GLU A 16 -6.18 14.81 -3.95
CA GLU A 16 -6.84 14.37 -5.20
C GLU A 16 -6.00 13.41 -6.03
N ASN A 17 -4.73 13.78 -6.22
CA ASN A 17 -3.80 13.14 -7.14
C ASN A 17 -4.34 13.34 -8.53
N GLN A 18 -4.07 14.49 -8.97
CA GLN A 18 -4.45 14.95 -10.23
C GLN A 18 -3.58 14.30 -11.34
N PRO A 19 -2.25 14.57 -11.41
CA PRO A 19 -1.39 13.80 -12.31
C PRO A 19 -1.23 12.36 -11.84
N LYS A 20 -1.55 11.49 -12.75
CA LYS A 20 -1.53 10.12 -12.65
C LYS A 20 -0.23 9.41 -12.36
N LEU A 21 -0.33 8.14 -12.60
CA LEU A 21 0.49 7.11 -12.14
C LEU A 21 1.89 7.14 -12.61
N ASN A 22 2.05 6.98 -13.90
CA ASN A 22 3.28 7.20 -14.58
C ASN A 22 4.34 6.18 -14.17
N SER A 23 3.83 5.05 -13.70
CA SER A 23 4.56 3.76 -13.52
C SER A 23 5.02 3.34 -12.11
N SER A 24 4.78 4.13 -11.08
CA SER A 24 5.13 3.63 -9.74
C SER A 24 4.45 4.37 -8.59
N LYS A 25 5.07 5.42 -8.14
CA LYS A 25 4.70 6.14 -7.02
C LYS A 25 3.30 6.61 -7.03
N GLU A 26 2.99 7.37 -7.99
CA GLU A 26 1.70 7.93 -8.07
C GLU A 26 0.61 6.93 -8.50
N VAL A 27 0.98 5.65 -8.63
CA VAL A 27 0.00 4.63 -8.83
C VAL A 27 -0.38 4.09 -7.53
N ILE A 28 0.49 4.22 -6.49
CA ILE A 28 0.07 3.90 -5.17
C ILE A 28 -1.00 4.82 -4.88
N ALA A 29 -0.79 5.97 -5.32
CA ALA A 29 -1.68 7.00 -5.26
C ALA A 29 -2.99 6.70 -5.94
N PHE A 30 -2.95 6.08 -7.12
CA PHE A 30 -4.16 5.65 -7.71
C PHE A 30 -4.73 4.58 -6.89
N LEU A 31 -3.89 3.66 -6.52
CA LEU A 31 -4.24 2.53 -5.75
C LEU A 31 -4.92 2.97 -4.51
N ALA A 32 -4.51 4.03 -4.03
CA ALA A 32 -5.04 4.58 -2.83
C ALA A 32 -6.28 5.41 -3.04
N GLU A 33 -6.38 6.04 -4.17
CA GLU A 33 -7.51 6.87 -4.45
C GLU A 33 -8.68 5.99 -4.80
N ARG A 34 -8.28 4.85 -5.19
CA ARG A 34 -9.08 3.81 -5.62
C ARG A 34 -9.39 2.83 -4.51
N PHE A 35 -8.37 2.45 -3.72
CA PHE A 35 -8.54 1.55 -2.60
C PHE A 35 -8.38 2.17 -1.22
N PRO A 36 -9.42 2.87 -0.72
CA PRO A 36 -9.55 3.36 0.66
C PRO A 36 -9.24 2.37 1.84
N HIS A 37 -8.59 1.23 1.61
CA HIS A 37 -8.23 0.35 2.71
C HIS A 37 -6.76 0.08 2.61
N CYS A 38 -6.47 -0.54 1.53
CA CYS A 38 -5.20 -0.97 1.10
C CYS A 38 -4.20 0.12 1.05
N PHE A 39 -4.54 1.13 0.38
CA PHE A 39 -3.63 2.10 0.07
C PHE A 39 -3.97 3.46 0.68
N SER A 40 -2.92 4.24 0.94
CA SER A 40 -3.01 5.58 1.51
C SER A 40 -2.89 6.65 0.49
N ALA A 41 -1.61 6.98 0.15
CA ALA A 41 -1.13 7.93 -0.87
C ALA A 41 -0.77 9.11 -0.11
N GLU A 42 -1.55 9.22 0.95
CA GLU A 42 -1.32 10.06 2.04
C GLU A 42 -0.12 9.63 2.72
N GLY A 43 -0.15 8.39 2.85
CA GLY A 43 0.78 7.73 3.54
C GLY A 43 1.79 7.18 2.62
N GLU A 44 2.99 7.18 3.11
CA GLU A 44 4.15 6.63 2.49
C GLU A 44 3.82 5.22 2.12
N ALA A 45 3.31 4.50 3.10
CA ALA A 45 2.84 3.20 2.93
C ALA A 45 1.96 2.81 4.07
N ARG A 46 1.49 1.61 3.98
CA ARG A 46 0.54 1.00 4.85
C ARG A 46 0.89 -0.47 4.75
N PRO A 47 0.75 -1.31 5.83
CA PRO A 47 0.97 -2.73 5.68
C PRO A 47 0.06 -3.23 4.57
N LEU A 48 0.65 -3.93 3.68
CA LEU A 48 0.03 -4.40 2.51
C LEU A 48 0.66 -5.74 2.18
N LYS A 49 0.11 -6.51 1.28
CA LYS A 49 0.74 -7.67 0.87
C LYS A 49 1.37 -7.34 -0.44
N ILE A 50 1.95 -8.23 -1.04
CA ILE A 50 2.40 -7.98 -2.37
C ILE A 50 1.63 -8.72 -3.41
N GLY A 51 1.16 -9.84 -3.03
CA GLY A 51 0.35 -10.64 -3.92
C GLY A 51 -0.97 -9.98 -4.22
N ILE A 52 -1.37 -8.97 -3.40
CA ILE A 52 -2.46 -8.11 -3.67
C ILE A 52 -2.37 -7.55 -5.06
N PHE A 53 -1.18 -7.28 -5.53
CA PHE A 53 -0.98 -6.64 -6.75
C PHE A 53 -1.83 -7.27 -7.81
N GLN A 54 -1.85 -8.48 -7.80
CA GLN A 54 -2.64 -9.35 -8.63
C GLN A 54 -4.20 -9.07 -8.59
N ASP A 55 -4.51 -8.40 -7.63
CA ASP A 55 -5.91 -8.18 -7.17
C ASP A 55 -6.27 -6.91 -7.57
N LEU A 56 -5.32 -6.11 -7.40
CA LEU A 56 -5.30 -4.89 -7.89
C LEU A 56 -5.53 -5.03 -9.24
N VAL A 57 -4.69 -5.68 -9.84
CA VAL A 57 -4.65 -5.77 -11.27
C VAL A 57 -5.85 -6.35 -11.92
N ASP A 58 -6.63 -7.08 -11.14
CA ASP A 58 -7.94 -7.50 -11.59
C ASP A 58 -8.74 -6.26 -11.97
N ARG A 59 -8.59 -5.36 -11.03
CA ARG A 59 -9.29 -4.19 -10.82
C ARG A 59 -8.61 -2.95 -11.37
N VAL A 60 -7.44 -2.69 -10.83
CA VAL A 60 -6.76 -1.47 -10.97
C VAL A 60 -6.37 -1.04 -12.31
N ALA A 61 -5.79 -1.95 -12.96
CA ALA A 61 -4.86 -1.69 -13.91
C ALA A 61 -5.05 -0.63 -14.90
N GLY A 62 -5.54 -0.98 -15.89
CA GLY A 62 -5.53 -0.14 -17.01
C GLY A 62 -6.70 0.72 -17.14
N GLU A 63 -7.09 1.15 -16.00
CA GLU A 63 -8.08 2.13 -15.82
C GLU A 63 -7.60 3.44 -16.39
N MET A 64 -6.54 3.96 -15.77
CA MET A 64 -5.93 5.11 -16.29
C MET A 64 -4.79 4.73 -17.06
N ASN A 65 -3.90 4.14 -16.34
CA ASN A 65 -2.65 3.92 -16.80
C ASN A 65 -1.84 2.90 -16.01
N LEU A 66 -2.14 1.67 -16.22
CA LEU A 66 -1.41 0.54 -15.65
C LEU A 66 -1.46 -0.66 -16.57
N SER A 67 -0.31 -1.18 -16.76
CA SER A 67 -0.04 -2.36 -17.55
C SER A 67 0.35 -3.50 -16.55
N LYS A 68 -0.19 -3.38 -15.34
CA LYS A 68 0.10 -4.22 -14.13
C LYS A 68 1.52 -4.00 -13.67
N THR A 69 2.47 -4.13 -14.50
CA THR A 69 3.81 -4.10 -14.07
C THR A 69 4.25 -2.73 -13.61
N GLN A 70 3.65 -1.76 -14.18
CA GLN A 70 3.88 -0.37 -13.79
C GLN A 70 3.06 -0.02 -12.54
N LEU A 71 2.45 -1.03 -12.02
CA LEU A 71 1.74 -1.01 -10.78
C LEU A 71 2.46 -1.92 -9.81
N ARG A 72 2.97 -3.04 -10.27
CA ARG A 72 3.61 -3.98 -9.36
C ARG A 72 4.83 -3.37 -8.75
N SER A 73 5.29 -2.36 -9.40
CA SER A 73 6.41 -1.64 -9.10
C SER A 73 6.14 -0.63 -8.05
N ALA A 74 4.94 -0.29 -8.02
CA ALA A 74 4.42 0.64 -7.05
C ALA A 74 4.31 -0.11 -5.77
N LEU A 75 4.20 -1.33 -6.01
CA LEU A 75 3.96 -2.31 -5.10
C LEU A 75 5.29 -3.06 -4.85
N ARG A 76 6.33 -2.22 -4.89
CA ARG A 76 7.76 -2.43 -4.61
C ARG A 76 8.25 -1.17 -3.98
N LEU A 77 7.81 -0.09 -4.58
CA LEU A 77 8.17 1.25 -4.21
C LEU A 77 7.78 1.54 -2.83
N TYR A 78 6.50 1.53 -2.65
CA TYR A 78 5.96 1.95 -1.42
C TYR A 78 6.03 0.79 -0.48
N THR A 79 6.22 -0.38 -1.04
CA THR A 79 6.32 -1.60 -0.21
C THR A 79 7.72 -1.75 0.37
N SER A 80 8.66 -1.00 -0.17
CA SER A 80 9.97 -0.94 0.40
C SER A 80 9.98 0.09 1.51
N SER A 81 8.83 0.69 1.78
CA SER A 81 8.75 1.56 2.89
C SER A 81 8.70 0.74 4.11
N TRP A 82 9.12 1.32 5.14
CA TRP A 82 9.17 0.62 6.42
C TRP A 82 7.84 0.55 6.96
N ARG A 83 7.18 1.65 6.94
CA ARG A 83 5.85 1.79 7.46
C ARG A 83 4.83 0.99 6.70
N TYR A 84 5.29 0.42 5.65
CA TYR A 84 4.63 -0.64 5.00
C TYR A 84 4.70 -1.85 5.96
N LEU A 85 5.91 -2.34 6.19
CA LEU A 85 6.15 -3.58 6.94
C LEU A 85 6.07 -3.54 8.40
N TYR A 86 5.62 -2.50 8.91
CA TYR A 86 5.42 -2.30 10.32
C TYR A 86 4.50 -3.39 10.85
N GLY A 87 3.76 -3.92 9.92
CA GLY A 87 2.95 -5.03 10.10
C GLY A 87 2.68 -5.65 8.82
N VAL A 88 3.68 -6.23 8.20
CA VAL A 88 3.55 -6.97 6.99
C VAL A 88 4.49 -8.17 7.04
N LYS A 89 3.96 -9.33 7.04
CA LYS A 89 4.73 -10.52 6.89
C LYS A 89 3.75 -11.58 6.37
N PRO A 90 2.76 -12.05 7.18
CA PRO A 90 1.62 -12.71 6.64
C PRO A 90 0.49 -11.70 6.37
N GLY A 91 -0.70 -11.89 6.98
CA GLY A 91 -1.89 -11.11 6.73
C GLY A 91 -1.91 -9.79 7.42
N ALA A 92 -0.79 -9.46 7.63
CA ALA A 92 -0.33 -8.26 8.27
C ALA A 92 -0.70 -7.10 7.47
N THR A 93 -0.70 -7.35 6.24
CA THR A 93 -1.23 -6.51 5.23
C THR A 93 -2.56 -5.88 5.70
N ARG A 94 -3.42 -6.73 6.22
CA ARG A 94 -4.75 -6.44 6.54
C ARG A 94 -5.54 -6.04 5.31
N VAL A 95 -4.98 -6.23 4.09
CA VAL A 95 -5.63 -5.91 2.87
C VAL A 95 -5.26 -6.84 1.64
N ASP A 96 -6.24 -6.92 0.95
CA ASP A 96 -6.43 -7.24 -0.40
C ASP A 96 -7.25 -6.02 -0.69
N LEU A 97 -7.62 -5.79 -1.82
CA LEU A 97 -8.28 -4.62 -2.07
C LEU A 97 -9.73 -4.43 -1.64
N ASP A 98 -10.15 -5.32 -0.76
CA ASP A 98 -11.36 -5.22 -0.04
C ASP A 98 -10.95 -4.83 1.39
N GLY A 99 -9.77 -5.27 1.76
CA GLY A 99 -9.18 -4.98 3.01
C GLY A 99 -9.20 -6.15 4.01
N ASN A 100 -8.95 -7.32 3.49
CA ASN A 100 -8.78 -8.60 4.18
C ASN A 100 -7.34 -8.75 4.26
N PRO A 101 -6.77 -9.48 5.18
CA PRO A 101 -5.30 -9.54 5.43
C PRO A 101 -4.61 -10.33 4.40
N CYS A 102 -4.76 -9.86 3.17
CA CYS A 102 -4.57 -10.63 1.95
C CYS A 102 -5.45 -11.92 2.02
N GLY A 103 -6.31 -11.87 3.08
CA GLY A 103 -7.30 -12.87 3.48
C GLY A 103 -6.64 -14.07 4.03
N GLU A 104 -5.45 -13.84 4.31
CA GLU A 104 -4.48 -14.75 4.73
C GLU A 104 -4.44 -14.90 6.24
N LEU A 105 -4.58 -13.80 6.99
CA LEU A 105 -4.46 -13.94 8.38
C LEU A 105 -5.58 -13.21 9.16
N ASP A 106 -5.59 -13.51 10.42
CA ASP A 106 -6.28 -12.88 11.53
C ASP A 106 -5.48 -11.57 11.79
N GLU A 107 -5.32 -11.17 12.97
CA GLU A 107 -4.42 -10.13 13.28
C GLU A 107 -3.52 -10.44 14.44
N GLN A 108 -3.79 -11.51 15.08
CA GLN A 108 -3.06 -11.95 16.21
C GLN A 108 -2.02 -12.83 15.70
N HIS A 109 -1.95 -12.89 14.42
CA HIS A 109 -0.90 -13.58 13.89
C HIS A 109 -0.10 -12.69 13.05
N VAL A 110 -0.71 -11.66 12.64
CA VAL A 110 0.00 -10.64 11.98
C VAL A 110 0.37 -9.61 12.97
N GLU A 111 0.15 -10.06 14.10
CA GLU A 111 0.55 -9.54 15.32
C GLU A 111 2.01 -9.64 15.38
N HIS A 112 2.48 -10.71 14.87
CA HIS A 112 3.88 -10.98 14.85
C HIS A 112 4.51 -10.22 13.76
N ALA A 113 3.71 -9.79 12.90
CA ALA A 113 4.10 -9.01 11.86
C ALA A 113 4.13 -7.61 12.29
N ARG A 114 3.25 -7.35 13.17
CA ARG A 114 3.11 -6.11 13.77
C ARG A 114 4.32 -5.90 14.68
N LYS A 115 5.01 -7.01 14.99
CA LYS A 115 6.08 -6.95 15.81
C LYS A 115 7.32 -7.21 15.04
N GLN A 116 7.22 -7.78 13.83
CA GLN A 116 8.43 -7.99 13.09
C GLN A 116 9.15 -6.68 12.70
N LEU A 117 8.46 -5.57 12.84
CA LEU A 117 9.02 -4.33 12.74
C LEU A 117 9.69 -3.94 14.04
N GLU A 118 9.29 -4.50 15.15
CA GLU A 118 9.96 -4.24 16.39
C GLU A 118 11.12 -5.23 16.50
N GLU A 119 11.23 -5.99 15.45
CA GLU A 119 12.31 -6.88 15.26
C GLU A 119 13.29 -6.12 14.44
N ALA A 120 12.70 -5.36 13.53
CA ALA A 120 13.39 -4.53 12.66
C ALA A 120 14.00 -3.37 13.36
N LYS A 121 13.20 -2.66 13.99
CA LYS A 121 13.49 -1.50 14.77
C LYS A 121 14.52 -1.71 15.72
N ALA A 122 14.26 -2.54 16.55
CA ALA A 122 15.14 -3.00 17.53
C ALA A 122 16.45 -3.57 16.98
N ARG A 123 16.50 -3.81 15.67
CA ARG A 123 17.67 -4.32 15.07
C ARG A 123 18.45 -3.20 14.54
N VAL A 124 17.71 -2.20 14.24
CA VAL A 124 18.22 -1.09 13.56
C VAL A 124 18.81 -0.23 14.56
N GLN A 125 17.91 0.06 15.39
CA GLN A 125 17.96 0.73 16.58
C GLN A 125 19.05 1.77 16.67
N ALA A 126 19.55 2.00 17.90
CA ALA A 126 20.65 2.83 18.17
C ALA A 126 20.39 4.32 17.90
N GLN A 127 20.24 4.65 16.64
CA GLN A 127 19.85 5.83 16.15
C GLN A 127 18.38 6.04 16.44
N ARG A 128 17.98 7.27 16.35
CA ARG A 128 16.66 7.75 16.47
C ARG A 128 15.59 7.00 15.65
N ALA A 129 16.04 6.25 14.70
CA ALA A 129 15.27 5.56 13.72
C ALA A 129 14.00 4.84 14.15
N GLU A 130 12.96 5.28 13.51
CA GLU A 130 11.69 4.82 13.55
C GLU A 130 11.16 5.36 12.21
N GLN A 131 10.92 6.64 12.19
CA GLN A 131 10.60 7.39 11.01
C GLN A 131 11.71 8.43 10.94
N GLN A 132 12.84 8.04 10.39
CA GLN A 132 14.03 8.83 10.48
C GLN A 132 14.92 8.70 9.29
N ALA A 133 16.01 9.38 9.43
CA ALA A 133 17.17 9.28 8.70
C ALA A 133 18.17 9.21 9.83
N MET A 1 -8.93 -0.35 -21.51
CA MET A 1 -7.83 -0.55 -20.55
C MET A 1 -6.58 -0.21 -21.28
N GLY A 2 -5.66 0.48 -20.61
CA GLY A 2 -4.51 1.03 -21.34
C GLY A 2 -4.99 2.25 -22.07
N SER A 3 -6.01 2.81 -21.50
CA SER A 3 -6.75 3.90 -22.01
C SER A 3 -7.39 4.50 -20.80
N SER A 4 -7.49 5.78 -20.71
CA SER A 4 -8.09 6.36 -19.55
C SER A 4 -9.62 6.32 -19.62
N HIS A 5 -10.21 7.36 -20.22
CA HIS A 5 -11.67 7.54 -20.35
C HIS A 5 -12.33 7.83 -18.97
N HIS A 6 -11.80 7.20 -17.93
CA HIS A 6 -12.22 7.42 -16.55
C HIS A 6 -11.80 8.82 -16.17
N HIS A 7 -12.70 9.56 -15.59
CA HIS A 7 -12.40 10.93 -15.21
C HIS A 7 -12.83 11.14 -13.78
N HIS A 8 -12.52 12.33 -13.27
CA HIS A 8 -12.79 12.71 -11.89
C HIS A 8 -11.85 12.02 -10.92
N HIS A 9 -10.82 12.72 -10.53
CA HIS A 9 -10.01 12.26 -9.45
C HIS A 9 -10.71 12.73 -8.17
N HIS A 10 -10.29 12.17 -7.07
CA HIS A 10 -10.74 12.47 -5.75
C HIS A 10 -11.88 11.60 -5.42
N SER A 11 -11.50 10.47 -5.01
CA SER A 11 -12.30 9.44 -4.58
C SER A 11 -12.33 9.48 -3.14
N GLN A 12 -11.39 8.92 -2.59
CA GLN A 12 -11.37 8.72 -1.18
C GLN A 12 -10.03 9.07 -0.64
N ASP A 13 -9.38 9.85 -1.41
CA ASP A 13 -8.12 10.31 -1.17
C ASP A 13 -8.13 11.72 -0.58
N PRO A 14 -7.09 12.07 0.16
CA PRO A 14 -6.90 13.41 0.70
C PRO A 14 -5.85 14.28 -0.08
N MET A 15 -4.57 13.84 -0.16
CA MET A 15 -3.44 14.57 -0.67
C MET A 15 -3.48 14.84 -2.20
N GLU A 16 -4.35 14.12 -2.93
CA GLU A 16 -4.51 14.25 -4.43
C GLU A 16 -3.61 13.32 -5.25
N ASN A 17 -3.88 13.31 -6.54
CA ASN A 17 -3.13 12.57 -7.55
C ASN A 17 -3.34 13.27 -8.84
N GLN A 18 -2.57 14.23 -8.99
CA GLN A 18 -2.59 15.09 -10.08
C GLN A 18 -1.79 14.57 -11.29
N PRO A 19 -0.46 14.37 -11.20
CA PRO A 19 0.28 13.64 -12.25
C PRO A 19 -0.14 12.15 -12.35
N LYS A 20 -0.43 11.73 -13.56
CA LYS A 20 -0.79 10.45 -13.90
C LYS A 20 0.22 9.38 -13.70
N LEU A 21 -0.14 8.51 -12.77
CA LEU A 21 0.56 7.41 -12.12
C LEU A 21 2.07 7.27 -12.17
N ASN A 22 2.61 7.58 -13.27
CA ASN A 22 4.02 7.71 -13.53
C ASN A 22 4.72 6.38 -13.42
N SER A 23 3.90 5.37 -13.51
CA SER A 23 4.29 3.97 -13.68
C SER A 23 4.95 3.34 -12.46
N SER A 24 4.74 3.94 -11.28
CA SER A 24 5.19 3.33 -10.05
C SER A 24 4.62 4.01 -8.79
N LYS A 25 5.34 4.97 -8.27
CA LYS A 25 5.08 5.62 -7.07
C LYS A 25 3.71 6.19 -7.01
N GLU A 26 3.47 7.08 -7.91
CA GLU A 26 2.24 7.79 -7.94
C GLU A 26 1.02 6.88 -8.23
N VAL A 27 1.25 5.61 -8.53
CA VAL A 27 0.18 4.68 -8.71
C VAL A 27 -0.15 4.05 -7.43
N ILE A 28 0.77 4.06 -6.45
CA ILE A 28 0.42 3.67 -5.13
C ILE A 28 -0.57 4.61 -4.69
N ALA A 29 -0.32 5.80 -5.06
CA ALA A 29 -1.16 6.86 -4.81
C ALA A 29 -2.53 6.71 -5.45
N PHE A 30 -2.59 6.18 -6.66
CA PHE A 30 -3.84 5.85 -7.23
C PHE A 30 -4.42 4.74 -6.45
N LEU A 31 -3.62 3.74 -6.22
CA LEU A 31 -3.99 2.58 -5.50
C LEU A 31 -4.58 2.95 -4.21
N ALA A 32 -4.06 3.93 -3.65
CA ALA A 32 -4.45 4.40 -2.38
C ALA A 32 -5.69 5.23 -2.40
N GLU A 33 -5.94 5.88 -3.51
CA GLU A 33 -7.10 6.72 -3.59
C GLU A 33 -8.32 5.84 -3.76
N ARG A 34 -8.00 4.81 -4.41
CA ARG A 34 -8.81 3.80 -4.85
C ARG A 34 -9.05 2.78 -3.75
N PHE A 35 -8.01 2.44 -3.05
CA PHE A 35 -8.06 1.53 -1.96
C PHE A 35 -7.66 2.16 -0.62
N PRO A 36 -8.49 3.09 -0.06
CA PRO A 36 -8.30 3.70 1.28
C PRO A 36 -7.97 2.71 2.44
N HIS A 37 -8.05 1.41 2.19
CA HIS A 37 -7.73 0.42 3.19
C HIS A 37 -6.40 -0.23 2.94
N CYS A 38 -6.16 -0.62 1.71
CA CYS A 38 -4.92 -1.20 1.31
C CYS A 38 -3.80 -0.22 1.31
N PHE A 39 -4.02 0.82 0.63
CA PHE A 39 -3.02 1.71 0.33
C PHE A 39 -3.24 3.06 1.03
N SER A 40 -2.15 3.74 1.27
CA SER A 40 -2.12 5.05 1.88
C SER A 40 -2.08 6.14 0.88
N ALA A 41 -0.83 6.52 0.53
CA ALA A 41 -0.36 7.44 -0.51
C ALA A 41 0.08 8.59 0.26
N GLU A 42 -0.60 8.66 1.34
CA GLU A 42 -0.45 9.53 2.37
C GLU A 42 0.68 9.20 3.26
N GLY A 43 0.57 8.02 3.67
CA GLY A 43 1.28 7.52 4.78
C GLY A 43 2.46 6.75 4.46
N GLU A 44 3.00 7.09 3.37
CA GLU A 44 4.17 6.49 2.72
C GLU A 44 3.76 5.14 2.15
N ALA A 45 3.36 4.26 3.02
CA ALA A 45 2.95 2.96 2.69
C ALA A 45 1.99 2.48 3.73
N ARG A 46 1.77 1.21 3.75
CA ARG A 46 0.89 0.57 4.67
C ARG A 46 1.15 -0.89 4.47
N PRO A 47 0.94 -1.75 5.50
CA PRO A 47 1.04 -3.17 5.31
C PRO A 47 0.15 -3.65 4.18
N LEU A 48 0.67 -4.50 3.35
CA LEU A 48 0.05 -4.94 2.16
C LEU A 48 0.62 -6.34 1.80
N LYS A 49 -0.03 -7.09 0.90
CA LYS A 49 0.48 -8.31 0.45
C LYS A 49 1.13 -7.98 -0.85
N ILE A 50 1.83 -8.82 -1.41
CA ILE A 50 2.33 -8.54 -2.71
C ILE A 50 1.54 -9.09 -3.87
N GLY A 51 0.97 -10.22 -3.66
CA GLY A 51 0.13 -10.84 -4.67
C GLY A 51 -1.12 -10.07 -4.94
N ILE A 52 -1.47 -9.12 -4.06
CA ILE A 52 -2.54 -8.17 -4.25
C ILE A 52 -2.52 -7.57 -5.58
N PHE A 53 -1.36 -7.27 -6.08
CA PHE A 53 -1.22 -6.60 -7.27
C PHE A 53 -2.17 -7.15 -8.32
N GLN A 54 -2.18 -8.36 -8.40
CA GLN A 54 -3.05 -9.15 -9.25
C GLN A 54 -4.59 -8.87 -9.04
N ASP A 55 -4.82 -8.27 -8.02
CA ASP A 55 -6.13 -8.10 -7.43
C ASP A 55 -6.52 -6.78 -7.65
N LEU A 56 -5.56 -6.00 -7.54
CA LEU A 56 -5.59 -4.71 -7.91
C LEU A 56 -5.95 -4.72 -9.23
N VAL A 57 -5.16 -5.37 -9.97
CA VAL A 57 -5.23 -5.34 -11.41
C VAL A 57 -6.54 -5.78 -11.96
N ASP A 58 -7.25 -6.56 -11.15
CA ASP A 58 -8.66 -6.90 -11.41
C ASP A 58 -9.42 -5.61 -11.72
N ARG A 59 -9.10 -4.68 -10.86
CA ARG A 59 -9.70 -3.46 -10.64
C ARG A 59 -8.93 -2.31 -11.19
N VAL A 60 -7.72 -2.14 -10.65
CA VAL A 60 -6.98 -0.94 -10.76
C VAL A 60 -6.63 -0.45 -12.11
N ALA A 61 -6.12 -1.36 -12.83
CA ALA A 61 -5.22 -1.11 -13.80
C ALA A 61 -5.44 0.00 -14.74
N GLY A 62 -5.97 -0.29 -15.73
CA GLY A 62 -6.01 0.64 -16.77
C GLY A 62 -7.24 1.40 -16.82
N GLU A 63 -7.57 1.80 -15.68
CA GLU A 63 -8.54 2.76 -15.42
C GLU A 63 -8.06 4.08 -15.92
N MET A 64 -6.92 4.48 -15.40
CA MET A 64 -6.36 5.69 -15.74
C MET A 64 -5.11 5.47 -16.47
N ASN A 65 -4.18 5.04 -15.73
CA ASN A 65 -2.90 5.01 -16.13
C ASN A 65 -2.11 3.75 -15.83
N LEU A 66 -2.64 2.59 -15.98
CA LEU A 66 -1.88 1.38 -15.67
C LEU A 66 -2.02 0.30 -16.71
N SER A 67 -0.93 -0.32 -16.89
CA SER A 67 -0.75 -1.43 -17.76
C SER A 67 -0.24 -2.64 -16.88
N LYS A 68 -0.80 -2.73 -15.66
CA LYS A 68 -0.45 -3.71 -14.58
C LYS A 68 1.00 -3.64 -14.14
N THR A 69 1.91 -3.71 -15.01
CA THR A 69 3.24 -3.92 -14.62
C THR A 69 3.87 -2.68 -14.08
N GLN A 70 3.34 -1.62 -14.47
CA GLN A 70 3.74 -0.36 -13.97
C GLN A 70 3.12 -0.15 -12.57
N LEU A 71 2.18 -0.98 -12.28
CA LEU A 71 1.47 -1.01 -11.03
C LEU A 71 2.17 -2.03 -10.15
N ARG A 72 2.64 -3.12 -10.72
CA ARG A 72 3.29 -4.14 -9.89
C ARG A 72 4.55 -3.59 -9.34
N SER A 73 5.02 -2.65 -10.04
CA SER A 73 6.21 -1.98 -9.80
C SER A 73 6.05 -1.02 -8.70
N ALA A 74 4.87 -0.62 -8.55
CA ALA A 74 4.46 0.27 -7.48
C ALA A 74 4.38 -0.52 -6.24
N LEU A 75 4.20 -1.72 -6.48
CA LEU A 75 3.86 -2.65 -5.55
C LEU A 75 5.03 -3.54 -5.18
N ARG A 76 6.19 -3.15 -5.67
CA ARG A 76 7.49 -3.56 -5.17
C ARG A 76 8.14 -2.32 -4.60
N LEU A 77 7.67 -1.18 -5.09
CA LEU A 77 8.19 0.13 -4.76
C LEU A 77 7.91 0.47 -3.36
N TYR A 78 6.64 0.67 -3.09
CA TYR A 78 6.27 1.16 -1.83
C TYR A 78 6.27 -0.01 -0.84
N THR A 79 6.44 -1.19 -1.40
CA THR A 79 6.51 -2.39 -0.59
C THR A 79 7.94 -2.63 -0.11
N SER A 80 8.84 -1.84 -0.66
CA SER A 80 10.20 -1.79 -0.18
C SER A 80 10.28 -0.68 0.85
N SER A 81 9.13 -0.07 1.13
CA SER A 81 9.04 0.88 2.17
C SER A 81 8.93 0.13 3.42
N TRP A 82 9.34 0.76 4.42
CA TRP A 82 9.37 0.16 5.73
C TRP A 82 8.04 0.18 6.26
N ARG A 83 7.42 1.27 6.06
CA ARG A 83 6.08 1.59 6.52
C ARG A 83 5.10 0.59 6.05
N TYR A 84 5.49 -0.02 4.98
CA TYR A 84 4.82 -1.12 4.47
C TYR A 84 4.89 -2.24 5.50
N LEU A 85 6.09 -2.71 5.75
CA LEU A 85 6.31 -3.85 6.58
C LEU A 85 6.20 -3.71 8.05
N TYR A 86 5.71 -2.64 8.49
CA TYR A 86 5.41 -2.39 9.86
C TYR A 86 4.40 -3.42 10.40
N GLY A 87 3.88 -4.17 9.48
CA GLY A 87 3.05 -5.28 9.70
C GLY A 87 2.77 -5.93 8.47
N VAL A 88 3.77 -6.54 7.86
CA VAL A 88 3.63 -7.31 6.67
C VAL A 88 4.64 -8.44 6.71
N LYS A 89 4.16 -9.62 6.57
CA LYS A 89 4.95 -10.81 6.31
C LYS A 89 3.99 -11.95 6.20
N PRO A 90 3.06 -12.07 7.16
CA PRO A 90 1.87 -12.86 6.97
C PRO A 90 0.74 -11.91 6.55
N GLY A 91 -0.51 -12.21 7.06
CA GLY A 91 -1.73 -11.48 6.78
C GLY A 91 -1.80 -10.11 7.36
N ALA A 92 -0.72 -9.74 7.62
CA ALA A 92 -0.30 -8.49 8.12
C ALA A 92 -0.64 -7.40 7.17
N THR A 93 -0.65 -7.78 5.94
CA THR A 93 -1.14 -7.01 4.84
C THR A 93 -2.43 -6.34 5.17
N ARG A 94 -3.24 -7.10 5.86
CA ARG A 94 -4.53 -6.77 6.21
C ARG A 94 -5.49 -6.66 5.05
N VAL A 95 -5.01 -6.82 3.80
CA VAL A 95 -5.83 -6.59 2.63
C VAL A 95 -5.57 -7.52 1.39
N ASP A 96 -6.62 -7.61 0.67
CA ASP A 96 -6.76 -8.16 -0.73
C ASP A 96 -7.57 -7.15 -1.48
N LEU A 97 -7.24 -5.90 -1.24
CA LEU A 97 -7.95 -4.76 -1.62
C LEU A 97 -9.41 -4.68 -1.22
N ASP A 98 -9.79 -5.66 -0.46
CA ASP A 98 -11.01 -5.75 0.22
C ASP A 98 -10.66 -5.25 1.59
N GLY A 99 -9.66 -5.93 2.13
CA GLY A 99 -9.17 -5.66 3.43
C GLY A 99 -9.26 -6.91 4.34
N ASN A 100 -8.91 -8.04 3.73
CA ASN A 100 -8.73 -9.36 4.31
C ASN A 100 -7.26 -9.48 4.35
N PRO A 101 -6.66 -10.18 5.26
CA PRO A 101 -5.20 -10.16 5.47
C PRO A 101 -4.51 -11.00 4.48
N CYS A 102 -4.67 -10.62 3.22
CA CYS A 102 -4.41 -11.50 2.06
C CYS A 102 -5.24 -12.82 2.24
N GLY A 103 -6.12 -12.73 3.29
CA GLY A 103 -7.04 -13.74 3.78
C GLY A 103 -6.30 -14.87 4.39
N GLU A 104 -5.10 -14.59 4.56
CA GLU A 104 -4.09 -15.41 5.02
C GLU A 104 -4.06 -15.48 6.54
N LEU A 105 -4.26 -14.37 7.21
CA LEU A 105 -4.17 -14.42 8.59
C LEU A 105 -5.36 -13.76 9.31
N ASP A 106 -5.42 -14.04 10.56
CA ASP A 106 -6.20 -13.43 11.61
C ASP A 106 -5.55 -12.02 11.82
N GLU A 107 -5.47 -11.57 12.99
CA GLU A 107 -4.72 -10.38 13.29
C GLU A 107 -4.01 -10.42 14.60
N GLN A 108 -4.09 -11.54 15.25
CA GLN A 108 -3.37 -11.80 16.41
C GLN A 108 -2.24 -12.63 15.97
N HIS A 109 -2.11 -12.75 14.68
CA HIS A 109 -0.98 -13.40 14.23
C HIS A 109 -0.19 -12.52 13.38
N VAL A 110 -0.85 -11.57 12.85
CA VAL A 110 -0.18 -10.55 12.14
C VAL A 110 0.12 -9.44 13.06
N GLU A 111 -0.14 -9.82 14.22
CA GLU A 111 0.13 -9.19 15.42
C GLU A 111 1.61 -9.22 15.64
N HIS A 112 2.18 -10.29 15.22
CA HIS A 112 3.58 -10.47 15.33
C HIS A 112 4.26 -9.87 14.18
N ALA A 113 3.50 -9.55 13.24
CA ALA A 113 3.94 -8.89 12.14
C ALA A 113 3.90 -7.44 12.41
N ARG A 114 2.94 -7.12 13.19
CA ARG A 114 2.72 -5.83 13.69
C ARG A 114 3.92 -5.46 14.56
N LYS A 115 4.65 -6.49 15.02
CA LYS A 115 5.64 -6.33 15.95
C LYS A 115 6.95 -6.68 15.28
N GLN A 116 6.92 -7.32 14.09
CA GLN A 116 8.15 -7.57 13.40
C GLN A 116 8.89 -6.30 12.94
N LEU A 117 8.17 -5.23 12.91
CA LEU A 117 8.66 -3.99 12.71
C LEU A 117 9.00 -3.27 13.93
N GLU A 118 8.70 -3.89 15.08
CA GLU A 118 9.23 -3.47 16.34
C GLU A 118 10.47 -4.27 16.59
N GLU A 119 10.84 -5.02 15.58
CA GLU A 119 12.05 -5.74 15.60
C GLU A 119 13.01 -4.87 14.94
N ALA A 120 12.53 -4.29 13.83
CA ALA A 120 13.31 -3.46 13.08
C ALA A 120 13.53 -2.15 13.72
N LYS A 121 12.50 -1.55 14.10
CA LYS A 121 12.45 -0.29 14.77
C LYS A 121 13.28 -0.19 15.92
N ALA A 122 13.06 -1.04 16.74
CA ALA A 122 13.75 -1.24 17.91
C ALA A 122 15.22 -1.62 17.70
N ARG A 123 15.58 -1.95 16.46
CA ARG A 123 16.92 -2.28 16.14
C ARG A 123 17.59 -1.05 15.68
N VAL A 124 16.76 -0.24 15.15
CA VAL A 124 17.17 0.92 14.45
C VAL A 124 17.43 1.94 15.43
N GLN A 125 16.38 2.08 16.12
CA GLN A 125 16.08 2.80 17.28
C GLN A 125 16.80 4.12 17.63
N ALA A 126 18.01 4.20 17.28
CA ALA A 126 18.84 5.22 17.51
C ALA A 126 18.91 6.15 16.30
N GLN A 127 19.68 5.77 15.32
CA GLN A 127 19.79 6.35 14.14
C GLN A 127 19.31 5.40 13.11
N ARG A 128 18.62 5.92 12.13
CA ARG A 128 18.26 5.17 11.01
C ARG A 128 19.40 4.40 10.39
N ALA A 129 20.22 5.14 9.64
CA ALA A 129 21.34 4.63 8.91
C ALA A 129 21.11 3.26 8.23
N GLU A 130 22.22 2.65 7.79
CA GLU A 130 22.32 1.19 7.37
C GLU A 130 21.61 0.85 6.07
N GLN A 131 20.35 1.12 6.01
CA GLN A 131 19.68 1.12 4.71
C GLN A 131 19.67 2.54 4.18
N GLN A 132 20.43 3.39 4.87
CA GLN A 132 20.66 4.74 4.44
C GLN A 132 21.95 4.81 3.71
N ALA A 133 22.92 4.38 4.44
CA ALA A 133 24.29 4.34 4.15
C ALA A 133 24.84 3.71 5.39
N MET A 1 -23.96 -3.62 -15.34
CA MET A 1 -22.66 -3.62 -14.64
C MET A 1 -22.81 -4.49 -13.43
N GLY A 2 -21.77 -5.23 -13.08
CA GLY A 2 -21.84 -6.13 -11.96
C GLY A 2 -21.56 -5.43 -10.65
N SER A 3 -20.31 -5.42 -10.27
CA SER A 3 -19.91 -4.79 -9.03
C SER A 3 -19.47 -3.34 -9.32
N SER A 4 -19.18 -2.61 -8.26
CA SER A 4 -18.84 -1.19 -8.27
C SER A 4 -19.80 -0.35 -9.11
N HIS A 5 -20.96 -0.08 -8.55
CA HIS A 5 -21.96 0.69 -9.25
C HIS A 5 -21.61 2.15 -9.16
N HIS A 6 -20.83 2.61 -10.16
CA HIS A 6 -20.34 3.99 -10.24
C HIS A 6 -19.22 4.20 -9.20
N HIS A 7 -18.01 4.52 -9.66
CA HIS A 7 -16.84 4.67 -8.75
C HIS A 7 -16.90 5.97 -7.90
N HIS A 8 -17.96 6.04 -7.07
CA HIS A 8 -18.30 7.12 -6.13
C HIS A 8 -18.11 8.57 -6.64
N HIS A 9 -17.13 9.30 -6.13
CA HIS A 9 -16.94 10.72 -6.59
C HIS A 9 -15.82 10.74 -7.60
N HIS A 10 -15.09 9.69 -7.50
CA HIS A 10 -13.81 9.39 -8.07
C HIS A 10 -13.25 8.60 -6.97
N SER A 11 -13.57 7.31 -6.94
CA SER A 11 -13.12 6.45 -5.87
C SER A 11 -13.43 7.04 -4.48
N GLN A 12 -12.61 6.83 -3.51
CA GLN A 12 -13.00 7.19 -2.15
C GLN A 12 -11.91 7.90 -1.42
N ASP A 13 -11.15 8.59 -2.19
CA ASP A 13 -10.02 9.29 -1.82
C ASP A 13 -10.27 10.65 -1.16
N PRO A 14 -9.51 10.95 -0.10
CA PRO A 14 -9.46 12.25 0.52
C PRO A 14 -8.27 13.06 -0.06
N MET A 15 -7.03 12.70 0.31
CA MET A 15 -5.84 13.30 -0.21
C MET A 15 -5.08 12.27 -1.04
N GLU A 16 -5.71 11.11 -1.22
CA GLU A 16 -5.15 9.99 -1.97
C GLU A 16 -5.12 10.27 -3.48
N ASN A 17 -5.78 11.34 -3.88
CA ASN A 17 -5.88 11.74 -5.28
C ASN A 17 -4.74 12.64 -5.63
N GLN A 18 -3.65 12.06 -5.53
CA GLN A 18 -2.40 12.56 -5.90
C GLN A 18 -2.28 12.57 -7.44
N PRO A 19 -1.20 13.17 -8.03
CA PRO A 19 -0.97 13.18 -9.47
C PRO A 19 -0.96 11.77 -10.07
N LYS A 20 -1.39 11.66 -11.33
CA LYS A 20 -1.45 10.48 -12.01
C LYS A 20 -0.17 9.69 -12.07
N LEU A 21 -0.37 8.44 -12.34
CA LEU A 21 0.49 7.37 -12.11
C LEU A 21 1.82 7.44 -12.77
N ASN A 22 1.85 7.17 -14.07
CA ASN A 22 3.03 7.34 -14.92
C ASN A 22 4.14 6.36 -14.52
N SER A 23 3.70 5.32 -13.81
CA SER A 23 4.49 4.20 -13.34
C SER A 23 5.02 4.34 -11.91
N SER A 24 4.75 3.29 -11.18
CA SER A 24 5.21 3.03 -9.86
C SER A 24 4.63 3.91 -8.71
N LYS A 25 5.31 4.94 -8.30
CA LYS A 25 5.02 5.66 -7.14
C LYS A 25 3.65 6.22 -7.12
N GLU A 26 3.42 7.08 -8.03
CA GLU A 26 2.19 7.79 -8.12
C GLU A 26 0.97 6.85 -8.43
N VAL A 27 1.23 5.58 -8.65
CA VAL A 27 0.17 4.62 -8.84
C VAL A 27 -0.17 4.02 -7.55
N ILE A 28 0.73 4.06 -6.54
CA ILE A 28 0.35 3.70 -5.22
C ILE A 28 -0.69 4.61 -4.85
N ALA A 29 -0.46 5.80 -5.23
CA ALA A 29 -1.35 6.82 -5.10
C ALA A 29 -2.69 6.56 -5.72
N PHE A 30 -2.73 5.99 -6.92
CA PHE A 30 -3.98 5.61 -7.47
C PHE A 30 -4.52 4.49 -6.70
N LEU A 31 -3.67 3.56 -6.43
CA LEU A 31 -4.01 2.42 -5.71
C LEU A 31 -4.62 2.78 -4.44
N ALA A 32 -4.19 3.84 -3.93
CA ALA A 32 -4.65 4.34 -2.71
C ALA A 32 -5.93 5.10 -2.83
N GLU A 33 -6.13 5.78 -3.94
CA GLU A 33 -7.31 6.60 -4.10
C GLU A 33 -8.48 5.69 -4.32
N ARG A 34 -8.10 4.62 -4.86
CA ARG A 34 -8.87 3.57 -5.25
C ARG A 34 -9.08 2.62 -4.09
N PHE A 35 -8.00 2.29 -3.39
CA PHE A 35 -8.06 1.40 -2.27
C PHE A 35 -7.62 2.03 -0.95
N PRO A 36 -8.44 2.94 -0.36
CA PRO A 36 -8.25 3.49 0.99
C PRO A 36 -7.84 2.47 2.12
N HIS A 37 -7.82 1.16 1.84
CA HIS A 37 -7.38 0.22 2.84
C HIS A 37 -5.93 -0.07 2.58
N CYS A 38 -5.76 -0.73 1.49
CA CYS A 38 -4.53 -1.23 0.97
C CYS A 38 -3.45 -0.19 0.84
N PHE A 39 -3.78 0.86 0.24
CA PHE A 39 -2.84 1.81 -0.15
C PHE A 39 -3.12 3.13 0.48
N SER A 40 -2.07 3.89 0.78
CA SER A 40 -2.21 5.22 1.41
C SER A 40 -2.36 6.33 0.46
N ALA A 41 -1.20 6.96 0.08
CA ALA A 41 -1.03 8.05 -0.92
C ALA A 41 -1.12 9.30 -0.15
N GLU A 42 -1.86 9.11 0.90
CA GLU A 42 -1.98 9.93 2.01
C GLU A 42 -0.70 9.97 2.68
N GLY A 43 -0.24 8.80 2.78
CA GLY A 43 0.86 8.51 3.52
C GLY A 43 1.83 7.67 2.79
N GLU A 44 2.96 7.44 3.43
CA GLU A 44 4.06 6.60 3.00
C GLU A 44 3.52 5.26 2.49
N ALA A 45 2.81 4.54 3.36
CA ALA A 45 2.27 3.25 3.05
C ALA A 45 1.39 2.78 4.20
N ARG A 46 0.90 1.60 4.06
CA ARG A 46 0.12 0.86 5.02
C ARG A 46 0.50 -0.58 4.75
N PRO A 47 0.37 -1.53 5.72
CA PRO A 47 0.72 -2.93 5.46
C PRO A 47 -0.10 -3.48 4.28
N LEU A 48 0.55 -4.28 3.48
CA LEU A 48 0.00 -4.78 2.27
C LEU A 48 0.61 -6.18 1.99
N LYS A 49 0.04 -6.93 1.06
CA LYS A 49 0.52 -8.15 0.63
C LYS A 49 1.19 -7.84 -0.66
N ILE A 50 1.97 -8.67 -1.16
CA ILE A 50 2.51 -8.41 -2.46
C ILE A 50 1.75 -9.00 -3.64
N GLY A 51 1.24 -10.14 -3.45
CA GLY A 51 0.44 -10.80 -4.49
C GLY A 51 -0.85 -10.09 -4.79
N ILE A 52 -1.24 -9.12 -3.94
CA ILE A 52 -2.34 -8.21 -4.18
C ILE A 52 -2.32 -7.66 -5.55
N PHE A 53 -1.16 -7.35 -6.05
CA PHE A 53 -0.99 -6.70 -7.25
C PHE A 53 -1.91 -7.29 -8.30
N GLN A 54 -1.93 -8.50 -8.33
CA GLN A 54 -2.79 -9.33 -9.16
C GLN A 54 -4.35 -9.04 -9.02
N ASP A 55 -4.62 -8.38 -8.03
CA ASP A 55 -5.99 -8.13 -7.50
C ASP A 55 -6.34 -6.85 -7.84
N LEU A 56 -5.36 -6.09 -7.71
CA LEU A 56 -5.33 -4.84 -8.13
C LEU A 56 -5.62 -4.92 -9.46
N VAL A 57 -4.80 -5.55 -10.14
CA VAL A 57 -4.82 -5.56 -11.56
C VAL A 57 -6.07 -6.08 -12.18
N ASP A 58 -6.83 -6.85 -11.40
CA ASP A 58 -8.16 -7.23 -11.79
C ASP A 58 -8.97 -5.98 -12.07
N ARG A 59 -8.76 -5.10 -11.12
CA ARG A 59 -9.42 -3.94 -10.83
C ARG A 59 -8.75 -2.70 -11.36
N VAL A 60 -7.54 -2.47 -10.87
CA VAL A 60 -6.85 -1.27 -10.99
C VAL A 60 -6.52 -0.77 -12.33
N ALA A 61 -5.93 -1.65 -13.02
CA ALA A 61 -5.00 -1.34 -13.96
C ALA A 61 -5.24 -0.22 -14.89
N GLY A 62 -5.74 -0.53 -15.89
CA GLY A 62 -5.83 0.41 -16.92
C GLY A 62 -7.07 1.16 -16.94
N GLU A 63 -7.52 1.40 -15.77
CA GLU A 63 -8.55 2.32 -15.47
C GLU A 63 -8.14 3.66 -15.98
N MET A 64 -6.88 3.95 -15.71
CA MET A 64 -6.32 5.16 -16.10
C MET A 64 -5.07 4.94 -16.80
N ASN A 65 -4.14 4.69 -16.02
CA ASN A 65 -2.81 4.74 -16.37
C ASN A 65 -1.98 3.53 -15.94
N LEU A 66 -2.42 2.33 -16.16
CA LEU A 66 -1.64 1.14 -15.78
C LEU A 66 -1.71 0.01 -16.77
N SER A 67 -0.56 -0.50 -17.02
CA SER A 67 -0.30 -1.65 -17.84
C SER A 67 0.16 -2.84 -16.91
N LYS A 68 -0.38 -2.87 -15.68
CA LYS A 68 -0.02 -3.80 -14.54
C LYS A 68 1.41 -3.68 -14.11
N THR A 69 2.35 -3.69 -14.97
CA THR A 69 3.68 -3.83 -14.57
C THR A 69 4.23 -2.56 -14.02
N GLN A 70 3.69 -1.51 -14.47
CA GLN A 70 4.02 -0.21 -13.97
C GLN A 70 3.35 0.00 -12.60
N LEU A 71 2.51 -0.93 -12.26
CA LEU A 71 1.78 -1.00 -11.03
C LEU A 71 2.47 -2.00 -10.13
N ARG A 72 2.96 -3.08 -10.68
CA ARG A 72 3.57 -4.10 -9.83
C ARG A 72 4.81 -3.55 -9.19
N SER A 73 5.32 -2.60 -9.85
CA SER A 73 6.48 -1.95 -9.52
C SER A 73 6.23 -0.92 -8.50
N ALA A 74 5.00 -0.59 -8.39
CA ALA A 74 4.52 0.32 -7.37
C ALA A 74 4.43 -0.44 -6.10
N LEU A 75 4.28 -1.64 -6.32
CA LEU A 75 3.94 -2.56 -5.39
C LEU A 75 5.12 -3.38 -4.93
N ARG A 76 6.29 -2.94 -5.37
CA ARG A 76 7.59 -3.30 -4.79
C ARG A 76 8.17 -2.02 -4.22
N LEU A 77 7.65 -0.92 -4.73
CA LEU A 77 8.12 0.42 -4.43
C LEU A 77 7.76 0.80 -3.05
N TYR A 78 6.47 0.97 -2.83
CA TYR A 78 6.05 1.49 -1.56
C TYR A 78 6.07 0.36 -0.57
N THR A 79 6.28 -0.83 -1.10
CA THR A 79 6.36 -2.02 -0.26
C THR A 79 7.76 -2.16 0.30
N SER A 80 8.65 -1.34 -0.22
CA SER A 80 9.97 -1.20 0.33
C SER A 80 9.93 -0.07 1.37
N SER A 81 8.72 0.45 1.62
CA SER A 81 8.57 1.40 2.67
C SER A 81 8.50 0.66 3.92
N TRP A 82 8.85 1.29 4.94
CA TRP A 82 8.88 0.68 6.22
C TRP A 82 7.56 0.59 6.71
N ARG A 83 6.88 1.67 6.59
CA ARG A 83 5.52 1.81 7.08
C ARG A 83 4.60 0.77 6.53
N TYR A 84 4.98 0.30 5.43
CA TYR A 84 4.41 -0.84 4.84
C TYR A 84 4.54 -2.02 5.85
N LEU A 85 5.77 -2.42 6.11
CA LEU A 85 6.07 -3.59 6.94
C LEU A 85 6.02 -3.43 8.40
N TYR A 86 5.42 -2.43 8.83
CA TYR A 86 5.19 -2.18 10.22
C TYR A 86 4.27 -3.29 10.75
N GLY A 87 3.66 -3.94 9.78
CA GLY A 87 2.87 -5.09 9.96
C GLY A 87 2.63 -5.75 8.72
N VAL A 88 3.65 -6.34 8.13
CA VAL A 88 3.55 -7.12 6.93
C VAL A 88 4.52 -8.29 7.04
N LYS A 89 4.02 -9.46 7.05
CA LYS A 89 4.81 -10.66 7.00
C LYS A 89 3.85 -11.80 6.67
N PRO A 90 2.90 -12.18 7.58
CA PRO A 90 1.71 -12.93 7.17
C PRO A 90 0.61 -11.94 6.74
N GLY A 91 -0.66 -12.18 7.22
CA GLY A 91 -1.87 -11.40 6.96
C GLY A 91 -1.88 -10.05 7.57
N ALA A 92 -0.77 -9.70 7.78
CA ALA A 92 -0.30 -8.47 8.32
C ALA A 92 -0.67 -7.37 7.48
N THR A 93 -0.66 -7.68 6.25
CA THR A 93 -1.15 -6.90 5.21
C THR A 93 -2.46 -6.21 5.59
N ARG A 94 -3.36 -7.01 6.15
CA ARG A 94 -4.71 -6.65 6.39
C ARG A 94 -5.44 -6.32 5.12
N VAL A 95 -4.83 -6.55 3.93
CA VAL A 95 -5.43 -6.23 2.70
C VAL A 95 -5.12 -7.19 1.51
N ASP A 96 -6.10 -7.17 0.78
CA ASP A 96 -6.37 -7.49 -0.58
C ASP A 96 -7.11 -6.23 -0.80
N LEU A 97 -7.42 -5.87 -1.92
CA LEU A 97 -8.02 -4.66 -2.10
C LEU A 97 -9.48 -4.49 -1.66
N ASP A 98 -9.93 -5.46 -0.91
CA ASP A 98 -11.16 -5.48 -0.21
C ASP A 98 -10.82 -5.16 1.25
N GLY A 99 -9.56 -5.38 1.55
CA GLY A 99 -8.97 -5.16 2.83
C GLY A 99 -9.09 -6.37 3.78
N ASN A 100 -8.75 -7.54 3.27
CA ASN A 100 -8.65 -8.83 3.93
C ASN A 100 -7.21 -9.03 4.10
N PRO A 101 -6.71 -9.72 5.10
CA PRO A 101 -5.26 -9.79 5.44
C PRO A 101 -4.57 -10.70 4.54
N CYS A 102 -4.61 -10.34 3.26
CA CYS A 102 -4.36 -11.27 2.15
C CYS A 102 -5.34 -12.48 2.25
N GLY A 103 -6.24 -12.32 3.26
CA GLY A 103 -7.26 -13.25 3.70
C GLY A 103 -6.66 -14.41 4.39
N GLU A 104 -5.46 -14.19 4.65
CA GLU A 104 -4.55 -15.07 5.20
C GLU A 104 -4.58 -15.07 6.73
N LEU A 105 -4.68 -13.91 7.35
CA LEU A 105 -4.62 -13.90 8.74
C LEU A 105 -5.74 -13.05 9.40
N ASP A 106 -5.79 -13.18 10.67
CA ASP A 106 -6.48 -12.38 11.67
C ASP A 106 -5.59 -11.12 11.83
N GLU A 107 -5.46 -10.60 12.97
CA GLU A 107 -4.48 -9.59 13.22
C GLU A 107 -3.72 -9.82 14.50
N GLN A 108 -4.08 -10.83 15.19
CA GLN A 108 -3.46 -11.21 16.39
C GLN A 108 -2.48 -12.24 16.04
N HIS A 109 -2.31 -12.39 14.76
CA HIS A 109 -1.27 -13.20 14.36
C HIS A 109 -0.38 -12.46 13.49
N VAL A 110 -0.91 -11.44 12.95
CA VAL A 110 -0.10 -10.53 12.25
C VAL A 110 0.25 -9.43 13.17
N GLU A 111 -0.02 -9.78 14.32
CA GLU A 111 0.35 -9.19 15.51
C GLU A 111 1.81 -9.31 15.65
N HIS A 112 2.29 -10.42 15.21
CA HIS A 112 3.69 -10.70 15.23
C HIS A 112 4.37 -10.07 14.06
N ALA A 113 3.59 -9.63 13.19
CA ALA A 113 4.02 -8.95 12.09
C ALA A 113 4.04 -7.51 12.39
N ARG A 114 3.20 -7.18 13.29
CA ARG A 114 3.04 -5.89 13.78
C ARG A 114 4.22 -5.63 14.71
N LYS A 115 4.94 -6.73 15.06
CA LYS A 115 5.96 -6.68 15.96
C LYS A 115 7.21 -7.04 15.21
N GLN A 116 7.07 -7.57 13.98
CA GLN A 116 8.25 -7.78 13.19
C GLN A 116 8.95 -6.45 12.76
N LEU A 117 8.25 -5.37 12.91
CA LEU A 117 8.79 -4.11 12.77
C LEU A 117 9.48 -3.72 14.09
N GLU A 118 9.21 -4.43 15.18
CA GLU A 118 9.93 -4.27 16.43
C GLU A 118 11.15 -5.15 16.38
N GLU A 119 11.31 -5.78 15.27
CA GLU A 119 12.47 -6.54 15.01
C GLU A 119 13.37 -5.62 14.27
N ALA A 120 12.71 -4.88 13.39
CA ALA A 120 13.28 -3.94 12.56
C ALA A 120 13.77 -2.77 13.31
N LYS A 121 12.91 -2.17 13.97
CA LYS A 121 13.10 -1.04 14.81
C LYS A 121 14.14 -1.21 15.78
N ALA A 122 14.01 -2.21 16.44
CA ALA A 122 14.91 -2.66 17.38
C ALA A 122 16.26 -3.04 16.80
N ARG A 123 16.34 -3.15 15.47
CA ARG A 123 17.58 -3.44 14.82
C ARG A 123 18.22 -2.16 14.47
N VAL A 124 17.35 -1.23 14.32
CA VAL A 124 17.67 0.04 13.77
C VAL A 124 18.21 0.86 14.81
N GLN A 125 17.39 0.87 15.75
CA GLN A 125 17.44 1.35 17.05
C GLN A 125 18.41 2.51 17.40
N ALA A 126 19.63 2.33 17.07
CA ALA A 126 20.67 3.17 17.27
C ALA A 126 20.56 4.43 16.40
N GLN A 127 20.70 4.26 15.11
CA GLN A 127 20.60 5.20 14.21
C GLN A 127 19.60 4.80 13.16
N ARG A 128 18.73 5.72 12.80
CA ARG A 128 17.81 5.51 11.76
C ARG A 128 18.45 5.25 10.42
N ALA A 129 19.60 5.82 10.23
CA ALA A 129 20.39 5.60 9.09
C ALA A 129 20.77 4.13 8.95
N GLU A 130 20.23 3.53 7.90
CA GLU A 130 20.35 2.12 7.57
C GLU A 130 19.51 1.87 6.34
N GLN A 131 18.40 2.57 6.28
CA GLN A 131 17.57 2.61 5.08
C GLN A 131 17.42 4.07 4.65
N GLN A 132 18.39 4.87 5.04
CA GLN A 132 18.38 6.28 4.80
C GLN A 132 19.46 6.62 3.83
N ALA A 133 20.61 6.29 4.27
CA ALA A 133 21.85 6.45 3.65
C ALA A 133 22.71 5.57 4.49
N MET A 1 -30.30 -6.00 -12.11
CA MET A 1 -29.79 -4.63 -12.16
C MET A 1 -29.74 -4.14 -10.73
N GLY A 2 -28.92 -3.15 -10.45
CA GLY A 2 -28.81 -2.64 -9.11
C GLY A 2 -27.45 -2.05 -8.91
N SER A 3 -26.86 -2.28 -7.73
CA SER A 3 -25.54 -1.77 -7.36
C SER A 3 -25.57 -0.26 -7.13
N SER A 4 -25.75 0.13 -5.87
CA SER A 4 -25.78 1.52 -5.51
C SER A 4 -24.40 2.12 -5.71
N HIS A 5 -24.34 3.20 -6.45
CA HIS A 5 -23.07 3.85 -6.74
C HIS A 5 -23.03 5.22 -6.09
N HIS A 6 -24.01 5.49 -5.25
CA HIS A 6 -24.10 6.79 -4.59
C HIS A 6 -23.26 6.76 -3.30
N HIS A 7 -21.96 6.58 -3.46
CA HIS A 7 -20.99 6.54 -2.36
C HIS A 7 -19.58 6.54 -2.91
N HIS A 8 -18.71 7.23 -2.23
CA HIS A 8 -17.29 7.37 -2.58
C HIS A 8 -16.63 7.96 -1.36
N HIS A 9 -15.40 8.45 -1.49
CA HIS A 9 -14.77 9.14 -0.36
C HIS A 9 -15.50 10.47 -0.15
N HIS A 10 -15.09 11.27 0.81
CA HIS A 10 -15.66 12.61 0.92
C HIS A 10 -15.04 13.48 -0.16
N SER A 11 -13.90 13.03 -0.62
CA SER A 11 -13.15 13.61 -1.67
C SER A 11 -13.46 12.95 -3.01
N GLN A 12 -12.80 13.42 -4.02
CA GLN A 12 -13.05 13.07 -5.38
C GLN A 12 -11.72 12.68 -5.95
N ASP A 13 -10.98 12.03 -5.09
CA ASP A 13 -9.61 11.59 -5.15
C ASP A 13 -8.99 11.42 -6.53
N PRO A 14 -9.61 10.66 -7.51
CA PRO A 14 -9.07 10.59 -8.87
C PRO A 14 -8.82 11.98 -9.47
N MET A 15 -9.62 12.94 -9.01
CA MET A 15 -9.53 14.28 -9.38
C MET A 15 -8.80 15.11 -8.32
N GLU A 16 -8.70 14.61 -7.05
CA GLU A 16 -7.95 15.40 -6.03
C GLU A 16 -6.47 15.26 -6.35
N ASN A 17 -6.12 14.03 -6.58
CA ASN A 17 -4.77 13.62 -6.92
C ASN A 17 -4.71 13.55 -8.44
N GLN A 18 -5.09 14.63 -9.02
CA GLN A 18 -5.17 14.86 -10.44
C GLN A 18 -3.98 14.26 -11.28
N PRO A 19 -2.70 14.58 -11.00
CA PRO A 19 -1.58 13.95 -11.69
C PRO A 19 -1.50 12.43 -11.52
N LYS A 20 -1.82 11.74 -12.59
CA LYS A 20 -1.77 10.39 -12.72
C LYS A 20 -0.41 9.71 -12.61
N LEU A 21 -0.50 8.42 -12.76
CA LEU A 21 0.44 7.44 -12.36
C LEU A 21 1.79 7.48 -13.05
N ASN A 22 1.80 7.08 -14.31
CA ASN A 22 2.96 7.11 -15.17
C ASN A 22 4.02 6.13 -14.70
N SER A 23 3.55 5.15 -13.93
CA SER A 23 4.31 4.03 -13.40
C SER A 23 4.87 4.23 -12.00
N SER A 24 4.65 3.20 -11.23
CA SER A 24 5.17 3.00 -9.92
C SER A 24 4.63 3.92 -8.80
N LYS A 25 5.36 4.96 -8.46
CA LYS A 25 5.13 5.76 -7.32
C LYS A 25 3.76 6.33 -7.28
N GLU A 26 3.50 7.16 -8.22
CA GLU A 26 2.26 7.83 -8.24
C GLU A 26 1.05 6.93 -8.59
N VAL A 27 1.28 5.63 -8.75
CA VAL A 27 0.19 4.68 -8.90
C VAL A 27 -0.16 4.12 -7.60
N ILE A 28 0.76 4.18 -6.61
CA ILE A 28 0.40 3.86 -5.28
C ILE A 28 -0.63 4.80 -4.90
N ALA A 29 -0.41 5.95 -5.35
CA ALA A 29 -1.27 7.00 -5.19
C ALA A 29 -2.63 6.74 -5.79
N PHE A 30 -2.69 6.15 -6.98
CA PHE A 30 -3.94 5.76 -7.52
C PHE A 30 -4.49 4.70 -6.68
N LEU A 31 -3.66 3.75 -6.39
CA LEU A 31 -4.02 2.63 -5.63
C LEU A 31 -4.60 3.04 -4.34
N ALA A 32 -4.13 4.10 -3.86
CA ALA A 32 -4.55 4.64 -2.62
C ALA A 32 -5.78 5.52 -2.72
N GLU A 33 -5.94 6.20 -3.83
CA GLU A 33 -7.05 7.06 -4.04
C GLU A 33 -8.28 6.19 -4.32
N ARG A 34 -7.93 5.07 -4.77
CA ARG A 34 -8.77 4.04 -5.18
C ARG A 34 -9.05 3.05 -4.05
N PHE A 35 -8.02 2.59 -3.36
CA PHE A 35 -8.13 1.67 -2.25
C PHE A 35 -7.78 2.29 -0.90
N PRO A 36 -8.71 3.08 -0.32
CA PRO A 36 -8.63 3.58 1.05
C PRO A 36 -8.15 2.55 2.12
N HIS A 37 -8.16 1.24 1.84
CA HIS A 37 -7.79 0.28 2.87
C HIS A 37 -6.34 -0.06 2.73
N CYS A 38 -6.06 -0.51 1.60
CA CYS A 38 -4.82 -1.01 1.16
C CYS A 38 -3.76 0.02 1.13
N PHE A 39 -4.05 1.04 0.46
CA PHE A 39 -3.08 1.89 0.08
C PHE A 39 -3.04 3.20 0.80
N SER A 40 -1.86 3.71 0.84
CA SER A 40 -1.44 4.90 1.42
C SER A 40 -1.79 6.08 0.52
N ALA A 41 -0.71 6.76 0.16
CA ALA A 41 -0.46 7.83 -0.80
C ALA A 41 0.03 8.91 0.09
N GLU A 42 -0.35 8.68 1.31
CA GLU A 42 -0.07 9.35 2.47
C GLU A 42 1.29 9.39 2.94
N GLY A 43 1.55 8.38 3.67
CA GLY A 43 2.49 8.55 4.68
C GLY A 43 3.86 8.11 4.42
N GLU A 44 3.89 7.13 3.69
CA GLU A 44 5.03 6.37 3.30
C GLU A 44 4.44 5.16 2.63
N ALA A 45 3.83 4.30 3.45
CA ALA A 45 3.17 3.12 2.96
C ALA A 45 2.27 2.55 4.05
N ARG A 46 1.78 1.35 3.82
CA ARG A 46 0.88 0.67 4.70
C ARG A 46 1.05 -0.82 4.40
N PRO A 47 0.95 -1.73 5.41
CA PRO A 47 1.18 -3.19 5.22
C PRO A 47 0.30 -3.85 4.10
N LEU A 48 0.95 -4.58 3.15
CA LEU A 48 0.25 -5.27 2.02
C LEU A 48 0.54 -6.73 1.96
N LYS A 49 -0.05 -7.37 0.97
CA LYS A 49 0.20 -8.77 0.68
C LYS A 49 1.15 -8.98 -0.48
N ILE A 50 1.45 -7.93 -1.19
CA ILE A 50 2.24 -7.98 -2.36
C ILE A 50 1.67 -8.71 -3.56
N GLY A 51 1.20 -9.87 -3.33
CA GLY A 51 0.49 -10.62 -4.33
C GLY A 51 -0.82 -9.95 -4.61
N ILE A 52 -1.19 -8.98 -3.75
CA ILE A 52 -2.26 -8.07 -3.95
C ILE A 52 -2.26 -7.52 -5.33
N PHE A 53 -1.12 -7.20 -5.83
CA PHE A 53 -0.98 -6.57 -7.05
C PHE A 53 -1.89 -7.19 -8.07
N GLN A 54 -1.86 -8.40 -8.12
CA GLN A 54 -2.69 -9.26 -8.93
C GLN A 54 -4.24 -9.02 -8.75
N ASP A 55 -4.49 -8.40 -7.75
CA ASP A 55 -5.82 -8.24 -7.19
C ASP A 55 -6.24 -6.96 -7.49
N LEU A 56 -5.30 -6.13 -7.39
CA LEU A 56 -5.35 -4.87 -7.80
C LEU A 56 -5.70 -4.94 -9.12
N VAL A 57 -4.90 -5.58 -9.83
CA VAL A 57 -4.97 -5.60 -11.26
C VAL A 57 -6.28 -6.10 -11.79
N ASP A 58 -6.96 -6.90 -10.97
CA ASP A 58 -8.33 -7.30 -11.24
C ASP A 58 -9.17 -6.05 -11.54
N ARG A 59 -8.89 -5.10 -10.68
CA ARG A 59 -9.53 -3.91 -10.47
C ARG A 59 -8.83 -2.72 -11.07
N VAL A 60 -7.62 -2.50 -10.60
CA VAL A 60 -6.90 -1.28 -10.77
C VAL A 60 -6.56 -0.84 -12.14
N ALA A 61 -6.07 -1.78 -12.84
CA ALA A 61 -5.19 -1.54 -13.87
C ALA A 61 -5.48 -0.45 -14.84
N GLY A 62 -6.10 -0.75 -15.75
CA GLY A 62 -6.16 0.14 -16.84
C GLY A 62 -7.36 0.97 -16.85
N GLU A 63 -7.62 1.41 -15.69
CA GLU A 63 -8.62 2.36 -15.39
C GLU A 63 -8.18 3.69 -15.94
N MET A 64 -7.05 4.14 -15.46
CA MET A 64 -6.52 5.34 -15.94
C MET A 64 -5.46 5.08 -16.87
N ASN A 65 -4.55 4.34 -16.37
CA ASN A 65 -3.28 4.23 -16.99
C ASN A 65 -2.31 3.10 -16.56
N LEU A 66 -2.78 1.99 -16.26
CA LEU A 66 -1.95 0.89 -15.79
C LEU A 66 -2.02 -0.31 -16.69
N SER A 67 -0.90 -0.82 -16.91
CA SER A 67 -0.68 -2.00 -17.66
C SER A 67 -0.18 -3.16 -16.70
N LYS A 68 -0.63 -3.13 -15.43
CA LYS A 68 -0.18 -4.05 -14.32
C LYS A 68 1.26 -3.82 -13.95
N THR A 69 2.15 -3.85 -14.85
CA THR A 69 3.51 -3.92 -14.50
C THR A 69 4.05 -2.61 -13.99
N GLN A 70 3.46 -1.60 -14.46
CA GLN A 70 3.78 -0.27 -14.02
C GLN A 70 3.15 -0.04 -12.63
N LEU A 71 2.34 -0.96 -12.24
CA LEU A 71 1.65 -0.99 -10.98
C LEU A 71 2.38 -1.97 -10.08
N ARG A 72 2.88 -3.05 -10.61
CA ARG A 72 3.51 -4.06 -9.76
C ARG A 72 4.75 -3.49 -9.16
N SER A 73 5.24 -2.56 -9.84
CA SER A 73 6.42 -1.92 -9.57
C SER A 73 6.19 -0.84 -8.57
N ALA A 74 4.96 -0.54 -8.42
CA ALA A 74 4.50 0.39 -7.41
C ALA A 74 4.45 -0.33 -6.13
N LEU A 75 4.29 -1.54 -6.31
CA LEU A 75 3.95 -2.43 -5.35
C LEU A 75 5.13 -3.26 -4.88
N ARG A 76 6.29 -2.89 -5.38
CA ARG A 76 7.60 -3.23 -4.82
C ARG A 76 8.21 -1.95 -4.31
N LEU A 77 7.75 -0.85 -4.88
CA LEU A 77 8.27 0.49 -4.63
C LEU A 77 7.98 0.92 -3.26
N TYR A 78 6.71 1.11 -3.01
CA TYR A 78 6.31 1.67 -1.77
C TYR A 78 6.34 0.59 -0.75
N THR A 79 6.48 -0.63 -1.24
CA THR A 79 6.56 -1.75 -0.33
C THR A 79 7.97 -1.93 0.19
N SER A 80 8.87 -1.14 -0.35
CA SER A 80 10.20 -1.02 0.15
C SER A 80 10.23 0.05 1.24
N SER A 81 9.04 0.61 1.55
CA SER A 81 8.95 1.48 2.66
C SER A 81 8.97 0.62 3.88
N TRP A 82 9.30 1.20 4.94
CA TRP A 82 9.44 0.48 6.18
C TRP A 82 8.15 0.43 6.80
N ARG A 83 7.53 1.57 6.85
CA ARG A 83 6.19 1.73 7.40
C ARG A 83 5.22 0.80 6.75
N TYR A 84 5.58 0.41 5.59
CA TYR A 84 4.95 -0.62 4.93
C TYR A 84 5.02 -1.92 5.81
N LEU A 85 6.22 -2.46 5.97
CA LEU A 85 6.44 -3.73 6.64
C LEU A 85 6.37 -3.80 8.12
N TYR A 86 5.90 -2.80 8.70
CA TYR A 86 5.66 -2.70 10.10
C TYR A 86 4.72 -3.82 10.56
N GLY A 87 4.06 -4.39 9.58
CA GLY A 87 3.23 -5.51 9.73
C GLY A 87 2.87 -6.04 8.46
N VAL A 88 3.82 -6.68 7.80
CA VAL A 88 3.64 -7.34 6.52
C VAL A 88 4.55 -8.54 6.47
N LYS A 89 3.97 -9.68 6.27
CA LYS A 89 4.69 -10.92 5.96
C LYS A 89 3.63 -12.00 5.78
N PRO A 90 2.71 -12.17 6.76
CA PRO A 90 1.48 -12.92 6.58
C PRO A 90 0.34 -11.92 6.30
N GLY A 91 -0.86 -12.16 6.91
CA GLY A 91 -2.07 -11.36 6.78
C GLY A 91 -2.00 -10.01 7.42
N ALA A 92 -0.86 -9.70 7.57
CA ALA A 92 -0.31 -8.49 8.09
C ALA A 92 -0.69 -7.36 7.25
N THR A 93 -0.82 -7.68 6.05
CA THR A 93 -1.34 -6.87 5.04
C THR A 93 -2.64 -6.20 5.45
N ARG A 94 -3.50 -6.98 6.04
CA ARG A 94 -4.83 -6.60 6.31
C ARG A 94 -5.64 -6.23 5.08
N VAL A 95 -5.12 -6.47 3.84
CA VAL A 95 -5.84 -6.16 2.65
C VAL A 95 -5.56 -7.14 1.46
N ASP A 96 -6.54 -7.22 0.72
CA ASP A 96 -6.66 -7.87 -0.59
C ASP A 96 -7.48 -6.94 -1.47
N LEU A 97 -7.27 -5.67 -1.21
CA LEU A 97 -7.94 -4.58 -1.71
C LEU A 97 -9.36 -4.33 -1.30
N ASP A 98 -9.97 -5.31 -0.70
CA ASP A 98 -11.21 -5.15 -0.04
C ASP A 98 -10.84 -4.80 1.38
N GLY A 99 -9.74 -5.41 1.79
CA GLY A 99 -9.18 -5.11 3.04
C GLY A 99 -9.26 -6.28 4.03
N ASN A 100 -9.06 -7.45 3.51
CA ASN A 100 -8.92 -8.72 4.20
C ASN A 100 -7.49 -8.93 4.26
N PRO A 101 -6.92 -9.60 5.24
CA PRO A 101 -5.45 -9.70 5.48
C PRO A 101 -4.87 -10.64 4.53
N CYS A 102 -5.00 -10.28 3.27
CA CYS A 102 -4.92 -11.18 2.13
C CYS A 102 -6.00 -12.30 2.28
N GLY A 103 -6.76 -12.11 3.38
CA GLY A 103 -7.79 -13.00 3.87
C GLY A 103 -7.18 -14.18 4.53
N GLU A 104 -5.95 -14.02 4.68
CA GLU A 104 -5.03 -14.96 5.16
C GLU A 104 -4.97 -14.99 6.68
N LEU A 105 -4.92 -13.83 7.31
CA LEU A 105 -4.75 -13.86 8.68
C LEU A 105 -5.77 -13.00 9.45
N ASP A 106 -5.75 -13.19 10.71
CA ASP A 106 -6.33 -12.44 11.79
C ASP A 106 -5.40 -11.20 11.95
N GLU A 107 -5.17 -10.76 13.09
CA GLU A 107 -4.15 -9.77 13.33
C GLU A 107 -3.32 -10.09 14.53
N GLN A 108 -3.66 -11.13 15.19
CA GLN A 108 -2.99 -11.60 16.32
C GLN A 108 -2.10 -12.66 15.85
N HIS A 109 -1.98 -12.72 14.54
CA HIS A 109 -1.00 -13.54 14.03
C HIS A 109 -0.14 -12.77 13.14
N VAL A 110 -0.68 -11.70 12.68
CA VAL A 110 0.11 -10.76 11.98
C VAL A 110 0.58 -9.75 12.94
N GLU A 111 0.39 -10.18 14.09
CA GLU A 111 0.85 -9.70 15.29
C GLU A 111 2.31 -9.88 15.32
N HIS A 112 2.72 -10.99 14.79
CA HIS A 112 4.10 -11.31 14.71
C HIS A 112 4.74 -10.61 13.58
N ALA A 113 3.94 -10.10 12.76
CA ALA A 113 4.33 -9.34 11.71
C ALA A 113 4.39 -7.92 12.12
N ARG A 114 3.57 -7.65 13.03
CA ARG A 114 3.42 -6.38 13.62
C ARG A 114 4.64 -6.20 14.54
N LYS A 115 5.32 -7.33 14.83
CA LYS A 115 6.34 -7.36 15.72
C LYS A 115 7.59 -7.64 14.92
N GLN A 116 7.44 -8.12 13.66
CA GLN A 116 8.63 -8.29 12.87
C GLN A 116 9.32 -6.96 12.51
N LEU A 117 8.58 -5.90 12.65
CA LEU A 117 9.03 -4.65 12.58
C LEU A 117 9.36 -4.07 13.86
N GLU A 118 9.15 -4.83 14.91
CA GLU A 118 9.67 -4.54 16.20
C GLU A 118 10.96 -5.31 16.34
N GLU A 119 11.35 -5.89 15.24
CA GLU A 119 12.60 -6.50 15.13
C GLU A 119 13.46 -5.43 14.61
N ALA A 120 12.85 -4.65 13.72
CA ALA A 120 13.50 -3.61 13.16
C ALA A 120 13.48 -2.34 13.98
N LYS A 121 12.35 -1.89 14.29
CA LYS A 121 12.05 -0.72 15.06
C LYS A 121 12.73 -0.65 16.32
N ALA A 122 12.47 -1.57 17.06
CA ALA A 122 13.05 -1.80 18.29
C ALA A 122 14.56 -2.01 18.23
N ARG A 123 15.12 -2.16 17.02
CA ARG A 123 16.51 -2.28 16.86
C ARG A 123 17.07 -0.93 16.63
N VAL A 124 16.22 -0.16 16.07
CA VAL A 124 16.57 1.12 15.52
C VAL A 124 16.56 2.08 16.60
N GLN A 125 15.43 2.02 17.14
CA GLN A 125 14.94 2.60 18.27
C GLN A 125 15.58 3.90 18.79
N ALA A 126 16.78 3.78 19.26
CA ALA A 126 17.58 4.79 19.75
C ALA A 126 17.77 5.94 18.77
N GLN A 127 18.44 5.66 17.66
CA GLN A 127 18.67 6.51 16.69
C GLN A 127 18.22 5.96 15.38
N ARG A 128 17.41 6.73 14.68
CA ARG A 128 17.03 6.45 13.36
C ARG A 128 18.19 6.28 12.41
N ALA A 129 19.28 6.92 12.72
CA ALA A 129 20.45 6.83 11.96
C ALA A 129 21.01 5.43 11.91
N GLU A 130 20.78 4.81 10.81
CA GLU A 130 21.17 3.47 10.48
C GLU A 130 20.84 3.21 9.02
N GLN A 131 19.58 3.16 8.70
CA GLN A 131 19.14 3.09 7.34
C GLN A 131 18.43 4.39 7.05
N GLN A 132 19.21 5.43 6.94
CA GLN A 132 18.73 6.75 6.76
C GLN A 132 19.08 7.31 5.41
N ALA A 133 18.55 8.48 5.16
CA ALA A 133 18.75 9.25 4.00
C ALA A 133 18.54 10.65 4.46
#